data_5LGQ
#
_entry.id   5LGQ
#
_cell.length_a   74.706
_cell.length_b   99.011
_cell.length_c   207.306
_cell.angle_alpha   90.00
_cell.angle_beta   90.00
_cell.angle_gamma   90.00
#
_symmetry.space_group_name_H-M   'P 21 21 2'
#
loop_
_entity.id
_entity.type
_entity.pdbx_description
1 polymer 'Histone-arginine methyltransferase CARM1'
2 polymer 'Polyadenylate-binding protein 1'
3 non-polymer 1,2-ETHANEDIOL
4 non-polymer DI(HYDROXYETHYL)ETHER
5 non-polymer 1,2-DIMETHOXYETHANE
6 non-polymer 1-(2-METHOXY-ETHOXY)-2-{2-[2-(2-METHOXY-ETHOXY]-ETHOXY}-ETHANE
7 non-polymer 'SULFATE ION'
8 non-polymer (2~{R},3~{R},4~{S},5~{R})-2-(6-aminopurin-9-yl)-5-propyl-oxolane-3,4-diol
9 water water
#
loop_
_entity_poly.entity_id
_entity_poly.type
_entity_poly.pdbx_seq_one_letter_code
_entity_poly.pdbx_strand_id
1 'polypeptide(L)'
;GHMGHTLERSVFSERTEESSAVQYFQFYGYLSQQQNMMQDYVRTGTYQRAILQNHTDFKDKIVLDVGCGSGILSFFAAQA
GARKIYAVEASTMAQHAEVLVKSNNLTDRIVVIPGKVEEVSLPEQVDIIISEPMGYMLFNERMLESYLHAKKYLKPSGNM
FPTIGDVHLAPFTDEQLYMEQFTKANFWYQPSFHGVDLSALRGAAVDEYFRQPVVDTFDIRILMAKSVKYTVNFLEAKEG
DLHRIEIPFKFHMLHSGLVHGLAFWFDVAFIGSIMTVWLSTAPTEPLTHWYQVRCLFQSPLFAKAGDTLSGTCLLIANKR
QSYDISIVAQVDQTGSKSSNLLDLKNPFFRYTGTTPSPPPG
;
A,B,C,D
2 'polypeptide(L)' PAAPRPPFSTM F,E,G,H
#
# COMPACT_ATOMS: atom_id res chain seq x y z
N ARG A 9 8.47 -7.82 -46.33
CA ARG A 9 8.98 -9.18 -46.21
C ARG A 9 7.90 -10.13 -45.71
N SER A 10 7.04 -9.64 -44.82
CA SER A 10 5.94 -10.43 -44.27
C SER A 10 4.61 -9.72 -44.53
N VAL A 11 3.53 -10.47 -44.35
CA VAL A 11 2.20 -9.90 -44.57
C VAL A 11 1.96 -8.71 -43.65
N PHE A 12 2.43 -8.80 -42.40
CA PHE A 12 2.20 -7.71 -41.46
C PHE A 12 2.90 -6.44 -41.92
N SER A 13 4.20 -6.53 -42.23
CA SER A 13 4.95 -5.35 -42.62
C SER A 13 4.43 -4.75 -43.92
N GLU A 14 3.97 -5.58 -44.86
CA GLU A 14 3.47 -5.06 -46.12
C GLU A 14 2.29 -4.12 -45.92
N ARG A 15 1.53 -4.28 -44.83
CA ARG A 15 0.31 -3.52 -44.63
C ARG A 15 0.39 -2.53 -43.48
N THR A 16 1.58 -2.30 -42.92
CA THR A 16 1.70 -1.47 -41.72
C THR A 16 2.93 -0.57 -41.84
N GLU A 17 2.72 0.74 -41.73
N GLU A 17 2.71 0.74 -41.74
CA GLU A 17 3.85 1.66 -41.65
CA GLU A 17 3.83 1.67 -41.62
C GLU A 17 4.67 1.37 -40.40
C GLU A 17 4.67 1.30 -40.39
N GLU A 18 5.99 1.36 -40.55
CA GLU A 18 6.88 1.04 -39.44
C GLU A 18 6.60 1.93 -38.23
N SER A 19 6.36 3.22 -38.47
CA SER A 19 6.14 4.14 -37.36
C SER A 19 4.87 3.82 -36.59
N SER A 20 3.84 3.32 -37.29
CA SER A 20 2.61 2.94 -36.59
C SER A 20 2.83 1.69 -35.74
N ALA A 21 3.62 0.75 -36.23
CA ALA A 21 3.82 -0.52 -35.53
C ALA A 21 4.64 -0.33 -34.26
N VAL A 22 5.68 0.52 -34.33
CA VAL A 22 6.51 0.76 -33.16
C VAL A 22 5.67 1.32 -32.02
N GLN A 23 4.89 2.36 -32.29
N GLN A 23 4.93 2.39 -32.28
CA GLN A 23 4.07 2.97 -31.25
CA GLN A 23 4.05 2.97 -31.28
C GLN A 23 2.96 2.03 -30.79
C GLN A 23 3.04 1.95 -30.78
N TYR A 24 2.46 1.18 -31.70
CA TYR A 24 1.40 0.24 -31.34
C TYR A 24 1.90 -0.83 -30.37
N PHE A 25 3.10 -1.37 -30.60
CA PHE A 25 3.59 -2.44 -29.74
C PHE A 25 4.27 -1.91 -28.49
N GLN A 26 4.84 -0.71 -28.53
CA GLN A 26 5.32 -0.09 -27.30
C GLN A 26 4.19 0.10 -26.31
N PHE A 27 3.01 0.48 -26.80
CA PHE A 27 1.84 0.61 -25.94
C PHE A 27 1.54 -0.70 -25.22
N TYR A 28 1.51 -1.80 -25.97
CA TYR A 28 1.18 -3.10 -25.40
C TYR A 28 2.33 -3.72 -24.60
N GLY A 29 3.50 -3.10 -24.58
CA GLY A 29 4.57 -3.55 -23.71
C GLY A 29 4.40 -3.17 -22.25
N TYR A 30 3.38 -2.38 -21.94
CA TYR A 30 3.19 -1.86 -20.59
C TYR A 30 2.26 -2.79 -19.81
N LEU A 31 2.69 -3.16 -18.61
CA LEU A 31 1.84 -3.96 -17.74
C LEU A 31 0.58 -3.21 -17.34
N SER A 32 0.66 -1.88 -17.26
CA SER A 32 -0.53 -1.10 -16.92
C SER A 32 -1.62 -1.23 -17.97
N GLN A 33 -1.24 -1.45 -19.24
CA GLN A 33 -2.24 -1.64 -20.28
C GLN A 33 -2.81 -3.05 -20.24
N GLN A 34 -1.99 -4.05 -19.93
CA GLN A 34 -2.51 -5.39 -19.66
C GLN A 34 -3.48 -5.34 -18.49
N GLN A 35 -3.08 -4.67 -17.41
CA GLN A 35 -3.93 -4.53 -16.24
C GLN A 35 -5.24 -3.84 -16.59
N ASN A 36 -5.19 -2.80 -17.42
CA ASN A 36 -6.39 -2.10 -17.81
C ASN A 36 -7.40 -3.05 -18.45
N MET A 37 -6.94 -3.95 -19.32
CA MET A 37 -7.83 -4.90 -19.98
C MET A 37 -8.26 -6.00 -19.02
N MET A 38 -7.31 -6.56 -18.27
CA MET A 38 -7.62 -7.67 -17.37
C MET A 38 -8.65 -7.26 -16.32
N GLN A 39 -8.62 -6.00 -15.89
CA GLN A 39 -9.57 -5.52 -14.90
C GLN A 39 -10.98 -5.38 -15.45
N ASP A 40 -11.14 -5.38 -16.77
CA ASP A 40 -12.46 -5.42 -17.38
C ASP A 40 -13.06 -6.79 -17.08
N TYR A 41 -13.94 -6.86 -16.07
CA TYR A 41 -14.41 -8.16 -15.60
C TYR A 41 -15.34 -8.81 -16.62
N VAL A 42 -16.18 -8.01 -17.30
CA VAL A 42 -16.99 -8.55 -18.39
C VAL A 42 -16.09 -9.23 -19.41
N ARG A 43 -14.98 -8.57 -19.76
CA ARG A 43 -14.08 -9.09 -20.77
C ARG A 43 -13.37 -10.35 -20.29
N THR A 44 -12.61 -10.24 -19.21
CA THR A 44 -11.84 -11.37 -18.70
C THR A 44 -12.75 -12.49 -18.24
N GLY A 45 -13.83 -12.16 -17.54
CA GLY A 45 -14.74 -13.18 -17.05
C GLY A 45 -15.42 -13.96 -18.17
N THR A 46 -15.87 -13.25 -19.21
CA THR A 46 -16.58 -13.93 -20.30
C THR A 46 -15.64 -14.83 -21.09
N TYR A 47 -14.39 -14.41 -21.30
CA TYR A 47 -13.43 -15.28 -21.96
C TYR A 47 -13.21 -16.55 -21.16
N GLN A 48 -13.03 -16.41 -19.84
CA GLN A 48 -12.84 -17.59 -18.99
C GLN A 48 -14.04 -18.53 -19.08
N ARG A 49 -15.25 -17.98 -18.95
CA ARG A 49 -16.44 -18.82 -19.03
C ARG A 49 -16.59 -19.45 -20.41
N ALA A 50 -16.28 -18.70 -21.47
CA ALA A 50 -16.35 -19.27 -22.82
C ALA A 50 -15.42 -20.46 -22.95
N ILE A 51 -14.24 -20.39 -22.33
CA ILE A 51 -13.25 -21.45 -22.47
C ILE A 51 -13.55 -22.61 -21.53
N LEU A 52 -13.77 -22.31 -20.25
CA LEU A 52 -13.99 -23.36 -19.27
C LEU A 52 -15.28 -24.12 -19.55
N GLN A 53 -16.36 -23.40 -19.88
CA GLN A 53 -17.64 -24.05 -20.15
C GLN A 53 -17.66 -24.79 -21.48
N ASN A 54 -16.62 -24.67 -22.29
CA ASN A 54 -16.44 -25.50 -23.48
C ASN A 54 -15.16 -26.30 -23.34
N HIS A 55 -14.96 -26.89 -22.16
CA HIS A 55 -13.72 -27.61 -21.87
C HIS A 55 -13.45 -28.72 -22.88
N THR A 56 -14.49 -29.32 -23.45
CA THR A 56 -14.29 -30.38 -24.43
C THR A 56 -13.59 -29.87 -25.69
N ASP A 57 -13.72 -28.57 -25.99
CA ASP A 57 -13.01 -28.00 -27.13
C ASP A 57 -11.52 -27.76 -26.83
N PHE A 58 -11.10 -27.92 -25.58
CA PHE A 58 -9.72 -27.65 -25.19
C PHE A 58 -9.01 -28.85 -24.56
N LYS A 59 -9.74 -29.77 -23.96
CA LYS A 59 -9.11 -30.89 -23.27
C LYS A 59 -8.24 -31.70 -24.20
N ASP A 60 -6.94 -31.77 -23.90
CA ASP A 60 -5.95 -32.52 -24.67
C ASP A 60 -5.81 -32.00 -26.10
N LYS A 61 -6.26 -30.78 -26.36
CA LYS A 61 -6.14 -30.19 -27.68
C LYS A 61 -4.87 -29.34 -27.77
N ILE A 62 -4.51 -28.97 -28.99
CA ILE A 62 -3.41 -28.03 -29.23
C ILE A 62 -4.02 -26.68 -29.57
N VAL A 63 -3.47 -25.62 -28.96
CA VAL A 63 -4.07 -24.29 -28.98
C VAL A 63 -3.05 -23.30 -29.48
N LEU A 64 -3.51 -22.35 -30.29
CA LEU A 64 -2.74 -21.17 -30.67
C LEU A 64 -3.41 -19.94 -30.08
N ASP A 65 -2.64 -19.13 -29.35
CA ASP A 65 -3.12 -17.91 -28.75
C ASP A 65 -2.44 -16.74 -29.46
N VAL A 66 -3.22 -16.00 -30.26
CA VAL A 66 -2.67 -14.93 -31.10
C VAL A 66 -2.74 -13.63 -30.31
N GLY A 67 -1.58 -13.00 -30.11
CA GLY A 67 -1.51 -11.79 -29.31
C GLY A 67 -1.87 -12.06 -27.87
N CYS A 68 -1.15 -12.99 -27.24
CA CYS A 68 -1.50 -13.46 -25.91
C CYS A 68 -1.30 -12.40 -24.84
N GLY A 69 -0.52 -11.36 -25.11
CA GLY A 69 -0.22 -10.39 -24.07
C GLY A 69 0.46 -11.08 -22.91
N SER A 70 -0.07 -10.86 -21.70
CA SER A 70 0.46 -11.49 -20.51
C SER A 70 0.17 -12.99 -20.43
N GLY A 71 -0.53 -13.56 -21.41
CA GLY A 71 -0.79 -14.98 -21.45
C GLY A 71 -2.05 -15.43 -20.74
N ILE A 72 -2.87 -14.50 -20.26
CA ILE A 72 -4.03 -14.84 -19.44
C ILE A 72 -4.92 -15.86 -20.16
N LEU A 73 -5.17 -15.65 -21.46
CA LEU A 73 -6.07 -16.56 -22.17
C LEU A 73 -5.46 -17.94 -22.32
N SER A 74 -4.13 -18.04 -22.41
CA SER A 74 -3.49 -19.35 -22.46
C SER A 74 -3.64 -20.09 -21.13
N PHE A 75 -3.68 -19.36 -20.01
CA PHE A 75 -3.87 -20.02 -18.72
C PHE A 75 -5.29 -20.55 -18.59
N PHE A 76 -6.28 -19.82 -19.13
CA PHE A 76 -7.64 -20.36 -19.16
C PHE A 76 -7.70 -21.62 -20.01
N ALA A 77 -6.94 -21.66 -21.12
CA ALA A 77 -6.91 -22.85 -21.95
C ALA A 77 -6.25 -24.02 -21.22
N ALA A 78 -5.24 -23.73 -20.39
CA ALA A 78 -4.66 -24.78 -19.54
C ALA A 78 -5.65 -25.22 -18.47
N GLN A 79 -6.31 -24.26 -17.82
CA GLN A 79 -7.34 -24.62 -16.85
C GLN A 79 -8.41 -25.49 -17.48
N ALA A 80 -8.60 -25.38 -18.79
CA ALA A 80 -9.56 -26.21 -19.52
C ALA A 80 -8.96 -27.55 -19.94
N GLY A 81 -7.68 -27.77 -19.70
CA GLY A 81 -7.05 -29.05 -19.95
C GLY A 81 -6.31 -29.19 -21.26
N ALA A 82 -5.89 -28.09 -21.89
CA ALA A 82 -5.15 -28.20 -23.13
C ALA A 82 -3.82 -28.90 -22.89
N ARG A 83 -3.33 -29.58 -23.91
CA ARG A 83 -2.06 -30.28 -23.83
C ARG A 83 -0.89 -29.39 -24.21
N LYS A 84 -1.03 -28.63 -25.30
CA LYS A 84 0.02 -27.72 -25.75
C LYS A 84 -0.63 -26.43 -26.21
N ILE A 85 -0.09 -25.31 -25.75
CA ILE A 85 -0.59 -23.98 -26.08
C ILE A 85 0.58 -23.16 -26.59
N TYR A 86 0.48 -22.69 -27.83
CA TYR A 86 1.48 -21.82 -28.42
C TYR A 86 0.97 -20.38 -28.31
N ALA A 87 1.67 -19.58 -27.51
CA ALA A 87 1.24 -18.23 -27.17
C ALA A 87 2.15 -17.24 -27.91
N VAL A 88 1.60 -16.62 -28.96
CA VAL A 88 2.35 -15.68 -29.79
C VAL A 88 2.03 -14.26 -29.34
N GLU A 89 3.07 -13.43 -29.23
CA GLU A 89 2.90 -12.03 -28.85
C GLU A 89 4.08 -11.24 -29.39
N ALA A 90 3.79 -10.11 -30.02
CA ALA A 90 4.80 -9.34 -30.72
C ALA A 90 5.40 -8.21 -29.89
N SER A 91 4.67 -7.70 -28.90
CA SER A 91 5.21 -6.68 -28.02
C SER A 91 6.20 -7.33 -27.04
N THR A 92 6.89 -6.48 -26.27
CA THR A 92 7.80 -6.98 -25.25
C THR A 92 7.05 -7.66 -24.11
N MET A 93 5.73 -7.56 -24.05
CA MET A 93 4.96 -8.30 -23.07
C MET A 93 5.22 -9.81 -23.16
N ALA A 94 5.72 -10.28 -24.30
CA ALA A 94 6.03 -11.70 -24.44
C ALA A 94 6.97 -12.17 -23.35
N GLN A 95 7.94 -11.33 -22.97
CA GLN A 95 8.88 -11.71 -21.93
C GLN A 95 8.18 -11.82 -20.58
N HIS A 96 7.20 -10.96 -20.32
CA HIS A 96 6.46 -11.03 -19.07
C HIS A 96 5.57 -12.27 -19.02
N ALA A 97 5.03 -12.68 -20.18
CA ALA A 97 4.24 -13.89 -20.22
C ALA A 97 5.09 -15.13 -19.95
N GLU A 98 6.35 -15.11 -20.39
CA GLU A 98 7.24 -16.23 -20.14
C GLU A 98 7.49 -16.40 -18.64
N VAL A 99 7.61 -15.30 -17.92
CA VAL A 99 7.81 -15.37 -16.47
C VAL A 99 6.60 -16.00 -15.79
N LEU A 100 5.40 -15.65 -16.25
CA LEU A 100 4.20 -16.20 -15.64
C LEU A 100 4.04 -17.68 -15.93
N VAL A 101 4.40 -18.11 -17.14
CA VAL A 101 4.33 -19.54 -17.47
C VAL A 101 5.25 -20.33 -16.55
N LYS A 102 6.43 -19.80 -16.26
CA LYS A 102 7.35 -20.48 -15.35
C LYS A 102 6.84 -20.46 -13.92
N SER A 103 6.48 -19.28 -13.41
CA SER A 103 6.04 -19.15 -12.02
C SER A 103 4.73 -19.88 -11.76
N ASN A 104 3.95 -20.16 -12.80
CA ASN A 104 2.73 -20.96 -12.66
C ASN A 104 2.97 -22.43 -13.00
N ASN A 105 4.23 -22.84 -13.18
CA ASN A 105 4.59 -24.24 -13.34
C ASN A 105 3.91 -24.86 -14.56
N LEU A 106 3.88 -24.11 -15.66
CA LEU A 106 3.24 -24.57 -16.89
C LEU A 106 4.19 -24.57 -18.09
N THR A 107 5.50 -24.63 -17.84
CA THR A 107 6.46 -24.62 -18.94
C THR A 107 6.30 -25.82 -19.86
N ASP A 108 5.70 -26.91 -19.38
CA ASP A 108 5.51 -28.09 -20.21
C ASP A 108 4.29 -28.03 -21.10
N ARG A 109 3.45 -26.99 -20.97
CA ARG A 109 2.17 -26.97 -21.67
C ARG A 109 1.98 -25.68 -22.47
N ILE A 110 2.57 -24.57 -22.00
CA ILE A 110 2.48 -23.29 -22.67
C ILE A 110 3.85 -22.92 -23.19
N VAL A 111 3.93 -22.57 -24.47
CA VAL A 111 5.18 -22.17 -25.11
C VAL A 111 4.98 -20.78 -25.66
N VAL A 112 5.65 -19.79 -25.07
CA VAL A 112 5.58 -18.42 -25.54
C VAL A 112 6.48 -18.29 -26.77
N ILE A 113 5.93 -17.71 -27.84
CA ILE A 113 6.66 -17.45 -29.06
C ILE A 113 6.64 -15.95 -29.31
N PRO A 114 7.71 -15.23 -28.99
CA PRO A 114 7.73 -13.78 -29.23
C PRO A 114 7.84 -13.46 -30.70
N GLY A 115 6.99 -12.55 -31.16
CA GLY A 115 7.03 -12.10 -32.54
C GLY A 115 5.64 -11.92 -33.12
N LYS A 116 5.57 -11.50 -34.37
CA LYS A 116 4.29 -11.30 -35.03
C LYS A 116 3.81 -12.63 -35.59
N VAL A 117 2.51 -12.90 -35.43
CA VAL A 117 1.97 -14.19 -35.87
C VAL A 117 2.17 -14.38 -37.37
N GLU A 118 2.31 -13.29 -38.12
CA GLU A 118 2.58 -13.39 -39.55
C GLU A 118 4.01 -13.79 -39.87
N GLU A 119 4.89 -13.82 -38.86
CA GLU A 119 6.32 -14.02 -39.11
C GLU A 119 6.91 -15.20 -38.35
N VAL A 120 6.37 -15.55 -37.18
CA VAL A 120 6.91 -16.63 -36.38
C VAL A 120 6.65 -17.96 -37.08
N SER A 121 7.24 -19.03 -36.57
CA SER A 121 6.99 -20.37 -37.05
C SER A 121 6.46 -21.22 -35.90
N LEU A 122 5.42 -22.01 -36.19
CA LEU A 122 4.87 -22.96 -35.24
C LEU A 122 5.28 -24.37 -35.63
N PRO A 123 5.68 -25.21 -34.66
CA PRO A 123 6.14 -26.55 -35.01
C PRO A 123 5.05 -27.47 -35.53
N GLU A 124 3.77 -27.15 -35.29
CA GLU A 124 2.69 -28.05 -35.67
C GLU A 124 1.39 -27.27 -35.82
N GLN A 125 0.43 -27.92 -36.47
CA GLN A 125 -0.91 -27.36 -36.58
C GLN A 125 -1.66 -27.51 -35.26
N VAL A 126 -2.61 -26.61 -35.04
CA VAL A 126 -3.36 -26.56 -33.78
C VAL A 126 -4.81 -26.93 -34.03
N ASP A 127 -5.49 -27.31 -32.96
CA ASP A 127 -6.90 -27.66 -33.02
C ASP A 127 -7.83 -26.48 -32.89
N ILE A 128 -7.37 -25.37 -32.29
CA ILE A 128 -8.24 -24.24 -32.01
C ILE A 128 -7.37 -23.01 -31.81
N ILE A 129 -7.85 -21.87 -32.30
CA ILE A 129 -7.19 -20.58 -32.11
C ILE A 129 -8.02 -19.75 -31.15
N ILE A 130 -7.35 -19.16 -30.17
CA ILE A 130 -7.99 -18.21 -29.26
C ILE A 130 -7.27 -16.88 -29.42
N SER A 131 -8.02 -15.79 -29.29
CA SER A 131 -7.43 -14.48 -29.42
C SER A 131 -8.42 -13.44 -28.91
N GLU A 132 -7.90 -12.25 -28.63
CA GLU A 132 -8.71 -11.05 -28.41
C GLU A 132 -8.32 -10.04 -29.49
N PRO A 133 -8.80 -10.21 -30.71
CA PRO A 133 -8.44 -9.28 -31.79
C PRO A 133 -9.35 -8.06 -31.90
N MET A 134 -10.30 -7.87 -31.00
CA MET A 134 -11.28 -6.80 -31.13
C MET A 134 -10.70 -5.48 -30.63
N GLY A 135 -10.63 -4.49 -31.52
CA GLY A 135 -10.42 -3.12 -31.12
C GLY A 135 -11.75 -2.42 -30.97
N TYR A 136 -11.71 -1.13 -30.60
CA TYR A 136 -12.95 -0.39 -30.52
C TYR A 136 -13.57 -0.28 -31.90
N MET A 137 -14.91 -0.24 -31.93
CA MET A 137 -15.67 -0.42 -33.16
C MET A 137 -15.32 -1.74 -33.86
N LEU A 138 -14.78 -2.69 -33.09
CA LEU A 138 -14.36 -4.00 -33.56
C LEU A 138 -13.11 -3.96 -34.44
N PHE A 139 -13.10 -3.10 -35.47
CA PHE A 139 -12.11 -3.22 -36.53
C PHE A 139 -10.81 -2.47 -36.26
N ASN A 140 -10.81 -1.49 -35.37
CA ASN A 140 -9.57 -0.76 -35.08
C ASN A 140 -8.46 -1.73 -34.66
N GLU A 141 -7.22 -1.33 -34.97
CA GLU A 141 -6.00 -2.10 -34.72
C GLU A 141 -5.69 -3.07 -35.85
N ARG A 142 -6.69 -3.42 -36.66
CA ARG A 142 -6.51 -4.40 -37.73
C ARG A 142 -5.90 -5.70 -37.20
N MET A 143 -6.31 -6.09 -35.99
CA MET A 143 -5.87 -7.36 -35.42
C MET A 143 -6.70 -8.54 -35.91
N LEU A 144 -7.92 -8.27 -36.39
CA LEU A 144 -8.71 -9.35 -36.98
C LEU A 144 -7.98 -10.03 -38.13
N GLU A 145 -7.17 -9.27 -38.88
CA GLU A 145 -6.47 -9.85 -40.02
C GLU A 145 -5.36 -10.79 -39.56
N SER A 146 -4.63 -10.42 -38.51
CA SER A 146 -3.67 -11.34 -37.91
C SER A 146 -4.37 -12.59 -37.41
N TYR A 147 -5.57 -12.42 -36.85
CA TYR A 147 -6.35 -13.55 -36.36
C TYR A 147 -6.72 -14.50 -37.50
N LEU A 148 -7.16 -13.95 -38.64
CA LEU A 148 -7.52 -14.78 -39.77
C LEU A 148 -6.27 -15.34 -40.45
N HIS A 149 -5.21 -14.53 -40.51
CA HIS A 149 -3.93 -15.03 -41.03
C HIS A 149 -3.48 -16.27 -40.28
N ALA A 150 -3.76 -16.33 -38.98
CA ALA A 150 -3.30 -17.45 -38.17
C ALA A 150 -3.95 -18.76 -38.58
N LYS A 151 -5.04 -18.71 -39.34
CA LYS A 151 -5.73 -19.94 -39.76
C LYS A 151 -4.84 -20.84 -40.62
N LYS A 152 -3.70 -20.35 -41.09
CA LYS A 152 -2.75 -21.21 -41.78
C LYS A 152 -2.19 -22.29 -40.85
N TYR A 153 -2.33 -22.11 -39.54
CA TYR A 153 -1.92 -23.10 -38.56
C TYR A 153 -3.07 -23.94 -38.04
N LEU A 154 -4.28 -23.75 -38.56
CA LEU A 154 -5.47 -24.41 -38.06
C LEU A 154 -5.78 -25.66 -38.88
N LYS A 155 -6.17 -26.73 -38.18
CA LYS A 155 -6.51 -27.97 -38.84
C LYS A 155 -7.81 -27.82 -39.62
N PRO A 156 -8.06 -28.71 -40.59
CA PRO A 156 -9.24 -28.53 -41.47
C PRO A 156 -10.55 -28.31 -40.74
N SER A 157 -10.76 -28.95 -39.59
CA SER A 157 -12.00 -28.83 -38.84
C SER A 157 -11.76 -28.18 -37.48
N GLY A 158 -10.73 -27.33 -37.38
CA GLY A 158 -10.48 -26.63 -36.14
C GLY A 158 -11.45 -25.49 -35.92
N ASN A 159 -11.48 -25.01 -34.68
CA ASN A 159 -12.42 -23.98 -34.27
C ASN A 159 -11.67 -22.69 -33.94
N MET A 160 -12.42 -21.62 -33.74
CA MET A 160 -11.84 -20.33 -33.39
C MET A 160 -12.67 -19.66 -32.31
N PHE A 161 -12.00 -19.16 -31.28
CA PHE A 161 -12.63 -18.49 -30.15
C PHE A 161 -12.07 -17.07 -30.05
N PRO A 162 -12.82 -16.03 -30.44
CA PRO A 162 -14.22 -16.03 -30.88
C PRO A 162 -14.42 -16.57 -32.29
N THR A 163 -15.63 -17.06 -32.56
CA THR A 163 -15.96 -17.70 -33.83
C THR A 163 -16.52 -16.70 -34.84
N ILE A 164 -17.34 -15.75 -34.38
CA ILE A 164 -17.92 -14.74 -35.25
C ILE A 164 -17.92 -13.42 -34.52
N GLY A 165 -18.01 -12.34 -35.28
CA GLY A 165 -18.15 -11.00 -34.71
C GLY A 165 -19.23 -10.23 -35.42
N ASP A 166 -20.06 -9.55 -34.62
CA ASP A 166 -21.15 -8.71 -35.13
C ASP A 166 -20.85 -7.28 -34.73
N VAL A 167 -20.79 -6.39 -35.73
CA VAL A 167 -20.79 -4.95 -35.48
C VAL A 167 -22.20 -4.44 -35.71
N HIS A 168 -22.65 -3.54 -34.84
CA HIS A 168 -24.00 -2.98 -34.91
C HIS A 168 -23.91 -1.49 -35.18
N LEU A 169 -24.82 -1.01 -36.02
CA LEU A 169 -24.92 0.40 -36.39
C LEU A 169 -26.33 0.89 -36.09
N ALA A 170 -26.43 2.10 -35.54
CA ALA A 170 -27.74 2.65 -35.27
C ALA A 170 -27.67 4.17 -35.28
N PRO A 171 -28.70 4.84 -35.81
CA PRO A 171 -28.71 6.32 -35.76
C PRO A 171 -29.11 6.82 -34.39
N PHE A 172 -28.52 7.93 -33.99
CA PHE A 172 -28.75 8.50 -32.67
C PHE A 172 -29.01 9.99 -32.79
N THR A 173 -29.70 10.53 -31.78
CA THR A 173 -29.87 11.96 -31.62
C THR A 173 -29.17 12.40 -30.35
N ASP A 174 -28.30 13.41 -30.46
CA ASP A 174 -27.58 13.93 -29.30
C ASP A 174 -27.25 15.39 -29.62
N GLU A 175 -28.24 16.26 -29.44
CA GLU A 175 -28.08 17.68 -29.78
C GLU A 175 -26.87 18.28 -29.09
N GLN A 176 -26.60 17.85 -27.85
CA GLN A 176 -25.52 18.47 -27.08
C GLN A 176 -24.15 18.02 -27.56
N LEU A 177 -24.01 16.74 -27.93
CA LEU A 177 -22.74 16.29 -28.51
C LEU A 177 -22.45 17.04 -29.81
N TYR A 178 -23.47 17.24 -30.63
CA TYR A 178 -23.30 17.96 -31.89
C TYR A 178 -22.84 19.39 -31.64
N MET A 179 -23.56 20.13 -30.82
CA MET A 179 -23.25 21.54 -30.61
C MET A 179 -21.90 21.72 -29.93
N GLU A 180 -21.49 20.73 -29.13
CA GLU A 180 -20.20 20.79 -28.45
C GLU A 180 -19.06 20.96 -29.44
N GLN A 181 -19.19 20.40 -30.65
CA GLN A 181 -18.12 20.50 -31.64
C GLN A 181 -17.88 21.95 -32.04
N PHE A 182 -18.95 22.69 -32.31
CA PHE A 182 -18.82 24.10 -32.68
C PHE A 182 -18.44 24.95 -31.48
N THR A 183 -18.90 24.60 -30.29
CA THR A 183 -18.50 25.32 -29.09
C THR A 183 -16.99 25.27 -28.91
N LYS A 184 -16.38 24.11 -29.18
CA LYS A 184 -14.93 23.99 -29.07
C LYS A 184 -14.24 24.74 -30.22
N ALA A 185 -14.71 24.53 -31.45
CA ALA A 185 -14.08 25.17 -32.59
C ALA A 185 -14.20 26.68 -32.54
N ASN A 186 -15.27 27.20 -31.95
CA ASN A 186 -15.48 28.64 -31.92
C ASN A 186 -14.42 29.37 -31.11
N PHE A 187 -13.51 28.65 -30.45
CA PHE A 187 -12.35 29.32 -29.89
C PHE A 187 -11.63 30.14 -30.96
N TRP A 188 -11.62 29.64 -32.19
CA TRP A 188 -10.93 30.32 -33.28
C TRP A 188 -11.73 31.47 -33.87
N TYR A 189 -13.01 31.60 -33.52
CA TYR A 189 -13.84 32.68 -34.08
C TYR A 189 -13.80 33.90 -33.17
N GLN A 190 -12.62 34.53 -33.12
CA GLN A 190 -12.48 35.80 -32.45
C GLN A 190 -11.52 36.68 -33.25
N PRO A 191 -11.85 37.96 -33.42
CA PRO A 191 -11.04 38.81 -34.30
C PRO A 191 -9.77 39.35 -33.68
N SER A 192 -9.57 39.17 -32.36
CA SER A 192 -8.37 39.72 -31.72
C SER A 192 -8.02 38.89 -30.48
N PHE A 193 -7.54 37.68 -30.72
CA PHE A 193 -6.91 36.87 -29.67
C PHE A 193 -5.51 37.42 -29.44
N HIS A 194 -5.35 38.24 -28.40
CA HIS A 194 -4.08 38.91 -28.15
C HIS A 194 -3.65 39.74 -29.36
N GLY A 195 -4.63 40.30 -30.08
CA GLY A 195 -4.35 41.11 -31.24
C GLY A 195 -4.30 40.37 -32.57
N VAL A 196 -4.57 39.07 -32.56
CA VAL A 196 -4.50 38.25 -33.77
C VAL A 196 -5.90 37.77 -34.12
N ASP A 197 -6.24 37.85 -35.40
CA ASP A 197 -7.54 37.38 -35.90
C ASP A 197 -7.41 35.90 -36.23
N LEU A 198 -8.12 35.07 -35.48
CA LEU A 198 -8.03 33.62 -35.63
C LEU A 198 -9.14 33.02 -36.47
N SER A 199 -10.10 33.84 -36.92
CA SER A 199 -11.36 33.31 -37.45
C SER A 199 -11.17 32.49 -38.71
N ALA A 200 -10.08 32.70 -39.47
CA ALA A 200 -9.87 31.96 -40.70
C ALA A 200 -9.64 30.47 -40.47
N LEU A 201 -9.32 30.05 -39.25
CA LEU A 201 -9.08 28.65 -38.95
C LEU A 201 -10.27 27.98 -38.28
N ARG A 202 -11.37 28.70 -38.07
CA ARG A 202 -12.53 28.11 -37.41
C ARG A 202 -13.06 26.93 -38.21
N GLY A 203 -13.21 27.09 -39.52
CA GLY A 203 -13.68 25.99 -40.35
C GLY A 203 -12.78 24.77 -40.27
N ALA A 204 -11.47 25.00 -40.28
CA ALA A 204 -10.53 23.88 -40.15
C ALA A 204 -10.66 23.21 -38.79
N ALA A 205 -10.93 24.00 -37.74
CA ALA A 205 -11.11 23.43 -36.40
C ALA A 205 -12.37 22.56 -36.35
N VAL A 206 -13.46 23.02 -36.96
CA VAL A 206 -14.68 22.22 -37.03
C VAL A 206 -14.40 20.89 -37.73
N ASP A 207 -13.76 20.95 -38.91
CA ASP A 207 -13.50 19.72 -39.66
C ASP A 207 -12.69 18.74 -38.83
N GLU A 208 -11.73 19.26 -38.06
CA GLU A 208 -10.88 18.38 -37.25
C GLU A 208 -11.69 17.64 -36.20
N TYR A 209 -12.59 18.33 -35.50
CA TYR A 209 -13.38 17.69 -34.46
C TYR A 209 -14.34 16.65 -35.05
N PHE A 210 -14.97 16.98 -36.18
CA PHE A 210 -15.93 16.06 -36.78
C PHE A 210 -15.27 14.82 -37.36
N ARG A 211 -13.97 14.87 -37.67
CA ARG A 211 -13.26 13.70 -38.15
C ARG A 211 -12.95 12.69 -37.04
N GLN A 212 -13.17 13.05 -35.78
CA GLN A 212 -12.86 12.16 -34.68
C GLN A 212 -14.10 11.36 -34.30
N PRO A 213 -14.09 10.03 -34.42
CA PRO A 213 -15.16 9.25 -33.79
C PRO A 213 -15.09 9.44 -32.27
N VAL A 214 -16.28 9.42 -31.65
CA VAL A 214 -16.40 9.71 -30.23
C VAL A 214 -16.52 8.39 -29.49
N VAL A 215 -15.56 8.13 -28.59
CA VAL A 215 -15.55 6.93 -27.78
C VAL A 215 -16.07 7.30 -26.40
N ASP A 216 -17.25 6.79 -26.07
CA ASP A 216 -17.81 6.86 -24.73
C ASP A 216 -19.11 6.07 -24.74
N THR A 217 -19.93 6.20 -23.71
CA THR A 217 -21.19 5.48 -23.63
C THR A 217 -22.34 6.48 -23.63
N PHE A 218 -23.56 5.95 -23.65
CA PHE A 218 -24.72 6.80 -23.81
C PHE A 218 -25.97 6.02 -23.42
N ASP A 219 -27.04 6.78 -23.14
CA ASP A 219 -28.33 6.19 -22.86
C ASP A 219 -28.95 5.61 -24.12
N ILE A 220 -29.49 4.40 -24.03
CA ILE A 220 -30.06 3.74 -25.20
C ILE A 220 -31.27 4.50 -25.75
N ARG A 221 -31.86 5.39 -24.96
CA ARG A 221 -33.02 6.15 -25.42
C ARG A 221 -32.66 7.15 -26.51
N ILE A 222 -31.37 7.39 -26.77
CA ILE A 222 -30.99 8.28 -27.86
C ILE A 222 -30.97 7.57 -29.21
N LEU A 223 -31.03 6.24 -29.21
CA LEU A 223 -31.11 5.49 -30.46
C LEU A 223 -32.50 5.60 -31.04
N MET A 224 -32.57 5.86 -32.35
CA MET A 224 -33.83 6.16 -33.01
C MET A 224 -34.27 5.10 -34.01
N ALA A 225 -33.50 4.02 -34.18
CA ALA A 225 -33.91 2.93 -35.04
C ALA A 225 -33.27 1.64 -34.56
N LYS A 226 -33.91 0.52 -34.87
CA LYS A 226 -33.31 -0.78 -34.61
C LYS A 226 -31.99 -0.89 -35.38
N SER A 227 -31.01 -1.54 -34.77
CA SER A 227 -29.66 -1.56 -35.32
C SER A 227 -29.58 -2.47 -36.54
N VAL A 228 -28.70 -2.10 -37.46
CA VAL A 228 -28.26 -2.96 -38.55
C VAL A 228 -27.00 -3.68 -38.10
N LYS A 229 -26.84 -4.91 -38.58
CA LYS A 229 -25.75 -5.78 -38.14
C LYS A 229 -24.92 -6.24 -39.34
N TYR A 230 -23.60 -6.20 -39.17
CA TYR A 230 -22.66 -6.72 -40.16
C TYR A 230 -21.79 -7.77 -39.47
N THR A 231 -21.77 -8.98 -40.03
CA THR A 231 -21.17 -10.13 -39.38
C THR A 231 -19.91 -10.57 -40.10
N VAL A 232 -18.89 -10.88 -39.30
CA VAL A 232 -17.67 -11.52 -39.78
C VAL A 232 -17.62 -12.92 -39.18
N ASN A 233 -17.63 -13.94 -40.02
CA ASN A 233 -17.46 -15.32 -39.58
C ASN A 233 -15.98 -15.66 -39.67
N PHE A 234 -15.32 -15.74 -38.51
CA PHE A 234 -13.87 -15.91 -38.48
C PHE A 234 -13.44 -17.26 -39.03
N LEU A 235 -14.34 -18.25 -39.07
CA LEU A 235 -13.98 -19.54 -39.63
C LEU A 235 -13.90 -19.53 -41.16
N GLU A 236 -14.55 -18.57 -41.80
CA GLU A 236 -14.63 -18.53 -43.25
C GLU A 236 -14.00 -17.31 -43.88
N ALA A 237 -13.92 -16.18 -43.18
CA ALA A 237 -13.42 -14.96 -43.77
C ALA A 237 -11.94 -15.07 -44.08
N LYS A 238 -11.50 -14.29 -45.06
CA LYS A 238 -10.09 -14.16 -45.42
C LYS A 238 -9.62 -12.75 -45.09
N GLU A 239 -8.29 -12.61 -44.97
CA GLU A 239 -7.72 -11.31 -44.61
C GLU A 239 -8.24 -10.22 -45.54
N GLY A 240 -8.20 -10.47 -46.85
CA GLY A 240 -8.60 -9.46 -47.82
C GLY A 240 -10.02 -8.97 -47.66
N ASP A 241 -10.88 -9.74 -46.99
CA ASP A 241 -12.26 -9.32 -46.79
C ASP A 241 -12.38 -8.12 -45.87
N LEU A 242 -11.34 -7.82 -45.10
CA LEU A 242 -11.37 -6.73 -44.13
C LEU A 242 -10.65 -5.48 -44.62
N HIS A 243 -10.10 -5.48 -45.85
CA HIS A 243 -9.48 -4.29 -46.39
C HIS A 243 -10.50 -3.25 -46.81
N ARG A 244 -11.67 -3.70 -47.25
CA ARG A 244 -12.76 -2.81 -47.66
C ARG A 244 -14.04 -3.39 -47.08
N ILE A 245 -14.63 -2.69 -46.13
CA ILE A 245 -15.82 -3.17 -45.43
C ILE A 245 -16.95 -2.21 -45.75
N GLU A 246 -17.94 -2.70 -46.48
CA GLU A 246 -19.09 -1.90 -46.89
C GLU A 246 -20.29 -2.37 -46.09
N ILE A 247 -20.86 -1.46 -45.30
CA ILE A 247 -22.02 -1.79 -44.46
C ILE A 247 -23.20 -0.95 -44.92
N PRO A 248 -24.03 -1.46 -45.83
CA PRO A 248 -25.24 -0.71 -46.19
C PRO A 248 -26.27 -0.78 -45.07
N PHE A 249 -27.06 0.28 -44.96
CA PHE A 249 -28.08 0.35 -43.92
C PHE A 249 -29.34 0.99 -44.48
N LYS A 250 -30.47 0.61 -43.88
CA LYS A 250 -31.78 1.14 -44.25
C LYS A 250 -32.59 1.18 -42.96
N PHE A 251 -32.36 2.22 -42.17
CA PHE A 251 -32.98 2.35 -40.86
C PHE A 251 -34.42 2.84 -41.00
N HIS A 252 -35.34 2.14 -40.34
CA HIS A 252 -36.74 2.53 -40.29
C HIS A 252 -36.96 3.26 -38.95
N MET A 253 -37.10 4.58 -39.02
CA MET A 253 -37.04 5.42 -37.83
C MET A 253 -38.17 5.10 -36.86
N LEU A 254 -37.81 4.85 -35.61
CA LEU A 254 -38.79 4.63 -34.55
C LEU A 254 -39.23 5.92 -33.88
N HIS A 255 -38.44 6.99 -34.01
CA HIS A 255 -38.75 8.26 -33.37
C HIS A 255 -38.47 9.40 -34.35
N SER A 256 -39.19 10.49 -34.14
CA SER A 256 -38.99 11.70 -34.94
C SER A 256 -37.98 12.60 -34.25
N GLY A 257 -37.12 13.23 -35.03
CA GLY A 257 -36.13 14.13 -34.50
C GLY A 257 -34.96 14.26 -35.45
N LEU A 258 -33.91 14.92 -34.96
CA LEU A 258 -32.69 15.13 -35.73
C LEU A 258 -31.73 13.97 -35.50
N VAL A 259 -31.28 13.36 -36.59
CA VAL A 259 -30.22 12.36 -36.55
C VAL A 259 -28.89 13.07 -36.66
N HIS A 260 -28.04 12.91 -35.65
CA HIS A 260 -26.74 13.57 -35.64
C HIS A 260 -25.59 12.65 -36.01
N GLY A 261 -25.84 11.35 -36.18
CA GLY A 261 -24.78 10.44 -36.56
C GLY A 261 -25.19 9.00 -36.32
N LEU A 262 -24.18 8.12 -36.40
CA LEU A 262 -24.36 6.69 -36.20
C LEU A 262 -23.57 6.22 -35.00
N ALA A 263 -24.16 5.33 -34.22
CA ALA A 263 -23.53 4.72 -33.06
C ALA A 263 -23.11 3.30 -33.40
N PHE A 264 -21.96 2.89 -32.87
CA PHE A 264 -21.36 1.61 -33.18
C PHE A 264 -21.10 0.83 -31.89
N TRP A 265 -21.31 -0.48 -31.95
CA TRP A 265 -20.86 -1.40 -30.92
C TRP A 265 -20.70 -2.77 -31.56
N PHE A 266 -20.22 -3.74 -30.79
CA PHE A 266 -19.98 -5.06 -31.37
C PHE A 266 -20.16 -6.16 -30.32
N ASP A 267 -20.52 -7.34 -30.81
CA ASP A 267 -20.58 -8.56 -30.02
C ASP A 267 -19.73 -9.62 -30.70
N VAL A 268 -19.15 -10.50 -29.91
CA VAL A 268 -18.49 -11.68 -30.44
C VAL A 268 -19.13 -12.91 -29.79
N ALA A 269 -19.09 -14.03 -30.50
CA ALA A 269 -19.65 -15.28 -30.02
C ALA A 269 -18.58 -16.36 -30.04
N PHE A 270 -18.50 -17.12 -28.96
CA PHE A 270 -17.63 -18.30 -28.87
C PHE A 270 -18.53 -19.50 -29.04
N ILE A 271 -18.48 -20.11 -30.24
CA ILE A 271 -19.40 -21.18 -30.61
C ILE A 271 -18.70 -22.50 -30.31
N GLY A 272 -18.97 -23.05 -29.13
CA GLY A 272 -18.31 -24.26 -28.68
C GLY A 272 -19.19 -25.50 -28.85
N SER A 273 -18.57 -26.66 -28.64
CA SER A 273 -19.29 -27.91 -28.74
C SER A 273 -20.38 -28.03 -27.67
N ILE A 274 -20.15 -27.47 -26.50
CA ILE A 274 -21.11 -27.55 -25.40
C ILE A 274 -22.11 -26.40 -25.45
N MET A 275 -21.63 -25.18 -25.64
CA MET A 275 -22.52 -24.02 -25.61
C MET A 275 -21.87 -22.86 -26.35
N THR A 276 -22.68 -21.85 -26.65
CA THR A 276 -22.23 -20.61 -27.26
C THR A 276 -22.26 -19.52 -26.20
N VAL A 277 -21.11 -18.87 -25.99
CA VAL A 277 -20.99 -17.75 -25.05
C VAL A 277 -20.82 -16.47 -25.84
N TRP A 278 -21.45 -15.39 -25.37
CA TRP A 278 -21.44 -14.11 -26.06
C TRP A 278 -20.74 -13.07 -25.20
N LEU A 279 -19.87 -12.30 -25.82
CA LEU A 279 -19.29 -11.10 -25.23
C LEU A 279 -19.83 -9.89 -25.99
N SER A 280 -20.60 -9.06 -25.30
CA SER A 280 -21.33 -7.96 -25.94
C SER A 280 -20.86 -6.64 -25.36
N THR A 281 -20.62 -5.67 -26.24
CA THR A 281 -20.28 -4.30 -25.83
C THR A 281 -21.43 -3.35 -26.10
N ALA A 282 -22.66 -3.87 -26.21
CA ALA A 282 -23.80 -3.05 -26.56
C ALA A 282 -24.12 -2.05 -25.45
N PRO A 283 -24.78 -0.93 -25.79
CA PRO A 283 -25.16 0.03 -24.76
C PRO A 283 -26.24 -0.48 -23.81
N THR A 284 -26.89 -1.60 -24.14
CA THR A 284 -27.83 -2.25 -23.24
C THR A 284 -27.16 -3.15 -22.23
N GLU A 285 -25.86 -3.37 -22.36
CA GLU A 285 -25.09 -4.27 -21.52
C GLU A 285 -24.18 -3.50 -20.58
N PRO A 286 -23.64 -4.15 -19.57
CA PRO A 286 -22.65 -3.49 -18.71
C PRO A 286 -21.48 -2.97 -19.54
N LEU A 287 -20.95 -1.83 -19.11
CA LEU A 287 -19.91 -1.16 -19.87
C LEU A 287 -18.62 -1.97 -19.85
N THR A 288 -17.90 -1.94 -20.98
CA THR A 288 -16.58 -2.55 -21.11
C THR A 288 -15.57 -1.45 -21.46
N HIS A 289 -14.29 -1.83 -21.52
CA HIS A 289 -13.26 -0.86 -21.88
C HIS A 289 -13.32 -0.50 -23.36
N TRP A 290 -14.13 -1.19 -24.16
CA TRP A 290 -14.38 -0.79 -25.53
C TRP A 290 -15.43 0.30 -25.64
N TYR A 291 -16.24 0.49 -24.61
CA TYR A 291 -17.32 1.48 -24.63
C TYR A 291 -18.17 1.30 -25.90
N GLN A 292 -18.63 2.40 -26.48
CA GLN A 292 -19.26 2.43 -27.77
C GLN A 292 -18.63 3.57 -28.57
N VAL A 293 -18.90 3.59 -29.88
CA VAL A 293 -18.30 4.59 -30.77
C VAL A 293 -19.42 5.27 -31.56
N ARG A 294 -19.35 6.60 -31.63
CA ARG A 294 -20.31 7.38 -32.40
C ARG A 294 -19.59 8.25 -33.41
N CYS A 295 -20.13 8.29 -34.62
CA CYS A 295 -19.61 9.10 -35.72
C CYS A 295 -20.68 10.12 -36.11
N LEU A 296 -20.35 11.39 -35.94
CA LEU A 296 -21.31 12.45 -36.25
C LEU A 296 -21.46 12.64 -37.76
N PHE A 297 -22.66 13.06 -38.16
CA PHE A 297 -22.87 13.64 -39.47
C PHE A 297 -22.50 15.12 -39.45
N GLN A 298 -22.00 15.62 -40.58
CA GLN A 298 -21.61 17.01 -40.64
C GLN A 298 -22.82 17.93 -40.43
N SER A 299 -23.96 17.57 -41.00
CA SER A 299 -25.21 18.22 -40.71
C SER A 299 -26.23 17.19 -40.24
N PRO A 300 -27.04 17.50 -39.23
CA PRO A 300 -28.08 16.55 -38.84
C PRO A 300 -29.11 16.37 -39.93
N LEU A 301 -29.85 15.27 -39.83
CA LEU A 301 -30.92 14.94 -40.77
C LEU A 301 -32.21 14.78 -39.98
N PHE A 302 -33.21 15.58 -40.31
CA PHE A 302 -34.52 15.43 -39.71
C PHE A 302 -35.23 14.23 -40.35
N ALA A 303 -35.78 13.37 -39.50
CA ALA A 303 -36.54 12.22 -39.96
C ALA A 303 -37.72 12.02 -39.03
N LYS A 304 -38.88 11.73 -39.61
CA LYS A 304 -40.09 11.45 -38.84
C LYS A 304 -40.18 9.97 -38.57
N ALA A 305 -40.81 9.63 -37.45
CA ALA A 305 -41.13 8.23 -37.18
C ALA A 305 -41.85 7.62 -38.37
N GLY A 306 -41.29 6.53 -38.90
CA GLY A 306 -41.79 5.89 -40.09
C GLY A 306 -40.97 6.16 -41.32
N ASP A 307 -40.17 7.22 -41.34
CA ASP A 307 -39.28 7.48 -42.47
C ASP A 307 -38.14 6.48 -42.48
N THR A 308 -37.46 6.39 -43.61
CA THR A 308 -36.32 5.50 -43.78
C THR A 308 -35.05 6.32 -43.95
N LEU A 309 -34.01 5.96 -43.20
CA LEU A 309 -32.70 6.59 -43.29
C LEU A 309 -31.76 5.56 -43.92
N SER A 310 -31.50 5.72 -45.21
CA SER A 310 -30.70 4.76 -45.96
C SER A 310 -29.35 5.37 -46.31
N GLY A 311 -28.36 4.50 -46.51
CA GLY A 311 -27.03 4.95 -46.81
C GLY A 311 -26.03 3.82 -46.67
N THR A 312 -24.76 4.19 -46.51
CA THR A 312 -23.68 3.22 -46.46
C THR A 312 -22.61 3.71 -45.51
N CYS A 313 -22.05 2.80 -44.75
CA CYS A 313 -20.84 3.03 -43.98
C CYS A 313 -19.73 2.21 -44.61
N LEU A 314 -18.71 2.89 -45.14
CA LEU A 314 -17.60 2.23 -45.82
C LEU A 314 -16.35 2.41 -44.99
N LEU A 315 -15.72 1.31 -44.62
CA LEU A 315 -14.47 1.32 -43.86
C LEU A 315 -13.36 0.84 -44.77
N ILE A 316 -12.32 1.65 -44.90
CA ILE A 316 -11.20 1.38 -45.80
C ILE A 316 -9.95 1.25 -44.97
N ALA A 317 -9.35 0.07 -44.98
CA ALA A 317 -8.15 -0.17 -44.19
C ALA A 317 -7.03 0.76 -44.64
N ASN A 318 -6.24 1.22 -43.67
CA ASN A 318 -5.06 2.03 -43.94
C ASN A 318 -3.86 1.37 -43.27
N LYS A 319 -2.68 1.91 -43.56
CA LYS A 319 -1.43 1.33 -43.07
C LYS A 319 -1.07 1.81 -41.68
N ARG A 320 -1.96 2.55 -41.02
CA ARG A 320 -1.79 2.90 -39.61
C ARG A 320 -2.60 1.97 -38.70
N GLN A 321 -2.84 0.75 -39.15
CA GLN A 321 -3.51 -0.27 -38.34
C GLN A 321 -4.92 0.18 -37.95
N SER A 322 -5.59 0.88 -38.86
CA SER A 322 -6.94 1.34 -38.59
C SER A 322 -7.66 1.50 -39.92
N TYR A 323 -8.71 2.34 -39.93
CA TYR A 323 -9.59 2.49 -41.08
C TYR A 323 -9.94 3.95 -41.27
N ASP A 324 -10.09 4.35 -42.52
CA ASP A 324 -10.75 5.60 -42.86
C ASP A 324 -12.24 5.30 -43.02
N ILE A 325 -13.06 6.08 -42.33
CA ILE A 325 -14.50 5.83 -42.27
C ILE A 325 -15.21 6.84 -43.14
N SER A 326 -15.96 6.34 -44.12
CA SER A 326 -16.83 7.16 -44.95
C SER A 326 -18.28 6.78 -44.63
N ILE A 327 -19.07 7.77 -44.21
CA ILE A 327 -20.49 7.56 -43.94
C ILE A 327 -21.29 8.52 -44.80
N VAL A 328 -22.26 7.98 -45.54
N VAL A 328 -22.26 7.98 -45.52
CA VAL A 328 -23.20 8.76 -46.32
CA VAL A 328 -23.20 8.76 -46.32
C VAL A 328 -24.60 8.31 -45.96
C VAL A 328 -24.60 8.31 -45.96
N ALA A 329 -25.50 9.27 -45.79
CA ALA A 329 -26.86 8.96 -45.35
C ALA A 329 -27.83 9.98 -45.92
N GLN A 330 -29.04 9.52 -46.19
CA GLN A 330 -30.11 10.39 -46.64
C GLN A 330 -31.44 9.91 -46.07
N VAL A 331 -32.35 10.84 -45.87
CA VAL A 331 -33.74 10.52 -45.53
C VAL A 331 -34.48 10.37 -46.85
N ASP A 332 -34.91 9.14 -47.16
CA ASP A 332 -35.50 8.87 -48.47
C ASP A 332 -36.72 9.74 -48.72
N GLN A 333 -37.57 9.93 -47.70
CA GLN A 333 -38.81 10.66 -47.90
C GLN A 333 -38.59 12.13 -48.23
N THR A 334 -37.43 12.69 -47.92
CA THR A 334 -37.17 14.11 -48.15
C THR A 334 -36.00 14.39 -49.07
N GLY A 335 -35.10 13.43 -49.28
CA GLY A 335 -33.89 13.67 -50.04
C GLY A 335 -32.79 14.37 -49.28
N SER A 336 -33.06 14.82 -48.06
CA SER A 336 -32.02 15.45 -47.25
C SER A 336 -30.86 14.48 -47.07
N LYS A 337 -29.65 14.94 -47.43
CA LYS A 337 -28.48 14.10 -47.47
C LYS A 337 -27.40 14.65 -46.54
N SER A 338 -26.58 13.75 -46.01
CA SER A 338 -25.43 14.15 -45.22
C SER A 338 -24.38 13.06 -45.31
N SER A 339 -23.14 13.45 -45.03
CA SER A 339 -22.00 12.54 -45.08
C SER A 339 -21.04 12.89 -43.96
N ASN A 340 -19.93 12.17 -43.89
CA ASN A 340 -18.82 12.53 -43.03
C ASN A 340 -17.67 11.58 -43.30
N LEU A 341 -16.45 12.07 -43.05
CA LEU A 341 -15.23 11.30 -43.18
C LEU A 341 -14.51 11.32 -41.85
N LEU A 342 -14.15 10.15 -41.34
CA LEU A 342 -13.61 10.04 -39.99
C LEU A 342 -12.36 9.17 -39.98
N ASP A 343 -11.45 9.51 -39.07
CA ASP A 343 -10.18 8.83 -38.89
C ASP A 343 -10.29 7.98 -37.63
N LEU A 344 -10.49 6.67 -37.80
CA LEU A 344 -10.70 5.80 -36.66
C LEU A 344 -9.46 5.67 -35.79
N LYS A 345 -8.28 5.99 -36.32
CA LYS A 345 -7.05 5.86 -35.55
C LYS A 345 -6.91 6.92 -34.46
N ASN A 346 -7.62 8.05 -34.60
N ASN A 346 -7.63 8.04 -34.58
CA ASN A 346 -7.50 9.18 -33.68
CA ASN A 346 -7.49 9.15 -33.65
C ASN A 346 -8.89 9.55 -33.17
C ASN A 346 -8.87 9.56 -33.13
N PRO A 347 -9.47 8.74 -32.30
CA PRO A 347 -10.79 9.06 -31.73
C PRO A 347 -10.66 10.08 -30.62
N PHE A 348 -11.82 10.58 -30.19
CA PHE A 348 -11.93 11.45 -29.03
C PHE A 348 -12.53 10.64 -27.90
N PHE A 349 -11.76 10.44 -26.84
N PHE A 349 -11.77 10.44 -26.83
CA PHE A 349 -12.24 9.74 -25.65
CA PHE A 349 -12.26 9.74 -25.65
C PHE A 349 -12.99 10.74 -24.78
C PHE A 349 -12.98 10.75 -24.78
N ARG A 350 -14.32 10.71 -24.84
CA ARG A 350 -15.15 11.70 -24.17
C ARG A 350 -15.62 11.24 -22.79
N TYR A 351 -15.55 9.95 -22.50
CA TYR A 351 -16.05 9.43 -21.23
C TYR A 351 -15.38 10.12 -20.05
N THR A 352 -16.18 10.50 -19.06
CA THR A 352 -15.69 11.19 -17.88
C THR A 352 -15.79 10.29 -16.64
N ARG B 9 20.21 13.01 -43.32
CA ARG B 9 21.42 12.99 -42.51
C ARG B 9 21.59 14.32 -41.78
N SER B 10 20.46 14.91 -41.38
CA SER B 10 20.47 16.15 -40.62
C SER B 10 20.80 15.88 -39.16
N VAL B 11 21.09 16.96 -38.43
CA VAL B 11 21.29 16.84 -36.99
C VAL B 11 20.06 16.23 -36.32
N PHE B 12 18.87 16.62 -36.76
CA PHE B 12 17.64 16.12 -36.15
C PHE B 12 17.50 14.62 -36.36
N SER B 13 17.66 14.16 -37.61
CA SER B 13 17.43 12.76 -37.92
C SER B 13 18.49 11.87 -37.29
N GLU B 14 19.71 12.39 -37.08
CA GLU B 14 20.74 11.58 -36.45
C GLU B 14 20.41 11.29 -34.99
N ARG B 15 19.85 12.26 -34.28
CA ARG B 15 19.52 12.10 -32.87
C ARG B 15 18.09 11.64 -32.64
N THR B 16 17.27 11.49 -33.68
CA THR B 16 15.86 11.20 -33.53
C THR B 16 15.49 9.96 -34.32
N GLU B 17 14.80 9.04 -33.66
CA GLU B 17 14.21 7.88 -34.33
C GLU B 17 12.95 8.31 -35.07
N GLU B 18 12.82 7.87 -36.32
CA GLU B 18 11.73 8.38 -37.17
C GLU B 18 10.37 8.10 -36.55
N SER B 19 10.16 6.88 -36.04
CA SER B 19 8.87 6.55 -35.44
C SER B 19 8.50 7.53 -34.34
N SER B 20 9.50 8.01 -33.58
CA SER B 20 9.24 9.05 -32.59
C SER B 20 8.84 10.35 -33.26
N ALA B 21 9.53 10.73 -34.34
CA ALA B 21 9.27 12.02 -34.97
C ALA B 21 7.89 12.05 -35.64
N VAL B 22 7.49 10.94 -36.26
CA VAL B 22 6.20 10.91 -36.97
C VAL B 22 5.07 11.17 -35.98
N GLN B 23 5.04 10.45 -34.87
N GLN B 23 5.04 10.42 -34.88
CA GLN B 23 3.99 10.65 -33.88
CA GLN B 23 4.02 10.61 -33.86
C GLN B 23 4.13 12.00 -33.20
C GLN B 23 4.14 12.01 -33.23
N TYR B 24 5.36 12.46 -32.98
CA TYR B 24 5.57 13.76 -32.36
C TYR B 24 4.94 14.88 -33.17
N PHE B 25 5.27 14.94 -34.47
CA PHE B 25 4.78 16.04 -35.30
C PHE B 25 3.32 15.87 -35.67
N GLN B 26 2.81 14.63 -35.70
CA GLN B 26 1.37 14.43 -35.87
C GLN B 26 0.61 15.09 -34.73
N PHE B 27 1.07 14.91 -33.49
CA PHE B 27 0.42 15.54 -32.35
C PHE B 27 0.33 17.06 -32.53
N TYR B 28 1.40 17.68 -33.00
CA TYR B 28 1.43 19.12 -33.15
C TYR B 28 0.74 19.61 -34.42
N GLY B 29 0.23 18.70 -35.25
CA GLY B 29 -0.57 19.10 -36.38
C GLY B 29 -2.03 19.34 -36.07
N TYR B 30 -2.46 19.09 -34.84
CA TYR B 30 -3.86 19.21 -34.47
C TYR B 30 -4.13 20.60 -33.91
N LEU B 31 -5.14 21.27 -34.47
CA LEU B 31 -5.53 22.59 -33.98
C LEU B 31 -5.98 22.53 -32.52
N SER B 32 -6.55 21.40 -32.09
CA SER B 32 -6.97 21.30 -30.69
C SER B 32 -5.79 21.40 -29.74
N GLN B 33 -4.61 20.93 -30.16
CA GLN B 33 -3.43 21.06 -29.30
C GLN B 33 -2.91 22.51 -29.29
N GLN B 34 -3.01 23.21 -30.42
CA GLN B 34 -2.68 24.64 -30.41
C GLN B 34 -3.59 25.39 -29.45
N GLN B 35 -4.90 25.12 -29.53
CA GLN B 35 -5.84 25.77 -28.63
C GLN B 35 -5.49 25.52 -27.17
N ASN B 36 -5.12 24.29 -26.84
CA ASN B 36 -4.79 23.96 -25.45
C ASN B 36 -3.66 24.85 -24.94
N MET B 37 -2.61 25.04 -25.75
CA MET B 37 -1.49 25.88 -25.32
C MET B 37 -1.88 27.34 -25.35
N MET B 38 -2.54 27.79 -26.42
CA MET B 38 -2.86 29.21 -26.56
C MET B 38 -3.76 29.68 -25.43
N GLN B 39 -4.66 28.81 -24.96
CA GLN B 39 -5.57 29.17 -23.87
C GLN B 39 -4.87 29.22 -22.51
N ASP B 40 -3.63 28.76 -22.41
CA ASP B 40 -2.83 29.00 -21.21
C ASP B 40 -2.50 30.50 -21.19
N TYR B 41 -3.32 31.28 -20.48
CA TYR B 41 -3.16 32.72 -20.54
C TYR B 41 -1.85 33.19 -19.91
N VAL B 42 -1.37 32.48 -18.89
CA VAL B 42 -0.06 32.81 -18.32
C VAL B 42 1.02 32.66 -19.38
N ARG B 43 1.00 31.52 -20.08
CA ARG B 43 1.99 31.26 -21.12
C ARG B 43 1.90 32.30 -22.24
N THR B 44 0.69 32.50 -22.79
CA THR B 44 0.54 33.38 -23.94
C THR B 44 0.68 34.84 -23.52
N GLY B 45 0.11 35.21 -22.38
CA GLY B 45 0.22 36.58 -21.91
C GLY B 45 1.64 36.99 -21.61
N THR B 46 2.40 36.08 -20.98
CA THR B 46 3.79 36.41 -20.63
C THR B 46 4.66 36.54 -21.86
N TYR B 47 4.47 35.65 -22.84
CA TYR B 47 5.21 35.78 -24.09
C TYR B 47 4.93 37.13 -24.76
N GLN B 48 3.65 37.52 -24.84
CA GLN B 48 3.33 38.81 -25.45
C GLN B 48 3.92 39.95 -24.63
N ARG B 49 3.90 39.82 -23.31
CA ARG B 49 4.47 40.86 -22.45
C ARG B 49 5.97 40.98 -22.67
N ALA B 50 6.67 39.83 -22.73
CA ALA B 50 8.12 39.86 -22.93
C ALA B 50 8.50 40.51 -24.25
N ILE B 51 7.66 40.33 -25.28
CA ILE B 51 7.98 40.84 -26.61
C ILE B 51 7.58 42.31 -26.73
N LEU B 52 6.37 42.66 -26.29
CA LEU B 52 5.90 44.03 -26.45
C LEU B 52 6.62 44.99 -25.50
N GLN B 53 6.94 44.54 -24.28
CA GLN B 53 7.67 45.41 -23.36
C GLN B 53 9.11 45.60 -23.80
N ASN B 54 9.64 44.70 -24.62
CA ASN B 54 10.97 44.84 -25.21
C ASN B 54 10.87 45.09 -26.71
N HIS B 55 10.00 46.01 -27.12
CA HIS B 55 9.75 46.22 -28.54
C HIS B 55 11.01 46.66 -29.28
N THR B 56 11.90 47.40 -28.62
CA THR B 56 13.12 47.85 -29.30
C THR B 56 13.97 46.68 -29.76
N ASP B 57 13.90 45.55 -29.05
CA ASP B 57 14.62 44.35 -29.49
C ASP B 57 14.03 43.74 -30.76
N PHE B 58 12.90 44.26 -31.23
CA PHE B 58 12.23 43.74 -32.42
C PHE B 58 12.03 44.79 -33.50
N LYS B 59 11.94 46.06 -33.15
CA LYS B 59 11.61 47.10 -34.12
C LYS B 59 12.60 47.09 -35.27
N ASP B 60 12.10 46.81 -36.48
CA ASP B 60 12.91 46.82 -37.70
C ASP B 60 14.05 45.81 -37.64
N LYS B 61 13.84 44.70 -36.93
CA LYS B 61 14.82 43.64 -36.80
C LYS B 61 14.34 42.40 -37.55
N ILE B 62 15.30 41.52 -37.85
CA ILE B 62 15.00 40.23 -38.46
C ILE B 62 14.84 39.19 -37.35
N VAL B 63 13.75 38.43 -37.42
CA VAL B 63 13.38 37.50 -36.36
C VAL B 63 13.28 36.09 -36.94
N LEU B 64 13.72 35.11 -36.14
CA LEU B 64 13.47 33.70 -36.41
C LEU B 64 12.57 33.14 -35.33
N ASP B 65 11.47 32.51 -35.73
CA ASP B 65 10.53 31.88 -34.81
C ASP B 65 10.65 30.38 -35.00
N VAL B 66 11.25 29.70 -34.01
CA VAL B 66 11.52 28.27 -34.10
C VAL B 66 10.35 27.50 -33.48
N GLY B 67 9.71 26.66 -34.28
CA GLY B 67 8.58 25.88 -33.81
C GLY B 67 7.37 26.76 -33.58
N CYS B 68 7.01 27.54 -34.61
CA CYS B 68 6.03 28.61 -34.47
C CYS B 68 4.60 28.12 -34.33
N GLY B 69 4.34 26.84 -34.57
CA GLY B 69 2.97 26.35 -34.56
C GLY B 69 2.07 27.20 -35.43
N SER B 70 1.03 27.76 -34.83
CA SER B 70 0.09 28.61 -35.56
C SER B 70 0.61 30.01 -35.80
N GLY B 71 1.77 30.37 -35.24
CA GLY B 71 2.43 31.62 -35.54
C GLY B 71 2.26 32.73 -34.51
N ILE B 72 1.70 32.43 -33.34
CA ILE B 72 1.31 33.49 -32.41
C ILE B 72 2.50 34.35 -32.03
N LEU B 73 3.64 33.72 -31.73
CA LEU B 73 4.82 34.51 -31.37
C LEU B 73 5.29 35.38 -32.53
N SER B 74 5.15 34.88 -33.77
CA SER B 74 5.50 35.72 -34.92
C SER B 74 4.59 36.93 -35.02
N PHE B 75 3.30 36.76 -34.73
CA PHE B 75 2.40 37.91 -34.71
C PHE B 75 2.80 38.90 -33.62
N PHE B 76 3.21 38.39 -32.45
CA PHE B 76 3.68 39.28 -31.40
C PHE B 76 4.90 40.06 -31.85
N ALA B 77 5.86 39.38 -32.48
CA ALA B 77 7.03 40.07 -33.01
C ALA B 77 6.64 41.12 -34.04
N ALA B 78 5.63 40.83 -34.87
CA ALA B 78 5.17 41.82 -35.84
C ALA B 78 4.51 43.00 -35.14
N GLN B 79 3.77 42.74 -34.06
CA GLN B 79 3.19 43.83 -33.28
C GLN B 79 4.28 44.74 -32.73
N ALA B 80 5.43 44.17 -32.37
CA ALA B 80 6.56 44.94 -31.86
C ALA B 80 7.37 45.60 -32.97
N GLY B 81 6.92 45.52 -34.22
CA GLY B 81 7.54 46.25 -35.31
C GLY B 81 8.67 45.56 -36.03
N ALA B 82 8.73 44.23 -35.98
CA ALA B 82 9.78 43.50 -36.68
C ALA B 82 9.67 43.74 -38.19
N ARG B 83 10.82 43.87 -38.85
CA ARG B 83 10.82 44.06 -40.30
C ARG B 83 10.49 42.76 -41.01
N LYS B 84 11.09 41.65 -40.59
CA LYS B 84 10.92 40.38 -41.28
C LYS B 84 11.01 39.27 -40.25
N ILE B 85 10.05 38.34 -40.28
CA ILE B 85 9.96 37.24 -39.34
C ILE B 85 9.90 35.94 -40.12
N TYR B 86 10.89 35.08 -39.93
CA TYR B 86 10.89 33.74 -40.51
C TYR B 86 10.35 32.76 -39.48
N ALA B 87 9.24 32.11 -39.82
CA ALA B 87 8.48 31.28 -38.88
C ALA B 87 8.59 29.83 -39.34
N VAL B 88 9.40 29.04 -38.63
CA VAL B 88 9.70 27.67 -39.02
C VAL B 88 8.87 26.71 -38.18
N GLU B 89 8.22 25.76 -38.85
CA GLU B 89 7.43 24.73 -38.19
C GLU B 89 7.50 23.46 -39.03
N ALA B 90 7.85 22.35 -38.39
CA ALA B 90 7.99 21.07 -39.08
C ALA B 90 6.67 20.30 -39.19
N SER B 91 5.68 20.64 -38.38
CA SER B 91 4.39 19.96 -38.46
C SER B 91 3.50 20.61 -39.51
N THR B 92 2.39 19.93 -39.80
CA THR B 92 1.42 20.47 -40.76
C THR B 92 0.76 21.75 -40.26
N MET B 93 0.94 22.10 -38.98
CA MET B 93 0.44 23.38 -38.48
C MET B 93 1.01 24.55 -39.25
N ALA B 94 2.12 24.35 -39.96
CA ALA B 94 2.70 25.44 -40.74
C ALA B 94 1.71 25.95 -41.78
N GLN B 95 0.94 25.04 -42.39
CA GLN B 95 -0.05 25.46 -43.38
C GLN B 95 -1.15 26.30 -42.73
N HIS B 96 -1.51 26.02 -41.48
CA HIS B 96 -2.48 26.86 -40.78
C HIS B 96 -1.87 28.21 -40.43
N ALA B 97 -0.58 28.25 -40.11
CA ALA B 97 0.08 29.52 -39.84
C ALA B 97 0.04 30.42 -41.06
N GLU B 98 0.24 29.84 -42.25
N GLU B 98 0.21 29.85 -42.25
CA GLU B 98 0.15 30.62 -43.49
CA GLU B 98 0.16 30.66 -43.47
C GLU B 98 -1.22 31.26 -43.65
C GLU B 98 -1.22 31.26 -43.67
N VAL B 99 -2.28 30.50 -43.35
CA VAL B 99 -3.64 31.03 -43.49
C VAL B 99 -3.83 32.23 -42.59
N LEU B 100 -3.31 32.17 -41.36
CA LEU B 100 -3.47 33.30 -40.44
C LEU B 100 -2.65 34.50 -40.89
N VAL B 101 -1.44 34.26 -41.42
CA VAL B 101 -0.63 35.37 -41.90
C VAL B 101 -1.35 36.13 -43.00
N LYS B 102 -1.96 35.41 -43.94
CA LYS B 102 -2.68 36.07 -45.01
C LYS B 102 -3.94 36.76 -44.49
N SER B 103 -4.73 36.05 -43.69
CA SER B 103 -5.97 36.64 -43.18
C SER B 103 -5.71 37.82 -42.26
N ASN B 104 -4.51 37.93 -41.68
CA ASN B 104 -4.14 39.07 -40.86
C ASN B 104 -3.34 40.11 -41.63
N ASN B 105 -3.20 39.95 -42.94
CA ASN B 105 -2.57 40.95 -43.81
C ASN B 105 -1.12 41.22 -43.39
N LEU B 106 -0.38 40.14 -43.15
CA LEU B 106 1.01 40.23 -42.75
C LEU B 106 1.90 39.38 -43.64
N THR B 107 1.46 39.17 -44.89
CA THR B 107 2.27 38.44 -45.86
C THR B 107 3.61 39.14 -46.10
N ASP B 108 3.66 40.45 -45.90
CA ASP B 108 4.86 41.22 -46.17
C ASP B 108 5.89 41.15 -45.04
N ARG B 109 5.57 40.50 -43.92
CA ARG B 109 6.49 40.53 -42.79
C ARG B 109 6.71 39.16 -42.15
N ILE B 110 5.74 38.25 -42.24
CA ILE B 110 5.87 36.92 -41.67
C ILE B 110 5.95 35.91 -42.81
N VAL B 111 7.08 35.22 -42.91
CA VAL B 111 7.33 34.24 -43.96
C VAL B 111 7.40 32.87 -43.28
N VAL B 112 6.36 32.07 -43.46
CA VAL B 112 6.33 30.72 -42.91
C VAL B 112 7.25 29.84 -43.76
N ILE B 113 8.17 29.15 -43.10
CA ILE B 113 9.09 28.23 -43.76
C ILE B 113 8.88 26.84 -43.14
N PRO B 114 8.16 25.95 -43.81
CA PRO B 114 7.87 24.64 -43.22
C PRO B 114 9.06 23.69 -43.28
N GLY B 115 9.19 22.87 -42.25
CA GLY B 115 10.26 21.92 -42.11
C GLY B 115 10.88 21.99 -40.74
N LYS B 116 11.92 21.17 -40.56
CA LYS B 116 12.67 21.18 -39.31
C LYS B 116 13.76 22.24 -39.41
N VAL B 117 13.97 22.97 -38.30
CA VAL B 117 14.94 24.05 -38.30
C VAL B 117 16.33 23.54 -38.59
N GLU B 118 16.59 22.25 -38.38
CA GLU B 118 17.88 21.66 -38.71
C GLU B 118 18.02 21.37 -40.21
N GLU B 119 16.95 21.50 -40.99
CA GLU B 119 16.96 21.09 -42.39
C GLU B 119 16.57 22.18 -43.37
N VAL B 120 15.83 23.21 -42.93
CA VAL B 120 15.41 24.27 -43.83
C VAL B 120 16.59 25.16 -44.15
N SER B 121 16.38 26.15 -45.02
CA SER B 121 17.38 27.14 -45.36
C SER B 121 16.77 28.53 -45.21
N LEU B 122 17.42 29.40 -44.40
CA LEU B 122 16.94 30.75 -44.25
C LEU B 122 17.65 31.70 -45.20
N PRO B 123 16.99 32.74 -45.69
CA PRO B 123 17.65 33.64 -46.65
C PRO B 123 18.68 34.57 -46.03
N GLU B 124 18.69 34.74 -44.71
CA GLU B 124 19.59 35.71 -44.08
C GLU B 124 19.72 35.40 -42.61
N GLN B 125 20.78 35.96 -42.01
CA GLN B 125 20.95 35.87 -40.57
C GLN B 125 19.96 36.78 -39.86
N VAL B 126 19.66 36.46 -38.60
CA VAL B 126 18.61 37.13 -37.85
C VAL B 126 19.21 37.82 -36.64
N ASP B 127 18.45 38.78 -36.10
CA ASP B 127 18.87 39.54 -34.93
C ASP B 127 18.47 38.89 -33.62
N ILE B 128 17.36 38.15 -33.62
CA ILE B 128 16.83 37.56 -32.40
C ILE B 128 16.03 36.33 -32.77
N ILE B 129 16.18 35.27 -31.97
CA ILE B 129 15.41 34.04 -32.12
C ILE B 129 14.37 34.01 -31.01
N ILE B 130 13.14 33.68 -31.37
CA ILE B 130 12.08 33.48 -30.40
C ILE B 130 11.57 32.05 -30.57
N SER B 131 11.15 31.44 -29.47
CA SER B 131 10.68 30.07 -29.52
C SER B 131 10.03 29.73 -28.20
N GLU B 132 9.25 28.64 -28.21
CA GLU B 132 8.76 27.99 -27.00
C GLU B 132 9.30 26.57 -27.01
N PRO B 133 10.57 26.40 -26.65
CA PRO B 133 11.18 25.06 -26.68
C PRO B 133 11.02 24.24 -25.41
N MET B 134 10.24 24.70 -24.45
CA MET B 134 10.17 24.06 -23.14
C MET B 134 9.08 22.98 -23.15
N GLY B 135 9.47 21.74 -22.88
CA GLY B 135 8.53 20.70 -22.51
C GLY B 135 8.36 20.66 -21.01
N TYR B 136 7.52 19.74 -20.54
CA TYR B 136 7.40 19.57 -19.11
C TYR B 136 8.73 19.12 -18.55
N MET B 137 9.06 19.63 -17.36
CA MET B 137 10.39 19.50 -16.77
C MET B 137 11.45 20.21 -17.63
N LEU B 138 11.01 21.09 -18.52
CA LEU B 138 11.87 21.87 -19.41
C LEU B 138 12.45 21.04 -20.55
N PHE B 139 13.11 19.93 -20.23
CA PHE B 139 13.96 19.25 -21.19
C PHE B 139 13.22 18.26 -22.10
N ASN B 140 12.05 17.78 -21.71
CA ASN B 140 11.33 16.83 -22.55
C ASN B 140 11.11 17.44 -23.94
N GLU B 141 11.08 16.57 -24.95
CA GLU B 141 10.90 16.92 -26.36
C GLU B 141 12.23 17.22 -27.04
N ARG B 142 13.27 17.51 -26.26
CA ARG B 142 14.57 17.88 -26.80
C ARG B 142 14.45 18.99 -27.83
N MET B 143 13.43 19.84 -27.69
CA MET B 143 13.29 21.00 -28.56
C MET B 143 14.31 22.08 -28.22
N LEU B 144 14.87 22.05 -27.00
CA LEU B 144 15.93 22.99 -26.66
C LEU B 144 17.13 22.86 -27.59
N GLU B 145 17.42 21.63 -28.04
CA GLU B 145 18.56 21.43 -28.92
C GLU B 145 18.31 22.02 -30.30
N SER B 146 17.08 21.94 -30.79
CA SER B 146 16.72 22.62 -32.03
C SER B 146 16.83 24.12 -31.86
N TYR B 147 16.36 24.63 -30.72
CA TYR B 147 16.49 26.05 -30.41
C TYR B 147 17.95 26.49 -30.44
N LEU B 148 18.82 25.76 -29.72
CA LEU B 148 20.24 26.07 -29.77
C LEU B 148 20.81 25.90 -31.16
N HIS B 149 20.36 24.88 -31.88
CA HIS B 149 20.83 24.65 -33.24
C HIS B 149 20.56 25.85 -34.13
N ALA B 150 19.42 26.51 -33.92
CA ALA B 150 19.04 27.65 -34.74
C ALA B 150 19.99 28.84 -34.60
N LYS B 151 20.89 28.82 -33.62
CA LYS B 151 21.82 29.94 -33.45
C LYS B 151 22.80 30.04 -34.61
N LYS B 152 22.92 29.02 -35.46
CA LYS B 152 23.72 29.15 -36.67
C LYS B 152 23.20 30.29 -37.55
N TYR B 153 21.93 30.64 -37.42
CA TYR B 153 21.36 31.77 -38.15
C TYR B 153 21.38 33.07 -37.36
N LEU B 154 21.91 33.06 -36.14
CA LEU B 154 21.87 34.23 -35.27
C LEU B 154 23.12 35.08 -35.50
N LYS B 155 22.92 36.40 -35.60
CA LYS B 155 24.03 37.33 -35.70
C LYS B 155 24.88 37.28 -34.43
N PRO B 156 26.12 37.75 -34.48
CA PRO B 156 26.96 37.73 -33.27
C PRO B 156 26.38 38.53 -32.12
N SER B 157 25.79 39.69 -32.40
CA SER B 157 25.17 40.52 -31.36
C SER B 157 23.72 40.13 -31.10
N GLY B 158 23.31 38.92 -31.50
CA GLY B 158 21.92 38.54 -31.43
C GLY B 158 21.47 38.14 -30.04
N ASN B 159 20.16 38.03 -29.89
CA ASN B 159 19.54 37.70 -28.61
C ASN B 159 18.64 36.48 -28.77
N MET B 160 18.26 35.90 -27.63
CA MET B 160 17.42 34.71 -27.58
C MET B 160 16.26 34.97 -26.63
N PHE B 161 15.05 34.65 -27.09
CA PHE B 161 13.83 34.80 -26.29
C PHE B 161 13.11 33.46 -26.28
N PRO B 162 13.19 32.67 -25.19
CA PRO B 162 13.81 32.97 -23.90
C PRO B 162 15.34 32.99 -23.93
N THR B 163 15.93 33.65 -22.94
CA THR B 163 17.37 33.81 -22.85
C THR B 163 18.03 32.77 -21.97
N ILE B 164 17.39 32.40 -20.86
CA ILE B 164 17.90 31.36 -19.96
C ILE B 164 16.72 30.52 -19.47
N GLY B 165 17.06 29.31 -19.04
CA GLY B 165 16.09 28.45 -18.37
C GLY B 165 16.62 27.96 -17.04
N ASP B 166 15.84 28.12 -15.98
CA ASP B 166 16.18 27.63 -14.66
C ASP B 166 15.31 26.41 -14.36
N VAL B 167 15.96 25.28 -14.07
CA VAL B 167 15.27 24.10 -13.57
C VAL B 167 15.44 24.05 -12.05
N HIS B 168 14.33 23.97 -11.34
CA HIS B 168 14.33 23.84 -9.89
C HIS B 168 13.92 22.42 -9.52
N LEU B 169 14.53 21.90 -8.45
CA LEU B 169 14.12 20.63 -7.88
C LEU B 169 14.18 20.73 -6.36
N ALA B 170 13.25 20.05 -5.70
CA ALA B 170 13.17 20.05 -4.25
C ALA B 170 12.53 18.75 -3.78
N PRO B 171 12.91 18.26 -2.62
CA PRO B 171 12.27 17.03 -2.10
C PRO B 171 10.87 17.33 -1.58
N PHE B 172 9.97 16.38 -1.78
CA PHE B 172 8.60 16.50 -1.32
C PHE B 172 8.20 15.30 -0.48
N THR B 173 7.11 15.46 0.27
CA THR B 173 6.47 14.37 0.99
C THR B 173 5.02 14.32 0.55
N ASP B 174 4.58 13.16 0.07
CA ASP B 174 3.20 12.99 -0.37
C ASP B 174 2.81 11.52 -0.27
N GLU B 175 2.57 11.04 0.95
CA GLU B 175 2.27 9.64 1.17
C GLU B 175 1.10 9.17 0.30
N GLN B 176 0.12 10.04 0.07
CA GLN B 176 -1.05 9.64 -0.71
C GLN B 176 -0.66 9.32 -2.15
N LEU B 177 0.13 10.20 -2.76
CA LEU B 177 0.59 9.94 -4.13
C LEU B 177 1.37 8.63 -4.21
N TYR B 178 2.25 8.41 -3.24
CA TYR B 178 3.04 7.18 -3.20
C TYR B 178 2.14 5.96 -3.08
N MET B 179 1.21 5.98 -2.14
CA MET B 179 0.27 4.88 -1.98
C MET B 179 -0.59 4.70 -3.22
N GLU B 180 -0.98 5.82 -3.85
CA GLU B 180 -1.79 5.74 -5.06
C GLU B 180 -1.08 4.95 -6.15
N GLN B 181 0.19 5.26 -6.39
CA GLN B 181 0.95 4.53 -7.42
C GLN B 181 1.22 3.10 -6.99
N PHE B 182 1.54 2.89 -5.70
CA PHE B 182 1.87 1.54 -5.26
C PHE B 182 0.64 0.64 -5.24
N THR B 183 -0.55 1.21 -5.07
CA THR B 183 -1.77 0.43 -5.14
C THR B 183 -1.99 -0.13 -6.55
N LYS B 184 -1.66 0.65 -7.58
CA LYS B 184 -1.79 0.17 -8.94
C LYS B 184 -0.83 -0.99 -9.21
N ALA B 185 0.42 -0.85 -8.77
CA ALA B 185 1.39 -1.92 -8.98
C ALA B 185 1.01 -3.18 -8.23
N ASN B 186 0.28 -3.05 -7.11
CA ASN B 186 -0.08 -4.20 -6.30
C ASN B 186 -1.13 -5.08 -6.96
N PHE B 187 -1.68 -4.67 -8.10
CA PHE B 187 -2.51 -5.58 -8.88
C PHE B 187 -1.72 -6.83 -9.27
N TRP B 188 -0.45 -6.65 -9.61
CA TRP B 188 0.43 -7.73 -10.01
C TRP B 188 1.03 -8.48 -8.83
N TYR B 189 0.43 -8.30 -7.65
CA TYR B 189 0.79 -9.04 -6.45
C TYR B 189 -0.13 -10.24 -6.22
N GLN B 190 -1.28 -10.28 -6.89
CA GLN B 190 -2.27 -11.31 -6.65
C GLN B 190 -1.70 -12.69 -6.99
N PRO B 191 -1.88 -13.68 -6.12
CA PRO B 191 -1.48 -15.05 -6.48
C PRO B 191 -2.56 -15.87 -7.15
N SER B 192 -3.75 -15.32 -7.40
CA SER B 192 -4.81 -16.09 -8.03
C SER B 192 -5.81 -15.19 -8.74
N PHE B 193 -5.32 -14.38 -9.69
CA PHE B 193 -6.20 -13.59 -10.55
C PHE B 193 -6.89 -14.53 -11.52
N HIS B 194 -8.19 -14.75 -11.33
CA HIS B 194 -8.93 -15.75 -12.09
C HIS B 194 -8.18 -17.08 -12.08
N GLY B 195 -7.55 -17.39 -10.95
CA GLY B 195 -6.80 -18.61 -10.80
C GLY B 195 -5.39 -18.57 -11.33
N VAL B 196 -4.86 -17.39 -11.65
CA VAL B 196 -3.53 -17.25 -12.25
C VAL B 196 -2.66 -16.46 -11.29
N ASP B 197 -1.47 -16.98 -11.01
CA ASP B 197 -0.54 -16.34 -10.10
C ASP B 197 0.26 -15.29 -10.87
N LEU B 198 0.05 -14.02 -10.52
CA LEU B 198 0.72 -12.90 -11.17
C LEU B 198 1.92 -12.40 -10.39
N SER B 199 2.18 -12.95 -9.21
CA SER B 199 3.11 -12.32 -8.27
C SER B 199 4.51 -12.19 -8.84
N ALA B 200 4.90 -13.07 -9.76
CA ALA B 200 6.26 -13.01 -10.30
C ALA B 200 6.54 -11.69 -11.02
N LEU B 201 5.50 -11.05 -11.55
CA LEU B 201 5.66 -9.77 -12.24
C LEU B 201 5.52 -8.58 -11.30
N ARG B 202 5.21 -8.82 -10.03
CA ARG B 202 5.06 -7.74 -9.06
C ARG B 202 6.22 -6.75 -9.14
N GLY B 203 7.45 -7.25 -9.19
CA GLY B 203 8.60 -6.36 -9.23
C GLY B 203 8.61 -5.48 -10.46
N ALA B 204 8.41 -6.09 -11.64
CA ALA B 204 8.43 -5.32 -12.88
C ALA B 204 7.31 -4.27 -12.88
N ALA B 205 6.16 -4.60 -12.30
CA ALA B 205 5.06 -3.65 -12.25
C ALA B 205 5.45 -2.42 -11.45
N VAL B 206 5.95 -2.61 -10.22
CA VAL B 206 6.40 -1.49 -9.41
C VAL B 206 7.41 -0.65 -10.19
N ASP B 207 8.38 -1.31 -10.82
CA ASP B 207 9.37 -0.58 -11.61
C ASP B 207 8.70 0.25 -12.70
N GLU B 208 7.76 -0.35 -13.43
CA GLU B 208 7.09 0.37 -14.51
C GLU B 208 6.37 1.60 -13.97
N TYR B 209 5.53 1.42 -12.95
CA TYR B 209 4.72 2.53 -12.47
C TYR B 209 5.58 3.67 -11.91
N PHE B 210 6.67 3.32 -11.23
CA PHE B 210 7.48 4.34 -10.57
C PHE B 210 8.51 4.98 -11.50
N ARG B 211 8.74 4.43 -12.69
CA ARG B 211 9.50 5.13 -13.71
C ARG B 211 8.68 6.22 -14.40
N GLN B 212 7.39 6.32 -14.10
CA GLN B 212 6.54 7.34 -14.69
C GLN B 212 6.66 8.63 -13.88
N PRO B 213 7.09 9.75 -14.49
CA PRO B 213 6.98 11.04 -13.79
C PRO B 213 5.52 11.44 -13.63
N VAL B 214 5.20 12.00 -12.47
CA VAL B 214 3.84 12.42 -12.17
C VAL B 214 3.71 13.89 -12.55
N VAL B 215 2.84 14.17 -13.51
CA VAL B 215 2.62 15.53 -14.02
C VAL B 215 1.31 16.02 -13.44
N ASP B 216 1.40 16.95 -12.49
CA ASP B 216 0.24 17.59 -11.89
C ASP B 216 0.78 18.71 -11.01
N THR B 217 -0.12 19.37 -10.30
CA THR B 217 0.26 20.42 -9.37
C THR B 217 0.04 19.94 -7.93
N PHE B 218 0.64 20.67 -6.99
CA PHE B 218 0.59 20.30 -5.59
C PHE B 218 0.70 21.54 -4.74
N ASP B 219 0.34 21.40 -3.47
CA ASP B 219 0.50 22.49 -2.51
C ASP B 219 1.96 22.58 -2.07
N ILE B 220 2.47 23.82 -2.02
CA ILE B 220 3.88 24.05 -1.73
C ILE B 220 4.29 23.57 -0.35
N ARG B 221 3.32 23.29 0.53
CA ARG B 221 3.66 22.85 1.88
C ARG B 221 4.17 21.41 1.91
N ILE B 222 4.10 20.68 0.79
CA ILE B 222 4.68 19.34 0.75
C ILE B 222 6.18 19.36 0.51
N LEU B 223 6.75 20.52 0.19
CA LEU B 223 8.19 20.63 -0.04
C LEU B 223 8.92 20.71 1.29
N MET B 224 10.01 19.94 1.40
CA MET B 224 10.72 19.77 2.65
C MET B 224 12.07 20.48 2.68
N ALA B 225 12.43 21.22 1.63
CA ALA B 225 13.68 21.95 1.62
C ALA B 225 13.65 22.95 0.48
N LYS B 226 14.48 23.98 0.59
CA LYS B 226 14.59 24.97 -0.46
C LYS B 226 15.12 24.31 -1.74
N SER B 227 14.55 24.71 -2.86
CA SER B 227 14.90 24.10 -4.14
C SER B 227 16.34 24.45 -4.51
N VAL B 228 16.98 23.53 -5.25
CA VAL B 228 18.24 23.80 -5.91
C VAL B 228 17.95 24.12 -7.36
N LYS B 229 18.80 24.96 -7.96
CA LYS B 229 18.56 25.53 -9.27
C LYS B 229 19.63 25.08 -10.24
N TYR B 230 19.21 24.68 -11.44
CA TYR B 230 20.14 24.37 -12.53
C TYR B 230 19.78 25.27 -13.71
N THR B 231 20.75 26.06 -14.17
CA THR B 231 20.52 27.11 -15.15
C THR B 231 21.17 26.74 -16.47
N VAL B 232 20.40 26.85 -17.55
CA VAL B 232 20.91 26.74 -18.92
C VAL B 232 20.86 28.13 -19.54
N ASN B 233 22.01 28.63 -20.00
CA ASN B 233 22.08 29.91 -20.69
C ASN B 233 22.00 29.64 -22.18
N PHE B 234 20.84 29.95 -22.78
CA PHE B 234 20.63 29.66 -24.19
C PHE B 234 21.52 30.48 -25.10
N LEU B 235 21.99 31.65 -24.64
CA LEU B 235 22.91 32.43 -25.45
C LEU B 235 24.27 31.75 -25.58
N GLU B 236 24.70 31.01 -24.57
CA GLU B 236 26.04 30.43 -24.55
C GLU B 236 26.05 28.94 -24.83
N ALA B 237 24.98 28.22 -24.50
CA ALA B 237 25.01 26.77 -24.56
C ALA B 237 25.04 26.28 -26.01
N LYS B 238 25.54 25.06 -26.18
CA LYS B 238 25.58 24.38 -27.46
C LYS B 238 24.72 23.11 -27.38
N GLU B 239 24.30 22.64 -28.56
CA GLU B 239 23.46 21.44 -28.62
C GLU B 239 24.03 20.31 -27.77
N GLY B 240 25.30 19.99 -27.99
CA GLY B 240 25.91 18.87 -27.30
C GLY B 240 25.84 18.96 -25.79
N ASP B 241 25.65 20.17 -25.26
CA ASP B 241 25.58 20.33 -23.81
C ASP B 241 24.36 19.64 -23.22
N LEU B 242 23.33 19.38 -24.01
CA LEU B 242 22.08 18.80 -23.52
C LEU B 242 22.00 17.29 -23.74
N HIS B 243 23.07 16.67 -24.24
CA HIS B 243 23.07 15.22 -24.41
C HIS B 243 23.20 14.52 -23.06
N ARG B 244 24.00 15.07 -22.16
CA ARG B 244 24.19 14.52 -20.81
C ARG B 244 24.11 15.68 -19.83
N ILE B 245 23.05 15.71 -19.03
CA ILE B 245 22.80 16.79 -18.08
C ILE B 245 22.91 16.20 -16.67
N GLU B 246 23.86 16.70 -15.89
CA GLU B 246 24.14 16.19 -14.55
C GLU B 246 23.85 17.30 -13.55
N ILE B 247 22.83 17.10 -12.72
CA ILE B 247 22.40 18.11 -11.75
C ILE B 247 22.65 17.58 -10.35
N PRO B 248 23.82 17.86 -9.75
CA PRO B 248 24.01 17.49 -8.34
C PRO B 248 23.17 18.37 -7.43
N PHE B 249 22.90 17.85 -6.24
CA PHE B 249 22.06 18.57 -5.30
C PHE B 249 22.45 18.20 -3.88
N LYS B 250 22.30 19.17 -2.98
CA LYS B 250 22.46 18.96 -1.54
C LYS B 250 21.37 19.77 -0.85
N PHE B 251 20.35 19.09 -0.34
CA PHE B 251 19.23 19.74 0.31
C PHE B 251 19.45 19.78 1.82
N HIS B 252 19.16 20.93 2.42
CA HIS B 252 19.14 21.07 3.87
C HIS B 252 17.68 20.96 4.31
N MET B 253 17.33 19.82 4.88
CA MET B 253 15.94 19.52 5.17
C MET B 253 15.38 20.48 6.22
N LEU B 254 14.28 21.14 5.88
CA LEU B 254 13.64 22.07 6.80
C LEU B 254 12.57 21.43 7.66
N HIS B 255 12.10 20.24 7.29
CA HIS B 255 11.10 19.53 8.06
C HIS B 255 11.47 18.05 8.12
N SER B 256 11.05 17.40 9.20
CA SER B 256 11.21 15.96 9.31
C SER B 256 10.06 15.26 8.57
N GLY B 257 10.30 14.00 8.21
CA GLY B 257 9.28 13.21 7.56
C GLY B 257 9.88 12.37 6.45
N LEU B 258 8.99 11.72 5.71
CA LEU B 258 9.36 10.82 4.63
C LEU B 258 9.50 11.61 3.33
N VAL B 259 10.67 11.50 2.71
CA VAL B 259 10.92 12.11 1.40
C VAL B 259 10.48 11.09 0.35
N HIS B 260 9.32 11.32 -0.25
CA HIS B 260 8.80 10.39 -1.24
C HIS B 260 9.38 10.61 -2.64
N GLY B 261 10.06 11.72 -2.87
CA GLY B 261 10.67 11.96 -4.17
C GLY B 261 11.11 13.41 -4.29
N LEU B 262 11.40 13.79 -5.54
CA LEU B 262 11.80 15.15 -5.88
C LEU B 262 10.78 15.75 -6.84
N ALA B 263 10.43 17.01 -6.59
CA ALA B 263 9.54 17.76 -7.46
C ALA B 263 10.36 18.67 -8.37
N PHE B 264 9.90 18.83 -9.60
CA PHE B 264 10.61 19.63 -10.60
C PHE B 264 9.67 20.68 -11.19
N TRP B 265 10.22 21.88 -11.41
CA TRP B 265 9.57 22.90 -12.20
C TRP B 265 10.66 23.75 -12.85
N PHE B 266 10.26 24.66 -13.74
CA PHE B 266 11.23 25.46 -14.45
C PHE B 266 10.74 26.90 -14.62
N ASP B 267 11.70 27.81 -14.67
CA ASP B 267 11.48 29.20 -15.05
C ASP B 267 12.31 29.48 -16.30
N VAL B 268 11.77 30.33 -17.19
CA VAL B 268 12.54 30.90 -18.27
C VAL B 268 12.48 32.42 -18.14
N ALA B 269 13.57 33.08 -18.52
CA ALA B 269 13.66 34.53 -18.46
C ALA B 269 13.90 35.08 -19.86
N PHE B 270 13.12 36.09 -20.23
CA PHE B 270 13.32 36.85 -21.47
C PHE B 270 14.13 38.09 -21.11
N ILE B 271 15.44 38.02 -21.32
CA ILE B 271 16.34 39.11 -20.93
C ILE B 271 16.42 40.07 -22.11
N GLY B 272 15.50 41.05 -22.11
CA GLY B 272 15.47 42.05 -23.16
C GLY B 272 16.27 43.28 -22.82
N SER B 273 16.28 44.23 -23.76
CA SER B 273 17.00 45.48 -23.56
C SER B 273 16.26 46.41 -22.60
N ILE B 274 14.94 46.35 -22.57
CA ILE B 274 14.16 47.24 -21.73
C ILE B 274 13.94 46.64 -20.35
N MET B 275 13.56 45.36 -20.28
CA MET B 275 13.32 44.73 -19.00
C MET B 275 13.39 43.22 -19.18
N THR B 276 13.65 42.53 -18.07
CA THR B 276 13.61 41.08 -18.04
C THR B 276 12.20 40.64 -17.65
N VAL B 277 11.66 39.67 -18.38
CA VAL B 277 10.33 39.13 -18.12
C VAL B 277 10.48 37.64 -17.85
N TRP B 278 9.90 37.19 -16.76
CA TRP B 278 10.00 35.80 -16.32
C TRP B 278 8.70 35.06 -16.59
N LEU B 279 8.83 33.84 -17.09
CA LEU B 279 7.72 32.89 -17.18
C LEU B 279 8.04 31.73 -16.26
N SER B 280 7.23 31.56 -15.22
CA SER B 280 7.49 30.59 -14.16
C SER B 280 6.41 29.52 -14.15
N THR B 281 6.84 28.25 -13.98
CA THR B 281 5.92 27.15 -13.75
C THR B 281 6.04 26.65 -12.31
N ALA B 282 6.47 27.52 -11.41
CA ALA B 282 6.67 27.12 -10.03
C ALA B 282 5.32 26.90 -9.33
N PRO B 283 5.26 25.98 -8.37
CA PRO B 283 3.99 25.74 -7.66
C PRO B 283 3.56 26.90 -6.79
N THR B 284 4.42 27.89 -6.57
CA THR B 284 4.05 29.13 -5.91
C THR B 284 3.44 30.14 -6.86
N GLU B 285 3.30 29.80 -8.14
CA GLU B 285 2.80 30.68 -9.17
C GLU B 285 1.52 30.13 -9.78
N PRO B 286 0.75 30.96 -10.48
CA PRO B 286 -0.47 30.46 -11.13
C PRO B 286 -0.17 29.30 -12.06
N LEU B 287 -1.12 28.40 -12.16
CA LEU B 287 -0.90 27.13 -12.86
C LEU B 287 -0.81 27.33 -14.36
N THR B 288 0.10 26.60 -14.99
CA THR B 288 0.27 26.58 -16.44
C THR B 288 0.03 25.17 -16.95
N HIS B 289 -0.02 25.03 -18.28
CA HIS B 289 -0.21 23.71 -18.87
C HIS B 289 1.01 22.82 -18.72
N TRP B 290 2.14 23.35 -18.26
CA TRP B 290 3.28 22.52 -17.91
C TRP B 290 3.14 21.89 -16.53
N TYR B 291 2.28 22.45 -15.68
CA TYR B 291 2.11 21.98 -14.31
C TYR B 291 3.46 21.90 -13.61
N GLN B 292 3.68 20.83 -12.85
CA GLN B 292 4.98 20.51 -12.29
C GLN B 292 5.18 19.01 -12.47
N VAL B 293 6.40 18.54 -12.24
CA VAL B 293 6.75 17.14 -12.43
C VAL B 293 7.38 16.61 -11.15
N ARG B 294 6.94 15.43 -10.73
CA ARG B 294 7.48 14.77 -9.55
C ARG B 294 7.94 13.37 -9.92
N CYS B 295 9.14 13.01 -9.46
CA CYS B 295 9.69 11.68 -9.62
C CYS B 295 9.61 10.97 -8.29
N LEU B 296 8.87 9.85 -8.26
CA LEU B 296 8.64 9.11 -7.03
C LEU B 296 9.75 8.10 -6.77
N PHE B 297 10.16 8.00 -5.50
CA PHE B 297 11.02 6.91 -5.07
C PHE B 297 10.18 5.66 -4.86
N GLN B 298 10.76 4.50 -5.20
CA GLN B 298 10.07 3.25 -4.91
C GLN B 298 9.95 3.03 -3.41
N SER B 299 10.87 3.56 -2.63
CA SER B 299 10.78 3.51 -1.18
C SER B 299 11.23 4.86 -0.62
N PRO B 300 10.38 5.55 0.15
CA PRO B 300 10.75 6.88 0.63
C PRO B 300 11.91 6.84 1.60
N LEU B 301 12.70 7.91 1.59
CA LEU B 301 13.77 8.11 2.55
C LEU B 301 13.23 8.90 3.74
N PHE B 302 13.67 8.53 4.94
CA PHE B 302 13.30 9.24 6.15
C PHE B 302 14.41 10.21 6.52
N ALA B 303 14.05 11.48 6.69
CA ALA B 303 15.00 12.52 7.04
C ALA B 303 14.48 13.33 8.21
N LYS B 304 15.41 13.88 8.97
CA LYS B 304 15.11 14.77 10.08
C LYS B 304 15.43 16.20 9.68
N ALA B 305 14.69 17.14 10.25
CA ALA B 305 15.00 18.55 10.04
C ALA B 305 16.46 18.80 10.39
N GLY B 306 17.19 19.39 9.45
CA GLY B 306 18.60 19.65 9.61
C GLY B 306 19.52 18.65 8.94
N ASP B 307 19.00 17.50 8.52
CA ASP B 307 19.79 16.56 7.74
C ASP B 307 20.07 17.14 6.36
N THR B 308 21.00 16.49 5.66
CA THR B 308 21.34 16.86 4.28
C THR B 308 20.98 15.70 3.37
N LEU B 309 20.17 15.98 2.35
CA LEU B 309 19.81 15.01 1.32
C LEU B 309 20.60 15.37 0.07
N SER B 310 21.64 14.60 -0.21
CA SER B 310 22.55 14.89 -1.31
C SER B 310 22.48 13.76 -2.33
N GLY B 311 22.87 14.10 -3.56
CA GLY B 311 22.80 13.13 -4.64
C GLY B 311 22.95 13.83 -5.97
N THR B 312 22.45 13.17 -7.02
CA THR B 312 22.64 13.63 -8.37
C THR B 312 21.44 13.25 -9.22
N CYS B 313 21.06 14.14 -10.12
N CYS B 313 21.05 14.16 -10.10
CA CYS B 313 20.07 13.87 -11.15
CA CYS B 313 20.07 13.89 -11.16
C CYS B 313 20.77 13.87 -12.50
C CYS B 313 20.81 13.86 -12.49
N LEU B 314 20.74 12.74 -13.18
CA LEU B 314 21.44 12.56 -14.45
C LEU B 314 20.42 12.32 -15.55
N LEU B 315 20.42 13.20 -16.55
CA LEU B 315 19.51 13.11 -17.68
C LEU B 315 20.33 12.77 -18.92
N ILE B 316 20.11 11.57 -19.47
CA ILE B 316 20.75 11.11 -20.69
C ILE B 316 19.73 11.19 -21.80
N ALA B 317 19.99 12.02 -22.81
CA ALA B 317 19.08 12.15 -23.93
C ALA B 317 18.99 10.83 -24.68
N ASN B 318 17.79 10.51 -25.16
CA ASN B 318 17.57 9.33 -25.98
C ASN B 318 16.99 9.73 -27.33
N LYS B 319 17.04 8.79 -28.27
CA LYS B 319 16.60 9.05 -29.64
C LYS B 319 15.08 9.13 -29.77
N ARG B 320 14.34 9.02 -28.67
CA ARG B 320 12.89 9.20 -28.69
C ARG B 320 12.49 10.62 -28.28
N GLN B 321 13.41 11.57 -28.39
CA GLN B 321 13.12 13.00 -28.18
C GLN B 321 12.81 13.28 -26.71
N SER B 322 13.50 12.56 -25.82
CA SER B 322 13.30 12.75 -24.38
C SER B 322 14.59 12.34 -23.68
N TYR B 323 14.48 12.06 -22.39
CA TYR B 323 15.65 11.73 -21.57
C TYR B 323 15.34 10.53 -20.69
N ASP B 324 16.34 9.67 -20.54
CA ASP B 324 16.34 8.67 -19.48
C ASP B 324 16.95 9.32 -18.24
N ILE B 325 16.16 9.44 -17.18
CA ILE B 325 16.55 10.19 -15.99
C ILE B 325 16.96 9.21 -14.91
N SER B 326 18.13 9.44 -14.32
CA SER B 326 18.60 8.70 -13.16
C SER B 326 18.67 9.64 -11.97
N ILE B 327 18.04 9.24 -10.88
CA ILE B 327 18.02 10.03 -9.64
C ILE B 327 18.55 9.16 -8.52
N VAL B 328 19.64 9.60 -7.90
CA VAL B 328 20.21 8.96 -6.72
C VAL B 328 20.26 10.00 -5.61
N ALA B 329 19.70 9.65 -4.45
CA ALA B 329 19.64 10.55 -3.31
C ALA B 329 19.90 9.78 -2.04
N GLN B 330 20.58 10.40 -1.08
CA GLN B 330 20.86 9.76 0.19
C GLN B 330 20.77 10.76 1.33
N VAL B 331 20.21 10.31 2.45
CA VAL B 331 20.22 11.09 3.70
C VAL B 331 21.61 10.90 4.31
N ASP B 332 22.44 11.93 4.20
CA ASP B 332 23.85 11.79 4.57
C ASP B 332 24.02 11.26 5.99
N GLN B 333 23.22 11.75 6.93
CA GLN B 333 23.44 11.40 8.33
C GLN B 333 23.23 9.93 8.63
N THR B 334 22.46 9.21 7.80
CA THR B 334 22.15 7.81 8.05
C THR B 334 22.58 6.87 6.94
N GLY B 335 22.98 7.40 5.78
CA GLY B 335 23.31 6.53 4.66
C GLY B 335 22.12 5.88 3.99
N SER B 336 20.91 6.33 4.28
CA SER B 336 19.73 5.83 3.59
C SER B 336 19.74 6.34 2.15
N LYS B 337 19.71 5.42 1.20
CA LYS B 337 20.02 5.71 -0.19
C LYS B 337 18.92 5.15 -1.09
N SER B 338 18.54 5.92 -2.09
CA SER B 338 17.49 5.53 -3.03
C SER B 338 17.94 5.80 -4.45
N SER B 339 17.86 4.79 -5.30
CA SER B 339 18.24 4.89 -6.70
C SER B 339 17.00 4.67 -7.56
N ASN B 340 16.79 5.55 -8.54
CA ASN B 340 15.58 5.55 -9.33
C ASN B 340 15.90 5.91 -10.77
N LEU B 341 15.18 5.28 -11.70
CA LEU B 341 15.21 5.65 -13.09
C LEU B 341 13.80 6.07 -13.50
N LEU B 342 13.71 6.97 -14.47
CA LEU B 342 12.42 7.46 -14.92
C LEU B 342 12.43 7.67 -16.43
N ASP B 343 11.36 7.22 -17.06
CA ASP B 343 11.19 7.34 -18.51
C ASP B 343 10.40 8.62 -18.77
N LEU B 344 11.13 9.71 -19.01
CA LEU B 344 10.51 11.03 -19.12
C LEU B 344 9.46 11.08 -20.22
N LYS B 345 9.50 10.17 -21.19
CA LYS B 345 8.54 10.14 -22.29
C LYS B 345 7.25 9.42 -21.93
N ASN B 346 7.16 8.78 -20.76
CA ASN B 346 5.99 8.02 -20.34
C ASN B 346 5.42 8.57 -19.04
N PRO B 347 4.96 9.82 -19.04
CA PRO B 347 4.49 10.43 -17.78
C PRO B 347 3.07 10.02 -17.44
N PHE B 348 2.74 10.21 -16.17
CA PHE B 348 1.40 9.99 -15.64
C PHE B 348 0.74 11.35 -15.43
N PHE B 349 -0.27 11.65 -16.25
CA PHE B 349 -1.04 12.88 -16.11
C PHE B 349 -2.13 12.64 -15.07
N ARG B 350 -1.97 13.23 -13.89
CA ARG B 350 -2.77 12.91 -12.72
C ARG B 350 -3.90 13.90 -12.48
N TYR B 351 -3.70 15.18 -12.78
N TYR B 351 -3.68 15.17 -12.82
CA TYR B 351 -4.74 16.19 -12.59
CA TYR B 351 -4.68 16.23 -12.68
C TYR B 351 -6.09 15.74 -13.13
C TYR B 351 -6.00 15.85 -13.33
N SER C 10 24.24 -23.86 32.22
CA SER C 10 25.02 -22.67 31.88
C SER C 10 24.66 -21.52 32.80
N VAL C 11 25.42 -20.44 32.72
CA VAL C 11 25.17 -19.27 33.55
C VAL C 11 23.74 -18.77 33.35
N PHE C 12 23.27 -18.72 32.10
CA PHE C 12 21.95 -18.17 31.84
C PHE C 12 20.86 -19.03 32.47
N SER C 13 20.87 -20.34 32.20
CA SER C 13 19.81 -21.21 32.68
C SER C 13 19.81 -21.33 34.20
N GLU C 14 20.95 -21.11 34.85
CA GLU C 14 21.03 -21.21 36.29
C GLU C 14 20.35 -20.03 36.99
N ARG C 15 20.20 -18.90 36.30
CA ARG C 15 19.59 -17.70 36.88
C ARG C 15 18.23 -17.38 36.29
N THR C 16 17.66 -18.27 35.47
CA THR C 16 16.43 -17.98 34.75
C THR C 16 15.50 -19.18 34.78
N GLU C 17 14.27 -18.97 35.23
CA GLU C 17 13.24 -19.99 35.10
C GLU C 17 12.91 -20.20 33.63
N GLU C 18 12.70 -21.47 33.26
CA GLU C 18 12.47 -21.79 31.85
C GLU C 18 11.21 -21.11 31.34
N SER C 19 10.17 -21.04 32.17
CA SER C 19 8.92 -20.42 31.75
C SER C 19 9.13 -18.96 31.36
N SER C 20 10.00 -18.25 32.07
CA SER C 20 10.27 -16.86 31.74
C SER C 20 11.11 -16.75 30.46
N ALA C 21 12.09 -17.63 30.30
CA ALA C 21 12.96 -17.57 29.12
C ALA C 21 12.17 -17.86 27.84
N VAL C 22 11.24 -18.81 27.89
CA VAL C 22 10.44 -19.15 26.72
C VAL C 22 9.71 -17.91 26.22
N GLN C 23 8.89 -17.31 27.09
CA GLN C 23 8.09 -16.16 26.68
C GLN C 23 8.97 -14.97 26.30
N TYR C 24 10.14 -14.85 26.93
CA TYR C 24 11.04 -13.74 26.64
C TYR C 24 11.54 -13.81 25.20
N PHE C 25 12.02 -14.97 24.77
CA PHE C 25 12.57 -15.10 23.43
C PHE C 25 11.49 -15.23 22.36
N GLN C 26 10.32 -15.76 22.72
CA GLN C 26 9.19 -15.71 21.80
C GLN C 26 8.87 -14.28 21.41
N PHE C 27 8.92 -13.37 22.38
CA PHE C 27 8.68 -11.95 22.11
C PHE C 27 9.66 -11.43 21.06
N TYR C 28 10.95 -11.68 21.26
CA TYR C 28 11.98 -11.21 20.35
C TYR C 28 12.07 -12.01 19.06
N GLY C 29 11.24 -13.04 18.89
CA GLY C 29 11.16 -13.71 17.61
C GLY C 29 10.30 -13.02 16.58
N TYR C 30 9.60 -11.97 16.97
CA TYR C 30 8.66 -11.28 16.10
C TYR C 30 9.33 -10.13 15.38
N LEU C 31 9.23 -10.12 14.05
CA LEU C 31 9.79 -9.01 13.27
C LEU C 31 9.15 -7.69 13.65
N SER C 32 7.89 -7.71 14.08
CA SER C 32 7.22 -6.47 14.49
C SER C 32 7.89 -5.87 15.71
N GLN C 33 8.47 -6.68 16.58
CA GLN C 33 9.15 -6.14 17.75
C GLN C 33 10.54 -5.60 17.40
N GLN C 34 11.24 -6.26 16.47
CA GLN C 34 12.43 -5.65 15.88
C GLN C 34 12.10 -4.30 15.28
N GLN C 35 11.04 -4.26 14.46
CA GLN C 35 10.61 -3.02 13.83
C GLN C 35 10.34 -1.95 14.88
N ASN C 36 9.74 -2.31 16.01
CA ASN C 36 9.43 -1.32 17.04
C ASN C 36 10.68 -0.62 17.53
N MET C 37 11.75 -1.39 17.78
CA MET C 37 13.00 -0.79 18.26
C MET C 37 13.71 -0.06 17.12
N MET C 38 13.72 -0.64 15.92
CA MET C 38 14.42 -0.03 14.80
C MET C 38 13.82 1.32 14.45
N GLN C 39 12.49 1.45 14.53
CA GLN C 39 11.83 2.71 14.21
C GLN C 39 12.15 3.81 15.21
N ASP C 40 12.65 3.46 16.40
CA ASP C 40 13.10 4.46 17.36
C ASP C 40 14.35 5.13 16.79
N TYR C 41 14.18 6.33 16.24
CA TYR C 41 15.28 6.98 15.54
C TYR C 41 16.39 7.37 16.52
N VAL C 42 16.03 7.90 17.70
CA VAL C 42 17.03 8.19 18.72
C VAL C 42 17.88 6.96 18.97
N ARG C 43 17.23 5.83 19.26
CA ARG C 43 17.96 4.60 19.54
C ARG C 43 18.81 4.18 18.36
N THR C 44 18.17 3.92 17.21
CA THR C 44 18.90 3.40 16.05
C THR C 44 19.91 4.41 15.53
N GLY C 45 19.51 5.67 15.43
CA GLY C 45 20.41 6.69 14.91
C GLY C 45 21.65 6.88 15.76
N THR C 46 21.46 6.97 17.09
CA THR C 46 22.60 7.21 17.97
C THR C 46 23.58 6.05 17.94
N TYR C 47 23.08 4.80 17.96
CA TYR C 47 23.97 3.65 17.82
C TYR C 47 24.78 3.75 16.53
N GLN C 48 24.10 4.03 15.41
CA GLN C 48 24.80 4.21 14.14
C GLN C 48 25.84 5.33 14.25
N ARG C 49 25.44 6.46 14.83
CA ARG C 49 26.35 7.59 14.97
C ARG C 49 27.57 7.20 15.79
N ALA C 50 27.35 6.56 16.95
CA ALA C 50 28.47 6.20 17.82
C ALA C 50 29.45 5.27 17.13
N ILE C 51 28.94 4.35 16.30
CA ILE C 51 29.80 3.37 15.65
C ILE C 51 30.53 3.98 14.47
N LEU C 52 29.84 4.77 13.65
CA LEU C 52 30.47 5.34 12.46
C LEU C 52 31.47 6.43 12.84
N GLN C 53 31.11 7.31 13.77
CA GLN C 53 32.00 8.40 14.15
C GLN C 53 33.20 7.93 14.95
N ASN C 54 33.22 6.67 15.39
CA ASN C 54 34.41 6.08 15.98
C ASN C 54 34.88 4.93 15.11
N HIS C 55 35.05 5.21 13.82
CA HIS C 55 35.37 4.16 12.85
C HIS C 55 36.70 3.49 13.16
N THR C 56 37.66 4.21 13.75
CA THR C 56 38.95 3.61 14.06
C THR C 56 38.81 2.49 15.09
N ASP C 57 37.79 2.55 15.94
CA ASP C 57 37.54 1.48 16.88
C ASP C 57 36.97 0.22 16.21
N PHE C 58 36.57 0.31 14.95
CA PHE C 58 36.00 -0.81 14.22
C PHE C 58 36.76 -1.19 12.96
N LYS C 59 37.58 -0.30 12.42
CA LYS C 59 38.27 -0.57 11.16
C LYS C 59 39.22 -1.74 11.31
N ASP C 60 38.96 -2.82 10.56
CA ASP C 60 39.82 -4.00 10.54
C ASP C 60 39.88 -4.66 11.92
N LYS C 61 38.76 -4.65 12.63
CA LYS C 61 38.70 -5.18 13.99
C LYS C 61 37.75 -6.37 14.05
N ILE C 62 37.95 -7.19 15.07
CA ILE C 62 37.03 -8.28 15.39
C ILE C 62 35.97 -7.74 16.34
N VAL C 63 34.71 -7.99 16.02
CA VAL C 63 33.58 -7.43 16.76
C VAL C 63 32.69 -8.56 17.24
N LEU C 64 32.13 -8.38 18.43
CA LEU C 64 31.09 -9.27 18.98
C LEU C 64 29.82 -8.46 19.19
N ASP C 65 28.70 -8.98 18.71
CA ASP C 65 27.39 -8.36 18.85
C ASP C 65 26.52 -9.28 19.69
N VAL C 66 26.23 -8.87 20.92
CA VAL C 66 25.50 -9.70 21.87
C VAL C 66 24.02 -9.34 21.78
N GLY C 67 23.20 -10.32 21.37
CA GLY C 67 21.79 -10.09 21.19
C GLY C 67 21.50 -9.22 19.98
N CYS C 68 22.02 -9.63 18.83
CA CYS C 68 21.99 -8.79 17.64
C CYS C 68 20.59 -8.59 17.07
N GLY C 69 19.62 -9.40 17.48
CA GLY C 69 18.28 -9.28 16.90
C GLY C 69 18.34 -9.47 15.41
N SER C 70 17.78 -8.50 14.67
CA SER C 70 17.84 -8.54 13.22
C SER C 70 19.24 -8.30 12.69
N GLY C 71 20.17 -7.87 13.54
CA GLY C 71 21.55 -7.66 13.14
C GLY C 71 21.92 -6.25 12.76
N ILE C 72 21.08 -5.26 13.07
CA ILE C 72 21.32 -3.90 12.59
C ILE C 72 22.67 -3.38 13.07
N LEU C 73 23.03 -3.67 14.32
CA LEU C 73 24.28 -3.13 14.85
C LEU C 73 25.48 -3.77 14.18
N SER C 74 25.38 -5.04 13.78
CA SER C 74 26.47 -5.68 13.05
C SER C 74 26.65 -5.03 11.68
N PHE C 75 25.54 -4.67 11.01
CA PHE C 75 25.65 -3.96 9.74
C PHE C 75 26.31 -2.60 9.93
N PHE C 76 26.01 -1.92 11.04
CA PHE C 76 26.68 -0.66 11.33
C PHE C 76 28.17 -0.87 11.54
N ALA C 77 28.54 -1.96 12.21
CA ALA C 77 29.96 -2.25 12.40
C ALA C 77 30.66 -2.54 11.07
N ALA C 78 29.94 -3.17 10.13
CA ALA C 78 30.51 -3.39 8.80
C ALA C 78 30.66 -2.07 8.04
N GLN C 79 29.66 -1.19 8.14
CA GLN C 79 29.78 0.14 7.55
C GLN C 79 31.02 0.85 8.08
N ALA C 80 31.38 0.63 9.34
CA ALA C 80 32.55 1.27 9.93
C ALA C 80 33.85 0.54 9.62
N GLY C 81 33.80 -0.53 8.82
CA GLY C 81 34.99 -1.21 8.37
C GLY C 81 35.43 -2.40 9.19
N ALA C 82 34.51 -3.05 9.90
CA ALA C 82 34.88 -4.21 10.72
C ALA C 82 35.34 -5.37 9.83
N ARG C 83 36.40 -6.03 10.26
CA ARG C 83 36.93 -7.17 9.51
C ARG C 83 36.06 -8.40 9.69
N LYS C 84 35.66 -8.69 10.94
CA LYS C 84 34.90 -9.89 11.24
C LYS C 84 33.94 -9.56 12.39
N ILE C 85 32.68 -9.92 12.23
CA ILE C 85 31.64 -9.61 13.20
C ILE C 85 30.93 -10.90 13.57
N TYR C 86 30.99 -11.27 14.85
CA TYR C 86 30.23 -12.38 15.38
C TYR C 86 28.97 -11.84 16.03
N ALA C 87 27.83 -12.21 15.49
CA ALA C 87 26.53 -11.71 15.95
C ALA C 87 25.78 -12.87 16.58
N VAL C 88 25.56 -12.78 17.90
CA VAL C 88 24.91 -13.83 18.68
C VAL C 88 23.49 -13.38 19.01
N GLU C 89 22.54 -14.29 18.81
CA GLU C 89 21.14 -14.02 19.13
C GLU C 89 20.49 -15.34 19.51
N ALA C 90 19.81 -15.36 20.64
CA ALA C 90 19.24 -16.60 21.16
C ALA C 90 17.84 -16.85 20.64
N SER C 91 17.09 -15.80 20.30
CA SER C 91 15.76 -15.97 19.76
C SER C 91 15.82 -16.43 18.31
N THR C 92 14.68 -16.89 17.80
CA THR C 92 14.59 -17.31 16.41
C THR C 92 14.83 -16.16 15.44
N MET C 93 14.92 -14.92 15.93
CA MET C 93 15.28 -13.81 15.06
C MET C 93 16.65 -14.00 14.43
N ALA C 94 17.48 -14.88 14.99
CA ALA C 94 18.80 -15.15 14.41
C ALA C 94 18.68 -15.70 13.00
N GLN C 95 17.62 -16.43 12.69
CA GLN C 95 17.45 -16.94 11.34
C GLN C 95 17.21 -15.81 10.34
N HIS C 96 16.51 -14.76 10.78
CA HIS C 96 16.28 -13.61 9.90
C HIS C 96 17.54 -12.79 9.74
N ALA C 97 18.36 -12.68 10.80
CA ALA C 97 19.65 -12.02 10.67
C ALA C 97 20.50 -12.68 9.59
N GLU C 98 20.54 -14.01 9.58
CA GLU C 98 21.29 -14.72 8.54
C GLU C 98 20.82 -14.33 7.15
N VAL C 99 19.50 -14.27 6.96
CA VAL C 99 18.95 -13.90 5.65
C VAL C 99 19.45 -12.52 5.24
N LEU C 100 19.41 -11.56 6.16
CA LEU C 100 19.85 -10.21 5.83
C LEU C 100 21.35 -10.17 5.55
N VAL C 101 22.14 -10.96 6.28
CA VAL C 101 23.57 -11.02 6.01
C VAL C 101 23.81 -11.46 4.57
N LYS C 102 23.10 -12.49 4.12
CA LYS C 102 23.29 -12.99 2.76
C LYS C 102 22.83 -11.97 1.72
N SER C 103 21.64 -11.40 1.90
CA SER C 103 21.11 -10.44 0.94
C SER C 103 21.94 -9.16 0.87
N ASN C 104 22.70 -8.86 1.92
CA ASN C 104 23.58 -7.69 1.93
C ASN C 104 25.02 -8.05 1.60
N ASN C 105 25.27 -9.25 1.07
CA ASN C 105 26.58 -9.65 0.58
C ASN C 105 27.67 -9.46 1.64
N LEU C 106 27.34 -9.81 2.89
CA LEU C 106 28.27 -9.69 4.00
C LEU C 106 28.51 -11.03 4.70
N THR C 107 28.31 -12.14 3.99
CA THR C 107 28.57 -13.46 4.59
C THR C 107 30.04 -13.62 4.98
N ASP C 108 30.94 -12.99 4.22
CA ASP C 108 32.36 -13.10 4.51
C ASP C 108 32.78 -12.32 5.75
N ARG C 109 31.89 -11.50 6.31
CA ARG C 109 32.25 -10.60 7.41
C ARG C 109 31.35 -10.69 8.63
N ILE C 110 30.10 -11.13 8.50
CA ILE C 110 29.18 -11.24 9.61
C ILE C 110 28.80 -12.71 9.76
N VAL C 111 29.23 -13.34 10.84
CA VAL C 111 28.87 -14.71 11.16
C VAL C 111 27.80 -14.66 12.25
N VAL C 112 26.58 -15.07 11.91
CA VAL C 112 25.50 -15.15 12.87
C VAL C 112 25.61 -16.46 13.63
N ILE C 113 25.55 -16.39 14.96
CA ILE C 113 25.59 -17.56 15.82
C ILE C 113 24.29 -17.62 16.61
N PRO C 114 23.36 -18.52 16.31
CA PRO C 114 22.17 -18.63 17.14
C PRO C 114 22.48 -19.28 18.48
N GLY C 115 21.82 -18.79 19.53
CA GLY C 115 21.97 -19.32 20.87
C GLY C 115 22.27 -18.24 21.88
N LYS C 116 22.34 -18.66 23.14
CA LYS C 116 22.68 -17.76 24.22
C LYS C 116 24.18 -17.48 24.22
N VAL C 117 24.55 -16.24 24.53
CA VAL C 117 25.96 -15.88 24.60
C VAL C 117 26.66 -16.65 25.71
N GLU C 118 25.91 -17.11 26.72
CA GLU C 118 26.49 -17.94 27.77
C GLU C 118 26.67 -19.39 27.36
N GLU C 119 26.21 -19.78 26.16
CA GLU C 119 26.19 -21.19 25.78
C GLU C 119 26.88 -21.43 24.44
N VAL C 120 26.88 -20.44 23.55
CA VAL C 120 27.50 -20.60 22.24
C VAL C 120 29.01 -20.64 22.40
N SER C 121 29.73 -20.88 21.31
CA SER C 121 31.18 -20.92 21.30
C SER C 121 31.70 -20.00 20.21
N LEU C 122 32.58 -19.07 20.60
CA LEU C 122 33.23 -18.20 19.63
C LEU C 122 34.65 -18.69 19.34
N PRO C 123 35.13 -18.60 18.10
CA PRO C 123 36.44 -19.19 17.77
C PRO C 123 37.63 -18.30 18.12
N GLU C 124 37.42 -17.02 18.42
CA GLU C 124 38.53 -16.12 18.68
C GLU C 124 38.05 -14.97 19.56
N GLN C 125 38.99 -14.38 20.29
CA GLN C 125 38.69 -13.19 21.07
C GLN C 125 38.43 -12.01 20.14
N VAL C 126 37.75 -10.99 20.67
CA VAL C 126 37.34 -9.85 19.88
C VAL C 126 37.98 -8.58 20.45
N ASP C 127 38.03 -7.54 19.63
CA ASP C 127 38.59 -6.26 20.04
C ASP C 127 37.56 -5.37 20.72
N ILE C 128 36.29 -5.50 20.36
CA ILE C 128 35.23 -4.64 20.90
C ILE C 128 33.93 -5.41 20.86
N ILE C 129 33.11 -5.24 21.89
CA ILE C 129 31.80 -5.86 21.98
C ILE C 129 30.76 -4.77 21.85
N ILE C 130 29.78 -5.00 20.98
CA ILE C 130 28.65 -4.10 20.82
C ILE C 130 27.39 -4.83 21.25
N SER C 131 26.41 -4.08 21.75
CA SER C 131 25.16 -4.69 22.19
C SER C 131 24.19 -3.59 22.57
N GLU C 132 22.91 -3.95 22.61
CA GLU C 132 21.86 -3.12 23.22
C GLU C 132 21.25 -3.93 24.35
N PRO C 133 21.89 -3.94 25.52
CA PRO C 133 21.38 -4.72 26.66
C PRO C 133 20.49 -3.93 27.61
N MET C 134 20.01 -2.75 27.23
CA MET C 134 19.23 -1.89 28.12
C MET C 134 17.76 -2.26 28.02
N GLY C 135 17.16 -2.63 29.16
CA GLY C 135 15.72 -2.69 29.29
C GLY C 135 15.20 -1.39 29.89
N TYR C 136 13.89 -1.36 30.14
CA TYR C 136 13.34 -0.18 30.79
C TYR C 136 13.82 -0.13 32.23
N MET C 137 14.04 1.09 32.72
CA MET C 137 14.79 1.30 33.96
C MET C 137 16.21 0.76 33.84
N LEU C 138 16.69 0.56 32.61
CA LEU C 138 18.01 0.05 32.30
C LEU C 138 18.18 -1.44 32.63
N PHE C 139 17.79 -1.85 33.84
CA PHE C 139 18.18 -3.16 34.34
C PHE C 139 17.20 -4.28 33.97
N ASN C 140 15.96 -3.97 33.60
CA ASN C 140 15.02 -5.04 33.25
C ASN C 140 15.59 -5.92 32.15
N GLU C 141 15.15 -7.18 32.14
CA GLU C 141 15.57 -8.22 31.20
C GLU C 141 16.87 -8.89 31.63
N ARG C 142 17.65 -8.22 32.48
CA ARG C 142 18.93 -8.75 32.95
C ARG C 142 19.85 -9.08 31.77
N MET C 143 19.72 -8.33 30.67
CA MET C 143 20.64 -8.48 29.55
C MET C 143 22.01 -7.89 29.84
N LEU C 144 22.09 -6.93 30.77
CA LEU C 144 23.40 -6.38 31.14
C LEU C 144 24.35 -7.44 31.66
N GLU C 145 23.81 -8.51 32.25
CA GLU C 145 24.66 -9.59 32.74
C GLU C 145 25.18 -10.44 31.60
N SER C 146 24.38 -10.65 30.54
CA SER C 146 24.88 -11.33 29.36
C SER C 146 25.93 -10.48 28.64
N TYR C 147 25.71 -9.16 28.60
CA TYR C 147 26.68 -8.25 28.01
C TYR C 147 28.01 -8.32 28.75
N LEU C 148 27.96 -8.30 30.08
CA LEU C 148 29.19 -8.42 30.87
C LEU C 148 29.78 -9.82 30.79
N HIS C 149 28.93 -10.84 30.78
CA HIS C 149 29.41 -12.20 30.64
C HIS C 149 30.19 -12.40 29.34
N ALA C 150 29.84 -11.66 28.29
CA ALA C 150 30.52 -11.77 27.01
C ALA C 150 31.96 -11.26 27.06
N LYS C 151 32.36 -10.59 28.13
CA LYS C 151 33.75 -10.13 28.23
C LYS C 151 34.74 -11.27 28.34
N LYS C 152 34.29 -12.50 28.55
CA LYS C 152 35.20 -13.64 28.49
C LYS C 152 35.76 -13.81 27.08
N TYR C 153 35.14 -13.20 26.08
CA TYR C 153 35.64 -13.22 24.71
C TYR C 153 36.35 -11.93 24.33
N LEU C 154 36.52 -10.99 25.26
CA LEU C 154 37.08 -9.68 24.95
C LEU C 154 38.59 -9.68 25.20
N LYS C 155 39.34 -9.25 24.20
CA LYS C 155 40.78 -9.15 24.36
C LYS C 155 41.10 -8.10 25.43
N PRO C 156 42.16 -8.29 26.21
CA PRO C 156 42.56 -7.26 27.17
C PRO C 156 42.72 -5.91 26.49
N SER C 157 42.39 -4.85 27.23
CA SER C 157 42.39 -3.50 26.68
C SER C 157 41.42 -3.33 25.53
N GLY C 158 40.47 -4.26 25.37
CA GLY C 158 39.41 -4.08 24.42
C GLY C 158 38.35 -3.13 24.94
N ASN C 159 37.44 -2.75 24.06
CA ASN C 159 36.42 -1.75 24.37
C ASN C 159 35.04 -2.37 24.31
N MET C 160 34.06 -1.61 24.79
CA MET C 160 32.67 -2.05 24.78
C MET C 160 31.77 -0.88 24.43
N PHE C 161 30.84 -1.12 23.50
CA PHE C 161 29.88 -0.10 23.05
C PHE C 161 28.48 -0.61 23.33
N PRO C 162 27.76 -0.08 24.34
CA PRO C 162 28.14 1.05 25.19
C PRO C 162 29.23 0.73 26.21
N THR C 163 29.89 1.79 26.70
CA THR C 163 30.98 1.65 27.65
C THR C 163 30.53 1.81 29.09
N ILE C 164 29.62 2.73 29.38
CA ILE C 164 29.06 2.88 30.72
C ILE C 164 27.56 3.08 30.62
N GLY C 165 26.88 2.78 31.72
CA GLY C 165 25.45 3.02 31.85
C GLY C 165 25.14 3.78 33.12
N ASP C 166 24.33 4.82 33.00
CA ASP C 166 23.91 5.64 34.13
C ASP C 166 22.40 5.52 34.29
N VAL C 167 21.95 5.09 35.46
CA VAL C 167 20.54 5.13 35.82
C VAL C 167 20.32 6.33 36.74
N HIS C 168 19.28 7.10 36.46
CA HIS C 168 18.98 8.32 37.21
C HIS C 168 17.71 8.13 38.02
N LEU C 169 17.75 8.59 39.27
CA LEU C 169 16.61 8.56 40.17
C LEU C 169 16.31 9.97 40.63
N ALA C 170 15.03 10.35 40.61
CA ALA C 170 14.62 11.67 41.04
C ALA C 170 13.24 11.58 41.66
N PRO C 171 12.96 12.33 42.72
CA PRO C 171 11.61 12.34 43.28
C PRO C 171 10.68 13.20 42.46
N PHE C 172 9.43 12.76 42.38
CA PHE C 172 8.42 13.45 41.59
C PHE C 172 7.14 13.62 42.40
N THR C 173 6.35 14.61 42.00
CA THR C 173 5.01 14.82 42.53
C THR C 173 4.02 14.70 41.38
N ASP C 174 3.03 13.82 41.55
CA ASP C 174 1.99 13.63 40.54
C ASP C 174 0.74 13.19 41.31
N GLU C 175 0.00 14.17 41.80
CA GLU C 175 -1.21 13.88 42.60
C GLU C 175 -2.19 13.03 41.80
N GLN C 176 -2.40 13.37 40.53
CA GLN C 176 -3.33 12.61 39.71
C GLN C 176 -2.92 11.14 39.63
N LEU C 177 -1.64 10.88 39.35
CA LEU C 177 -1.18 9.50 39.24
C LEU C 177 -1.44 8.73 40.53
N TYR C 178 -1.14 9.35 41.67
CA TYR C 178 -1.32 8.66 42.95
C TYR C 178 -2.79 8.35 43.20
N MET C 179 -3.67 9.33 42.95
CA MET C 179 -5.08 9.14 43.29
C MET C 179 -5.76 8.15 42.35
N GLU C 180 -5.30 8.02 41.11
CA GLU C 180 -5.97 7.11 40.18
C GLU C 180 -5.82 5.65 40.61
N GLN C 181 -4.81 5.33 41.43
CA GLN C 181 -4.69 3.96 41.94
C GLN C 181 -5.92 3.60 42.77
N PHE C 182 -6.32 4.48 43.69
CA PHE C 182 -7.48 4.22 44.51
C PHE C 182 -8.77 4.35 43.71
N THR C 183 -8.81 5.25 42.73
CA THR C 183 -9.97 5.32 41.84
C THR C 183 -10.18 3.98 41.13
N LYS C 184 -9.09 3.36 40.67
CA LYS C 184 -9.21 2.07 40.01
C LYS C 184 -9.55 0.97 41.01
N ALA C 185 -8.94 1.00 42.20
CA ALA C 185 -9.20 -0.05 43.18
C ALA C 185 -10.59 0.07 43.79
N ASN C 186 -11.14 1.28 43.82
CA ASN C 186 -12.45 1.48 44.45
C ASN C 186 -13.59 0.87 43.67
N PHE C 187 -13.34 0.32 42.48
CA PHE C 187 -14.33 -0.52 41.85
C PHE C 187 -14.79 -1.61 42.80
N TRP C 188 -13.85 -2.17 43.57
CA TRP C 188 -14.19 -3.23 44.52
C TRP C 188 -14.93 -2.71 45.73
N TYR C 189 -14.91 -1.40 45.98
CA TYR C 189 -15.55 -0.84 47.17
C TYR C 189 -17.00 -0.48 46.85
N GLN C 190 -17.81 -1.53 46.70
CA GLN C 190 -19.25 -1.35 46.62
C GLN C 190 -19.92 -2.53 47.29
N PRO C 191 -21.00 -2.32 48.04
CA PRO C 191 -21.61 -3.41 48.80
C PRO C 191 -22.56 -4.29 47.99
N SER C 192 -22.85 -3.97 46.73
CA SER C 192 -23.78 -4.78 45.95
C SER C 192 -23.47 -4.59 44.46
N PHE C 193 -22.37 -5.20 44.03
CA PHE C 193 -22.09 -5.35 42.60
C PHE C 193 -22.87 -6.55 42.10
N HIS C 194 -24.00 -6.31 41.44
CA HIS C 194 -24.90 -7.38 41.02
C HIS C 194 -25.27 -8.25 42.22
N GLY C 195 -25.53 -7.60 43.35
CA GLY C 195 -25.92 -8.28 44.57
C GLY C 195 -24.77 -8.84 45.39
N VAL C 196 -23.53 -8.65 44.95
CA VAL C 196 -22.36 -9.19 45.63
C VAL C 196 -21.60 -8.05 46.29
N ASP C 197 -21.11 -8.30 47.51
CA ASP C 197 -20.32 -7.32 48.24
C ASP C 197 -18.85 -7.59 47.94
N LEU C 198 -18.20 -6.68 47.23
CA LEU C 198 -16.82 -6.84 46.79
C LEU C 198 -15.82 -6.09 47.67
N SER C 199 -16.29 -5.40 48.71
CA SER C 199 -15.43 -4.48 49.45
C SER C 199 -14.24 -5.18 50.09
N ALA C 200 -14.34 -6.49 50.35
CA ALA C 200 -13.26 -7.21 51.03
C ALA C 200 -11.99 -7.30 50.18
N LEU C 201 -12.08 -7.10 48.87
CA LEU C 201 -10.92 -7.20 47.99
C LEU C 201 -10.32 -5.84 47.62
N ARG C 202 -10.89 -4.75 48.13
CA ARG C 202 -10.37 -3.43 47.79
C ARG C 202 -8.91 -3.30 48.19
N GLY C 203 -8.57 -3.74 49.40
CA GLY C 203 -7.19 -3.64 49.85
C GLY C 203 -6.23 -4.42 48.97
N ALA C 204 -6.64 -5.61 48.53
CA ALA C 204 -5.81 -6.39 47.64
C ALA C 204 -5.64 -5.70 46.28
N ALA C 205 -6.70 -5.03 45.81
CA ALA C 205 -6.60 -4.29 44.55
C ALA C 205 -5.62 -3.12 44.68
N VAL C 206 -5.71 -2.37 45.77
CA VAL C 206 -4.79 -1.26 46.00
C VAL C 206 -3.35 -1.77 45.97
N ASP C 207 -3.07 -2.81 46.75
CA ASP C 207 -1.70 -3.33 46.81
C ASP C 207 -1.23 -3.80 45.44
N GLU C 208 -2.12 -4.44 44.68
CA GLU C 208 -1.74 -4.94 43.35
C GLU C 208 -1.29 -3.79 42.44
N TYR C 209 -1.96 -2.65 42.52
CA TYR C 209 -1.59 -1.53 41.64
C TYR C 209 -0.27 -0.91 42.07
N PHE C 210 -0.03 -0.82 43.38
CA PHE C 210 1.20 -0.19 43.87
C PHE C 210 2.43 -1.06 43.65
N ARG C 211 2.27 -2.35 43.41
CA ARG C 211 3.40 -3.20 43.06
C ARG C 211 3.86 -2.98 41.63
N GLN C 212 3.10 -2.25 40.81
CA GLN C 212 3.42 -2.08 39.40
C GLN C 212 4.18 -0.79 39.18
N PRO C 213 5.42 -0.82 38.69
CA PRO C 213 6.02 0.42 38.20
C PRO C 213 5.23 0.95 37.02
N VAL C 214 5.21 2.27 36.89
CA VAL C 214 4.44 2.94 35.84
C VAL C 214 5.40 3.33 34.72
N VAL C 215 5.17 2.77 33.54
CA VAL C 215 5.99 3.04 32.36
C VAL C 215 5.20 4.01 31.47
N ASP C 216 5.67 5.25 31.43
CA ASP C 216 5.13 6.28 30.54
C ASP C 216 6.06 7.48 30.68
N THR C 217 5.69 8.61 30.06
CA THR C 217 6.49 9.82 30.15
C THR C 217 5.76 10.83 31.03
N PHE C 218 6.44 11.95 31.27
CA PHE C 218 5.90 12.99 32.14
C PHE C 218 6.61 14.30 31.85
N ASP C 219 5.94 15.39 32.22
CA ASP C 219 6.54 16.71 32.13
C ASP C 219 7.64 16.84 33.19
N ILE C 220 8.80 17.36 32.79
CA ILE C 220 9.93 17.45 33.69
C ILE C 220 9.65 18.38 34.87
N ARG C 221 8.59 19.18 34.81
CA ARG C 221 8.25 20.06 35.91
C ARG C 221 7.72 19.31 37.13
N ILE C 222 7.38 18.02 37.01
CA ILE C 222 6.97 17.24 38.17
C ILE C 222 8.16 16.81 39.02
N LEU C 223 9.38 16.95 38.50
CA LEU C 223 10.57 16.59 39.25
C LEU C 223 10.89 17.68 40.28
N MET C 224 11.32 17.24 41.46
CA MET C 224 11.49 18.16 42.59
C MET C 224 12.91 18.17 43.12
N ALA C 225 13.86 17.55 42.44
CA ALA C 225 15.25 17.58 42.88
C ALA C 225 16.15 17.08 41.77
N LYS C 226 17.40 17.53 41.79
CA LYS C 226 18.39 16.99 40.87
C LYS C 226 18.46 15.47 41.05
N SER C 227 18.58 14.77 39.93
CA SER C 227 18.61 13.32 39.98
C SER C 227 19.90 12.83 40.64
N VAL C 228 19.83 11.64 41.20
CA VAL C 228 21.00 10.92 41.69
C VAL C 228 21.35 9.87 40.65
N LYS C 229 22.65 9.72 40.40
CA LYS C 229 23.15 8.90 39.30
C LYS C 229 23.94 7.72 39.86
N TYR C 230 23.56 6.52 39.43
CA TYR C 230 24.30 5.30 39.75
C TYR C 230 24.89 4.76 38.46
N THR C 231 26.22 4.71 38.39
CA THR C 231 26.93 4.37 37.16
C THR C 231 27.38 2.91 37.21
N VAL C 232 27.21 2.23 36.08
CA VAL C 232 27.79 0.91 35.85
C VAL C 232 28.81 1.04 34.73
N ASN C 233 30.06 0.73 35.03
CA ASN C 233 31.13 0.78 34.03
C ASN C 233 31.28 -0.62 33.43
N PHE C 234 30.82 -0.78 32.19
CA PHE C 234 30.79 -2.10 31.57
C PHE C 234 32.18 -2.66 31.34
N LEU C 235 33.21 -1.81 31.26
CA LEU C 235 34.57 -2.31 31.10
C LEU C 235 35.07 -2.96 32.39
N GLU C 236 34.69 -2.43 33.55
CA GLU C 236 35.23 -2.87 34.82
C GLU C 236 34.31 -3.82 35.58
N ALA C 237 33.00 -3.70 35.41
CA ALA C 237 32.06 -4.43 36.24
C ALA C 237 32.02 -5.91 35.88
N LYS C 238 31.65 -6.73 36.86
CA LYS C 238 31.37 -8.15 36.66
C LYS C 238 29.87 -8.38 36.75
N GLU C 239 29.42 -9.48 36.17
CA GLU C 239 27.99 -9.76 36.17
C GLU C 239 27.45 -9.99 37.58
N GLY C 240 28.32 -10.33 38.53
CA GLY C 240 27.89 -10.44 39.91
C GLY C 240 27.47 -9.10 40.51
N ASP C 241 28.01 -8.00 39.98
CA ASP C 241 27.67 -6.68 40.47
C ASP C 241 26.22 -6.30 40.20
N LEU C 242 25.50 -7.06 39.38
CA LEU C 242 24.12 -6.73 39.03
C LEU C 242 23.10 -7.60 39.74
N HIS C 243 23.53 -8.61 40.50
CA HIS C 243 22.58 -9.42 41.25
C HIS C 243 21.94 -8.63 42.39
N ARG C 244 22.66 -7.63 42.90
CA ARG C 244 22.17 -6.82 44.02
C ARG C 244 22.66 -5.41 43.80
N ILE C 245 21.76 -4.51 43.43
CA ILE C 245 22.11 -3.14 43.10
C ILE C 245 21.50 -2.25 44.18
N GLU C 246 22.35 -1.73 45.06
CA GLU C 246 21.92 -0.84 46.12
C GLU C 246 22.24 0.59 45.69
N ILE C 247 21.20 1.41 45.58
CA ILE C 247 21.35 2.79 45.11
C ILE C 247 20.96 3.73 46.24
N PRO C 248 21.90 4.17 47.07
CA PRO C 248 21.57 5.18 48.08
C PRO C 248 21.30 6.53 47.41
N PHE C 249 20.40 7.30 48.01
CA PHE C 249 20.08 8.61 47.47
C PHE C 249 19.87 9.60 48.61
N LYS C 250 20.19 10.86 48.32
CA LYS C 250 19.93 11.96 49.25
C LYS C 250 19.61 13.18 48.38
N PHE C 251 18.33 13.46 48.21
CA PHE C 251 17.87 14.50 47.29
C PHE C 251 17.76 15.82 48.01
N HIS C 252 18.36 16.86 47.44
CA HIS C 252 18.20 18.23 47.92
C HIS C 252 16.97 18.82 47.24
N MET C 253 15.90 18.96 48.00
CA MET C 253 14.59 19.29 47.42
C MET C 253 14.61 20.71 46.86
N LEU C 254 14.39 20.81 45.55
CA LEU C 254 14.33 22.11 44.88
C LEU C 254 12.95 22.75 44.96
N HIS C 255 11.91 21.97 45.23
CA HIS C 255 10.56 22.50 45.33
C HIS C 255 9.87 21.90 46.55
N SER C 256 8.81 22.58 46.99
CA SER C 256 8.03 22.15 48.14
C SER C 256 6.74 21.49 47.66
N GLY C 257 6.44 20.31 48.19
CA GLY C 257 5.22 19.62 47.82
C GLY C 257 5.23 18.20 48.34
N LEU C 258 4.21 17.45 47.93
CA LEU C 258 4.09 16.05 48.29
C LEU C 258 4.85 15.19 47.28
N VAL C 259 5.82 14.42 47.77
CA VAL C 259 6.59 13.52 46.94
C VAL C 259 5.85 12.18 46.88
N HIS C 260 5.41 11.80 45.68
CA HIS C 260 4.62 10.58 45.51
C HIS C 260 5.45 9.38 45.10
N GLY C 261 6.73 9.55 44.77
CA GLY C 261 7.56 8.42 44.42
C GLY C 261 8.84 8.89 43.73
N LEU C 262 9.49 7.92 43.08
CA LEU C 262 10.75 8.16 42.38
C LEU C 262 10.57 7.90 40.89
N ALA C 263 11.19 8.77 40.08
CA ALA C 263 11.17 8.63 38.62
C ALA C 263 12.53 8.11 38.16
N PHE C 264 12.49 7.21 37.18
CA PHE C 264 13.69 6.51 36.71
C PHE C 264 13.88 6.74 35.22
N TRP C 265 15.13 7.01 34.83
CA TRP C 265 15.54 6.95 33.43
C TRP C 265 17.01 6.56 33.40
N PHE C 266 17.55 6.37 32.20
CA PHE C 266 18.93 5.96 32.09
C PHE C 266 19.58 6.58 30.86
N ASP C 267 20.86 6.90 31.00
CA ASP C 267 21.72 7.29 29.90
C ASP C 267 22.77 6.20 29.70
N VAL C 268 23.33 6.18 28.50
CA VAL C 268 24.39 5.24 28.16
C VAL C 268 25.38 5.96 27.25
N ALA C 269 26.66 5.62 27.39
CA ALA C 269 27.72 6.30 26.68
C ALA C 269 28.55 5.30 25.87
N PHE C 270 28.96 5.73 24.68
CA PHE C 270 29.86 4.98 23.82
C PHE C 270 31.18 5.74 23.80
N ILE C 271 32.11 5.32 24.66
CA ILE C 271 33.39 6.03 24.84
C ILE C 271 34.34 5.48 23.77
N GLY C 272 34.38 6.14 22.62
CA GLY C 272 35.24 5.74 21.53
C GLY C 272 36.54 6.53 21.49
N SER C 273 37.49 6.01 20.70
CA SER C 273 38.80 6.64 20.62
C SER C 273 38.73 8.02 19.99
N ILE C 274 37.77 8.26 19.10
CA ILE C 274 37.62 9.57 18.48
C ILE C 274 36.74 10.49 19.31
N MET C 275 35.60 9.99 19.80
CA MET C 275 34.69 10.82 20.57
C MET C 275 33.81 9.94 21.43
N THR C 276 33.01 10.59 22.28
CA THR C 276 32.05 9.94 23.15
C THR C 276 30.66 10.36 22.72
N VAL C 277 29.80 9.38 22.45
CA VAL C 277 28.42 9.63 22.02
C VAL C 277 27.48 9.13 23.10
N TRP C 278 26.45 9.93 23.40
CA TRP C 278 25.52 9.66 24.48
C TRP C 278 24.14 9.34 23.91
N LEU C 279 23.57 8.24 24.39
CA LEU C 279 22.17 7.90 24.14
C LEU C 279 21.43 8.06 25.46
N SER C 280 20.42 8.94 25.48
CA SER C 280 19.74 9.32 26.71
C SER C 280 18.24 9.10 26.58
N THR C 281 17.65 8.49 27.62
CA THR C 281 16.20 8.35 27.73
C THR C 281 15.62 9.30 28.77
N ALA C 282 16.32 10.39 29.05
CA ALA C 282 15.87 11.31 30.08
C ALA C 282 14.58 12.01 29.64
N PRO C 283 13.74 12.43 30.59
CA PRO C 283 12.52 13.15 30.21
C PRO C 283 12.79 14.52 29.61
N THR C 284 13.99 15.07 29.80
CA THR C 284 14.38 16.32 29.15
C THR C 284 14.75 16.13 27.69
N GLU C 285 14.84 14.89 27.22
CA GLU C 285 15.21 14.56 25.86
C GLU C 285 14.00 14.04 25.08
N PRO C 286 14.12 13.95 23.75
CA PRO C 286 13.02 13.35 22.97
C PRO C 286 12.72 11.93 23.43
N LEU C 287 11.42 11.59 23.39
CA LEU C 287 10.96 10.32 23.92
C LEU C 287 11.53 9.15 23.13
N THR C 288 11.84 8.06 23.83
CA THR C 288 12.31 6.83 23.23
C THR C 288 11.36 5.70 23.59
N HIS C 289 11.57 4.54 22.97
CA HIS C 289 10.70 3.40 23.25
C HIS C 289 10.91 2.84 24.66
N TRP C 290 11.92 3.32 25.39
CA TRP C 290 12.07 3.00 26.80
C TRP C 290 11.23 3.89 27.70
N TYR C 291 10.72 5.02 27.18
CA TYR C 291 9.96 5.98 27.98
C TYR C 291 10.72 6.32 29.27
N GLN C 292 10.00 6.39 30.38
CA GLN C 292 10.58 6.47 31.70
C GLN C 292 9.76 5.59 32.63
N VAL C 293 10.31 5.29 33.80
CA VAL C 293 9.66 4.44 34.79
C VAL C 293 9.53 5.22 36.10
N ARG C 294 8.37 5.12 36.73
CA ARG C 294 8.12 5.72 38.03
C ARG C 294 7.62 4.66 39.00
N CYS C 295 8.12 4.71 40.23
CA CYS C 295 7.68 3.85 41.31
C CYS C 295 7.08 4.72 42.40
N LEU C 296 5.82 4.46 42.76
CA LEU C 296 5.13 5.24 43.75
C LEU C 296 5.55 4.84 45.16
N PHE C 297 5.48 5.80 46.09
CA PHE C 297 5.45 5.49 47.50
C PHE C 297 4.04 5.07 47.90
N GLN C 298 3.97 4.17 48.88
CA GLN C 298 2.66 3.79 49.43
C GLN C 298 1.94 5.01 50.00
N SER C 299 2.70 5.93 50.61
CA SER C 299 2.17 7.18 51.10
C SER C 299 3.06 8.33 50.65
N PRO C 300 2.49 9.48 50.31
CA PRO C 300 3.32 10.62 49.91
C PRO C 300 4.02 11.25 51.10
N LEU C 301 5.13 11.92 50.81
CA LEU C 301 5.95 12.58 51.82
C LEU C 301 6.02 14.06 51.48
N PHE C 302 5.60 14.90 52.42
CA PHE C 302 5.74 16.33 52.25
C PHE C 302 7.18 16.75 52.51
N ALA C 303 7.71 17.57 51.63
CA ALA C 303 9.09 18.03 51.73
C ALA C 303 9.17 19.49 51.35
N LYS C 304 9.73 20.30 52.23
CA LYS C 304 9.93 21.71 51.96
C LYS C 304 11.12 21.90 51.03
N ALA C 305 11.05 22.95 50.20
CA ALA C 305 12.17 23.26 49.32
C ALA C 305 13.41 23.55 50.15
N GLY C 306 14.40 22.67 50.09
CA GLY C 306 15.61 22.77 50.89
C GLY C 306 15.82 21.60 51.82
N ASP C 307 14.79 20.80 52.08
CA ASP C 307 14.96 19.59 52.86
C ASP C 307 15.79 18.56 52.10
N THR C 308 16.11 17.47 52.78
CA THR C 308 16.79 16.34 52.17
C THR C 308 15.89 15.11 52.27
N LEU C 309 15.74 14.40 51.17
CA LEU C 309 14.93 13.19 51.10
C LEU C 309 15.90 12.03 50.86
N SER C 310 16.23 11.29 51.92
CA SER C 310 17.25 10.26 51.87
C SER C 310 16.62 8.88 51.99
N GLY C 311 17.35 7.89 51.48
CA GLY C 311 16.88 6.53 51.50
C GLY C 311 17.71 5.68 50.56
N THR C 312 17.18 4.49 50.26
CA THR C 312 17.84 3.57 49.35
C THR C 312 16.82 2.98 48.39
N CYS C 313 17.27 2.73 47.18
CA CYS C 313 16.55 1.91 46.20
C CYS C 313 17.39 0.66 45.96
N LEU C 314 16.86 -0.49 46.38
CA LEU C 314 17.59 -1.75 46.30
C LEU C 314 16.91 -2.64 45.27
N LEU C 315 17.62 -2.99 44.21
CA LEU C 315 17.13 -3.86 43.16
C LEU C 315 17.72 -5.25 43.38
N ILE C 316 16.84 -6.24 43.55
CA ILE C 316 17.26 -7.61 43.79
C ILE C 316 16.85 -8.44 42.57
N ALA C 317 17.83 -9.01 41.90
CA ALA C 317 17.55 -9.79 40.70
C ALA C 317 16.80 -11.07 41.05
N ASN C 318 15.92 -11.48 40.13
CA ASN C 318 15.13 -12.69 40.30
C ASN C 318 15.21 -13.53 39.04
N LYS C 319 14.71 -14.76 39.13
CA LYS C 319 14.83 -15.71 38.03
C LYS C 319 13.81 -15.45 36.92
N ARG C 320 13.00 -14.41 37.02
CA ARG C 320 12.13 -13.98 35.93
C ARG C 320 12.79 -12.92 35.05
N GLN C 321 14.12 -12.88 35.00
CA GLN C 321 14.85 -11.96 34.14
C GLN C 321 14.51 -10.51 34.47
N SER C 322 14.27 -10.22 35.75
CA SER C 322 13.93 -8.87 36.19
C SER C 322 14.35 -8.73 37.64
N TYR C 323 13.85 -7.67 38.29
CA TYR C 323 14.26 -7.30 39.63
C TYR C 323 13.05 -7.03 40.50
N ASP C 324 13.20 -7.34 41.79
CA ASP C 324 12.29 -6.84 42.81
C ASP C 324 12.85 -5.54 43.34
N ILE C 325 12.01 -4.51 43.39
CA ILE C 325 12.44 -3.16 43.72
C ILE C 325 11.96 -2.82 45.12
N SER C 326 12.90 -2.61 46.03
CA SER C 326 12.61 -2.12 47.37
C SER C 326 13.05 -0.66 47.48
N ILE C 327 12.13 0.20 47.88
CA ILE C 327 12.41 1.63 48.02
C ILE C 327 12.00 2.07 49.42
N VAL C 328 12.91 2.72 50.12
CA VAL C 328 12.62 3.36 51.40
C VAL C 328 13.12 4.79 51.31
N ALA C 329 12.33 5.73 51.84
CA ALA C 329 12.71 7.13 51.80
C ALA C 329 12.09 7.84 52.99
N GLN C 330 12.76 8.89 53.45
CA GLN C 330 12.26 9.68 54.56
C GLN C 330 12.71 11.13 54.38
N VAL C 331 11.92 12.05 54.92
CA VAL C 331 12.29 13.46 54.97
C VAL C 331 13.09 13.65 56.25
N ASP C 332 14.40 13.88 56.10
CA ASP C 332 15.28 13.92 57.26
C ASP C 332 14.86 14.99 58.26
N GLN C 333 14.41 16.15 57.75
CA GLN C 333 14.07 17.26 58.64
C GLN C 333 12.81 16.99 59.45
N THR C 334 11.94 16.08 59.00
CA THR C 334 10.71 15.78 59.71
C THR C 334 10.62 14.34 60.18
N GLY C 335 11.41 13.43 59.63
CA GLY C 335 11.35 12.03 60.00
C GLY C 335 10.23 11.25 59.35
N SER C 336 9.39 11.89 58.53
CA SER C 336 8.30 11.18 57.87
C SER C 336 8.87 10.13 56.91
N LYS C 337 8.33 8.91 57.00
CA LYS C 337 8.86 7.77 56.27
C LYS C 337 7.79 7.16 55.38
N SER C 338 8.23 6.62 54.25
CA SER C 338 7.39 5.76 53.44
C SER C 338 8.30 4.78 52.69
N SER C 339 7.67 3.80 52.06
CA SER C 339 8.39 2.77 51.34
C SER C 339 7.49 2.21 50.26
N ASN C 340 8.01 1.26 49.49
CA ASN C 340 7.20 0.47 48.59
C ASN C 340 8.06 -0.67 48.05
N LEU C 341 7.38 -1.72 47.61
CA LEU C 341 8.01 -2.91 47.07
C LEU C 341 7.33 -3.25 45.75
N LEU C 342 8.08 -3.20 44.65
CA LEU C 342 7.51 -3.30 43.32
C LEU C 342 8.13 -4.46 42.54
N ASP C 343 7.36 -4.99 41.61
CA ASP C 343 7.77 -6.10 40.73
C ASP C 343 8.03 -5.51 39.35
N LEU C 344 9.30 -5.33 39.00
CA LEU C 344 9.65 -4.70 37.73
C LEU C 344 9.24 -5.53 36.53
N LYS C 345 9.05 -6.84 36.69
CA LYS C 345 8.72 -7.70 35.56
C LYS C 345 7.32 -7.43 35.02
N ASN C 346 6.41 -6.86 35.82
CA ASN C 346 5.02 -6.64 35.43
C ASN C 346 4.64 -5.19 35.69
N PRO C 347 5.13 -4.27 34.87
CA PRO C 347 4.77 -2.86 35.04
C PRO C 347 3.44 -2.55 34.35
N PHE C 348 2.97 -1.33 34.59
CA PHE C 348 1.75 -0.82 33.97
C PHE C 348 2.13 0.18 32.90
N PHE C 349 1.78 -0.12 31.64
N PHE C 349 1.78 -0.14 31.65
CA PHE C 349 2.05 0.78 30.52
CA PHE C 349 2.01 0.77 30.51
C PHE C 349 0.92 1.80 30.48
C PHE C 349 0.88 1.79 30.48
N ARG C 350 1.11 2.90 31.19
CA ARG C 350 0.09 3.94 31.32
C ARG C 350 0.09 4.92 30.15
N TYR C 351 1.09 4.85 29.28
CA TYR C 351 1.25 5.85 28.24
C TYR C 351 0.09 5.83 27.27
N THR C 352 -0.39 7.01 26.91
CA THR C 352 -1.48 7.16 25.95
C THR C 352 -0.99 7.87 24.69
N ARG D 9 0.30 -35.53 33.86
CA ARG D 9 -0.48 -36.76 33.87
C ARG D 9 -1.96 -36.47 33.69
N SER D 10 -2.36 -35.23 33.95
CA SER D 10 -3.76 -34.85 33.78
C SER D 10 -4.03 -34.46 32.33
N VAL D 11 -5.32 -34.46 31.98
CA VAL D 11 -5.73 -34.08 30.63
C VAL D 11 -5.19 -32.70 30.28
N PHE D 12 -5.16 -31.79 31.26
CA PHE D 12 -4.71 -30.43 31.00
C PHE D 12 -3.23 -30.40 30.68
N SER D 13 -2.40 -31.00 31.53
CA SER D 13 -0.95 -30.91 31.37
C SER D 13 -0.46 -31.66 30.14
N GLU D 14 -1.20 -32.64 29.65
CA GLU D 14 -0.78 -33.35 28.45
C GLU D 14 -1.04 -32.54 27.18
N ARG D 15 -2.03 -31.65 27.20
CA ARG D 15 -2.35 -30.82 26.06
C ARG D 15 -1.87 -29.38 26.21
N THR D 16 -1.04 -29.09 27.20
CA THR D 16 -0.65 -27.71 27.50
C THR D 16 0.83 -27.65 27.84
N GLU D 17 1.56 -26.79 27.13
CA GLU D 17 2.91 -26.46 27.53
C GLU D 17 2.90 -25.76 28.88
N GLU D 18 3.75 -26.22 29.80
CA GLU D 18 3.83 -25.59 31.11
C GLU D 18 4.08 -24.09 30.98
N SER D 19 5.01 -23.70 30.10
CA SER D 19 5.32 -22.28 29.92
C SER D 19 4.07 -21.47 29.59
N SER D 20 3.21 -22.01 28.71
CA SER D 20 1.96 -21.32 28.38
C SER D 20 1.04 -21.24 29.59
N ALA D 21 0.88 -22.36 30.31
CA ALA D 21 -0.03 -22.39 31.44
C ALA D 21 0.40 -21.44 32.54
N VAL D 22 1.71 -21.30 32.75
CA VAL D 22 2.21 -20.39 33.80
C VAL D 22 1.72 -18.97 33.53
N GLN D 23 2.01 -18.44 32.34
CA GLN D 23 1.59 -17.08 32.04
C GLN D 23 0.08 -16.97 31.94
N TYR D 24 -0.58 -18.01 31.44
CA TYR D 24 -2.03 -17.99 31.33
C TYR D 24 -2.68 -17.79 32.70
N PHE D 25 -2.35 -18.63 33.67
CA PHE D 25 -2.97 -18.53 34.99
C PHE D 25 -2.42 -17.35 35.78
N GLN D 26 -1.18 -16.95 35.50
CA GLN D 26 -0.66 -15.71 36.08
C GLN D 26 -1.53 -14.52 35.67
N PHE D 27 -1.91 -14.46 34.40
CA PHE D 27 -2.78 -13.38 33.92
C PHE D 27 -4.07 -13.32 34.74
N TYR D 28 -4.72 -14.47 34.92
CA TYR D 28 -5.98 -14.50 35.64
C TYR D 28 -5.82 -14.37 37.15
N GLY D 29 -4.59 -14.29 37.66
CA GLY D 29 -4.40 -14.00 39.05
C GLY D 29 -4.56 -12.54 39.41
N TYR D 30 -4.64 -11.66 38.42
CA TYR D 30 -4.68 -10.23 38.65
C TYR D 30 -6.11 -9.74 38.85
N LEU D 31 -6.33 -8.99 39.93
CA LEU D 31 -7.64 -8.42 40.19
C LEU D 31 -8.08 -7.46 39.10
N SER D 32 -7.13 -6.73 38.50
CA SER D 32 -7.48 -5.81 37.43
C SER D 32 -8.09 -6.54 36.24
N GLN D 33 -7.65 -7.76 35.97
CA GLN D 33 -8.24 -8.52 34.87
C GLN D 33 -9.64 -9.00 35.23
N GLN D 34 -9.89 -9.31 36.50
CA GLN D 34 -11.26 -9.59 36.93
C GLN D 34 -12.13 -8.37 36.75
N GLN D 35 -11.66 -7.21 37.20
CA GLN D 35 -12.41 -5.97 37.00
C GLN D 35 -12.72 -5.76 35.51
N ASN D 36 -11.76 -6.04 34.64
CA ASN D 36 -11.95 -5.81 33.21
C ASN D 36 -13.12 -6.61 32.67
N MET D 37 -13.24 -7.88 33.06
CA MET D 37 -14.36 -8.70 32.60
C MET D 37 -15.65 -8.34 33.34
N MET D 38 -15.55 -8.03 34.63
CA MET D 38 -16.75 -7.73 35.42
C MET D 38 -17.40 -6.44 34.98
N GLN D 39 -16.60 -5.45 34.52
CA GLN D 39 -17.16 -4.19 34.05
C GLN D 39 -17.88 -4.34 32.71
N ASP D 40 -17.56 -5.36 31.94
CA ASP D 40 -18.35 -5.69 30.76
C ASP D 40 -19.78 -5.96 31.20
N TYR D 41 -20.64 -4.94 31.16
CA TYR D 41 -21.97 -5.08 31.73
C TYR D 41 -22.85 -5.98 30.89
N VAL D 42 -22.63 -6.05 29.58
CA VAL D 42 -23.35 -7.00 28.75
C VAL D 42 -23.07 -8.42 29.22
N ARG D 43 -21.79 -8.72 29.46
CA ARG D 43 -21.39 -10.07 29.83
C ARG D 43 -21.88 -10.44 31.23
N THR D 44 -21.64 -9.56 32.20
CA THR D 44 -22.04 -9.88 33.58
C THR D 44 -23.55 -9.83 33.75
N GLY D 45 -24.20 -8.81 33.19
CA GLY D 45 -25.64 -8.70 33.34
C GLY D 45 -26.39 -9.81 32.65
N THR D 46 -25.93 -10.19 31.45
CA THR D 46 -26.59 -11.29 30.74
C THR D 46 -26.39 -12.61 31.45
N TYR D 47 -25.22 -12.82 32.08
CA TYR D 47 -25.02 -14.03 32.88
C TYR D 47 -25.98 -14.07 34.05
N GLN D 48 -26.09 -12.96 34.79
CA GLN D 48 -27.02 -12.91 35.91
C GLN D 48 -28.46 -13.09 35.42
N ARG D 49 -28.80 -12.48 34.28
CA ARG D 49 -30.15 -12.63 33.74
C ARG D 49 -30.46 -14.09 33.44
N ALA D 50 -29.50 -14.81 32.82
CA ALA D 50 -29.73 -16.20 32.47
C ALA D 50 -29.95 -17.06 33.71
N ILE D 51 -29.20 -16.81 34.77
CA ILE D 51 -29.28 -17.65 35.96
C ILE D 51 -30.53 -17.32 36.77
N LEU D 52 -30.75 -16.04 37.07
CA LEU D 52 -31.89 -15.67 37.92
C LEU D 52 -33.21 -15.91 37.22
N GLN D 53 -33.33 -15.54 35.95
CA GLN D 53 -34.56 -15.80 35.21
C GLN D 53 -34.85 -17.29 35.10
N ASN D 54 -33.83 -18.14 35.24
CA ASN D 54 -34.02 -19.59 35.24
C ASN D 54 -33.70 -20.13 36.63
N HIS D 55 -34.26 -19.51 37.67
CA HIS D 55 -33.98 -19.93 39.03
C HIS D 55 -34.40 -21.36 39.28
N THR D 56 -35.38 -21.88 38.53
CA THR D 56 -35.84 -23.25 38.72
C THR D 56 -34.74 -24.25 38.39
N ASP D 57 -33.79 -23.87 37.54
CA ASP D 57 -32.67 -24.74 37.23
C ASP D 57 -31.59 -24.72 38.29
N PHE D 58 -31.74 -23.90 39.34
CA PHE D 58 -30.76 -23.82 40.42
C PHE D 58 -31.35 -24.05 41.79
N LYS D 59 -32.66 -23.90 41.98
CA LYS D 59 -33.25 -23.98 43.31
C LYS D 59 -32.96 -25.34 43.95
N ASP D 60 -32.23 -25.31 45.07
CA ASP D 60 -31.89 -26.51 45.83
C ASP D 60 -31.15 -27.53 44.96
N LYS D 61 -30.31 -27.05 44.05
CA LYS D 61 -29.53 -27.88 43.16
C LYS D 61 -28.07 -27.88 43.56
N ILE D 62 -27.32 -28.84 43.03
CA ILE D 62 -25.88 -28.91 43.18
C ILE D 62 -25.24 -28.34 41.93
N VAL D 63 -24.29 -27.42 42.11
CA VAL D 63 -23.72 -26.64 41.01
C VAL D 63 -22.20 -26.80 40.99
N LEU D 64 -21.65 -26.78 39.78
CA LEU D 64 -20.21 -26.71 39.56
C LEU D 64 -19.91 -25.50 38.69
N ASP D 65 -19.00 -24.65 39.16
CA ASP D 65 -18.61 -23.43 38.44
C ASP D 65 -17.16 -23.59 38.00
N VAL D 66 -16.97 -23.86 36.71
CA VAL D 66 -15.64 -24.16 36.16
C VAL D 66 -14.96 -22.85 35.80
N GLY D 67 -13.81 -22.58 36.43
CA GLY D 67 -13.08 -21.34 36.19
C GLY D 67 -13.83 -20.15 36.74
N CYS D 68 -14.11 -20.17 38.04
CA CYS D 68 -15.01 -19.20 38.65
C CYS D 68 -14.37 -17.82 38.82
N GLY D 69 -13.06 -17.69 38.64
CA GLY D 69 -12.42 -16.41 38.90
C GLY D 69 -12.73 -15.94 40.31
N SER D 70 -13.27 -14.72 40.41
CA SER D 70 -13.64 -14.18 41.71
C SER D 70 -14.92 -14.80 42.26
N GLY D 71 -15.63 -15.60 41.48
CA GLY D 71 -16.79 -16.33 41.94
C GLY D 71 -18.13 -15.71 41.61
N ILE D 72 -18.16 -14.68 40.77
CA ILE D 72 -19.40 -13.96 40.51
C ILE D 72 -20.51 -14.91 40.09
N LEU D 73 -20.20 -15.86 39.20
CA LEU D 73 -21.24 -16.77 38.73
C LEU D 73 -21.76 -17.66 39.85
N SER D 74 -20.89 -18.04 40.79
CA SER D 74 -21.35 -18.83 41.93
C SER D 74 -22.27 -18.01 42.83
N PHE D 75 -21.98 -16.72 42.99
CA PHE D 75 -22.88 -15.86 43.76
C PHE D 75 -24.23 -15.74 43.08
N PHE D 76 -24.25 -15.66 41.75
CA PHE D 76 -25.52 -15.65 41.03
C PHE D 76 -26.27 -16.95 41.24
N ALA D 77 -25.55 -18.08 41.22
CA ALA D 77 -26.18 -19.36 41.51
C ALA D 77 -26.75 -19.38 42.93
N ALA D 78 -26.03 -18.78 43.88
CA ALA D 78 -26.54 -18.69 45.25
C ALA D 78 -27.80 -17.83 45.30
N GLN D 79 -27.80 -16.69 44.60
CA GLN D 79 -28.98 -15.84 44.57
C GLN D 79 -30.18 -16.57 43.98
N ALA D 80 -29.94 -17.52 43.08
CA ALA D 80 -31.02 -18.27 42.45
C ALA D 80 -31.47 -19.46 43.28
N GLY D 81 -30.88 -19.69 44.44
CA GLY D 81 -31.36 -20.70 45.36
C GLY D 81 -30.57 -22.00 45.39
N ALA D 82 -29.35 -22.02 44.87
CA ALA D 82 -28.58 -23.26 44.84
C ALA D 82 -28.34 -23.79 46.25
N ARG D 83 -28.33 -25.11 46.38
CA ARG D 83 -28.04 -25.75 47.67
C ARG D 83 -26.55 -25.71 47.96
N LYS D 84 -25.73 -26.08 46.98
CA LYS D 84 -24.29 -26.15 47.18
C LYS D 84 -23.60 -25.92 45.84
N ILE D 85 -22.56 -25.08 45.85
CA ILE D 85 -21.87 -24.66 44.63
C ILE D 85 -20.38 -24.96 44.80
N TYR D 86 -19.85 -25.80 43.93
CA TYR D 86 -18.41 -26.06 43.87
C TYR D 86 -17.80 -25.12 42.83
N ALA D 87 -16.93 -24.21 43.29
CA ALA D 87 -16.33 -23.20 42.42
C ALA D 87 -14.86 -23.56 42.23
N VAL D 88 -14.53 -24.08 41.05
CA VAL D 88 -13.18 -24.54 40.73
C VAL D 88 -12.47 -23.43 39.96
N GLU D 89 -11.29 -23.03 40.45
CA GLU D 89 -10.48 -22.02 39.78
C GLU D 89 -9.01 -22.41 39.94
N ALA D 90 -8.26 -22.35 38.85
CA ALA D 90 -6.87 -22.80 38.84
C ALA D 90 -5.88 -21.68 39.12
N SER D 91 -6.27 -20.42 38.92
CA SER D 91 -5.37 -19.31 39.22
C SER D 91 -5.41 -19.00 40.71
N THR D 92 -4.53 -18.09 41.14
CA THR D 92 -4.53 -17.63 42.52
C THR D 92 -5.76 -16.80 42.86
N MET D 93 -6.57 -16.45 41.86
CA MET D 93 -7.82 -15.74 42.12
C MET D 93 -8.74 -16.54 43.04
N ALA D 94 -8.53 -17.86 43.12
CA ALA D 94 -9.34 -18.68 44.02
C ALA D 94 -9.27 -18.17 45.46
N GLN D 95 -8.12 -17.64 45.88
CA GLN D 95 -8.00 -17.09 47.22
C GLN D 95 -8.95 -15.91 47.41
N HIS D 96 -8.93 -14.97 46.46
CA HIS D 96 -9.83 -13.82 46.55
C HIS D 96 -11.29 -14.26 46.51
N ALA D 97 -11.60 -15.31 45.76
CA ALA D 97 -12.96 -15.82 45.71
C ALA D 97 -13.40 -16.33 47.08
N GLU D 98 -12.53 -17.08 47.75
CA GLU D 98 -12.85 -17.53 49.10
C GLU D 98 -13.09 -16.36 50.03
N VAL D 99 -12.29 -15.28 49.88
CA VAL D 99 -12.49 -14.10 50.71
C VAL D 99 -13.90 -13.56 50.51
N LEU D 100 -14.35 -13.47 49.26
CA LEU D 100 -15.69 -12.95 48.98
C LEU D 100 -16.77 -13.87 49.55
N VAL D 101 -16.57 -15.19 49.45
CA VAL D 101 -17.55 -16.12 50.00
C VAL D 101 -17.75 -15.86 51.48
N LYS D 102 -16.64 -15.68 52.22
CA LYS D 102 -16.75 -15.46 53.66
C LYS D 102 -17.30 -14.07 53.98
N SER D 103 -16.88 -13.06 53.22
CA SER D 103 -17.37 -11.71 53.49
C SER D 103 -18.84 -11.54 53.12
N ASN D 104 -19.37 -12.39 52.22
CA ASN D 104 -20.78 -12.37 51.87
C ASN D 104 -21.59 -13.41 52.64
N ASN D 105 -20.99 -14.06 53.63
CA ASN D 105 -21.69 -15.01 54.49
C ASN D 105 -22.39 -16.09 53.66
N LEU D 106 -21.62 -16.71 52.76
CA LEU D 106 -22.12 -17.79 51.92
C LEU D 106 -21.24 -19.03 52.01
N THR D 107 -20.51 -19.20 53.12
CA THR D 107 -19.64 -20.35 53.29
C THR D 107 -20.43 -21.65 53.27
N ASP D 108 -21.71 -21.60 53.67
CA ASP D 108 -22.54 -22.79 53.70
C ASP D 108 -23.04 -23.23 52.32
N ARG D 109 -22.70 -22.49 51.26
CA ARG D 109 -23.22 -22.82 49.94
C ARG D 109 -22.23 -22.68 48.80
N ILE D 110 -21.18 -21.87 48.92
CA ILE D 110 -20.13 -21.79 47.90
C ILE D 110 -18.87 -22.39 48.50
N VAL D 111 -18.39 -23.46 47.87
CA VAL D 111 -17.18 -24.16 48.29
C VAL D 111 -16.15 -23.98 47.18
N VAL D 112 -15.17 -23.11 47.42
CA VAL D 112 -14.10 -22.90 46.46
C VAL D 112 -13.14 -24.08 46.52
N ILE D 113 -12.82 -24.63 45.36
CA ILE D 113 -11.88 -25.74 45.24
C ILE D 113 -10.74 -25.31 44.32
N PRO D 114 -9.60 -24.91 44.88
CA PRO D 114 -8.50 -24.44 44.03
C PRO D 114 -7.91 -25.58 43.22
N GLY D 115 -7.57 -25.27 41.96
CA GLY D 115 -6.92 -26.25 41.10
C GLY D 115 -7.52 -26.28 39.71
N LYS D 116 -6.99 -27.16 38.86
CA LYS D 116 -7.52 -27.35 37.53
C LYS D 116 -8.68 -28.33 37.57
N VAL D 117 -9.72 -28.04 36.80
CA VAL D 117 -10.91 -28.88 36.82
C VAL D 117 -10.59 -30.30 36.38
N GLU D 118 -9.50 -30.48 35.62
CA GLU D 118 -9.08 -31.82 35.21
C GLU D 118 -8.35 -32.58 36.31
N GLU D 119 -8.03 -31.93 37.43
CA GLU D 119 -7.21 -32.54 38.47
C GLU D 119 -7.88 -32.59 39.84
N VAL D 120 -8.88 -31.75 40.10
CA VAL D 120 -9.48 -31.72 41.43
C VAL D 120 -10.47 -32.88 41.58
N SER D 121 -10.86 -33.15 42.81
CA SER D 121 -11.86 -34.14 43.14
C SER D 121 -13.07 -33.47 43.76
N LEU D 122 -14.26 -33.91 43.34
CA LEU D 122 -15.50 -33.40 43.91
C LEU D 122 -16.20 -34.47 44.74
N PRO D 123 -16.84 -34.10 45.85
CA PRO D 123 -17.50 -35.11 46.69
C PRO D 123 -18.79 -35.67 46.11
N GLU D 124 -19.36 -35.05 45.08
CA GLU D 124 -20.63 -35.51 44.54
C GLU D 124 -20.80 -35.01 43.11
N GLN D 125 -21.67 -35.69 42.37
CA GLN D 125 -22.07 -35.22 41.05
C GLN D 125 -22.96 -33.99 41.18
N VAL D 126 -22.97 -33.17 40.14
CA VAL D 126 -23.69 -31.91 40.15
C VAL D 126 -24.86 -31.99 39.18
N ASP D 127 -25.85 -31.14 39.43
CA ASP D 127 -27.03 -31.06 38.56
C ASP D 127 -26.81 -30.15 37.36
N ILE D 128 -25.93 -29.16 37.48
CA ILE D 128 -25.77 -28.15 36.43
C ILE D 128 -24.37 -27.57 36.55
N ILE D 129 -23.75 -27.33 35.40
CA ILE D 129 -22.42 -26.73 35.31
C ILE D 129 -22.59 -25.30 34.77
N ILE D 130 -21.95 -24.34 35.42
CA ILE D 130 -21.88 -22.98 34.93
C ILE D 130 -20.42 -22.63 34.71
N SER D 131 -20.18 -21.76 33.73
CA SER D 131 -18.81 -21.36 33.39
C SER D 131 -18.88 -20.23 32.38
N GLU D 132 -17.73 -19.58 32.20
CA GLU D 132 -17.50 -18.66 31.10
C GLU D 132 -16.27 -19.17 30.36
N PRO D 133 -16.43 -20.19 29.51
CA PRO D 133 -15.27 -20.75 28.80
C PRO D 133 -14.91 -20.05 27.50
N MET D 134 -15.61 -18.99 27.13
CA MET D 134 -15.44 -18.38 25.81
C MET D 134 -14.24 -17.45 25.82
N GLY D 135 -13.26 -17.72 24.94
CA GLY D 135 -12.25 -16.74 24.59
C GLY D 135 -12.70 -15.95 23.37
N TYR D 136 -11.83 -15.03 22.93
CA TYR D 136 -12.15 -14.33 21.70
C TYR D 136 -12.12 -15.31 20.53
N MET D 137 -12.99 -15.07 19.57
CA MET D 137 -13.29 -16.06 18.52
C MET D 137 -13.85 -17.34 19.12
N LEU D 138 -14.36 -17.26 20.36
CA LEU D 138 -14.90 -18.38 21.12
C LEU D 138 -13.82 -19.37 21.56
N PHE D 139 -13.03 -19.89 20.62
CA PHE D 139 -12.23 -21.07 20.89
C PHE D 139 -10.90 -20.79 21.56
N ASN D 140 -10.40 -19.55 21.52
CA ASN D 140 -9.12 -19.25 22.14
C ASN D 140 -9.15 -19.62 23.62
N GLU D 141 -7.97 -19.93 24.15
CA GLU D 141 -7.75 -20.33 25.55
C GLU D 141 -7.98 -21.82 25.77
N ARG D 142 -8.70 -22.48 24.87
CA ARG D 142 -9.03 -23.90 25.00
C ARG D 142 -9.75 -24.20 26.31
N MET D 143 -10.35 -23.19 26.93
CA MET D 143 -11.15 -23.39 28.13
C MET D 143 -12.40 -24.20 27.85
N LEU D 144 -12.86 -24.24 26.60
CA LEU D 144 -14.06 -25.01 26.26
C LEU D 144 -13.85 -26.50 26.48
N GLU D 145 -12.62 -26.99 26.32
CA GLU D 145 -12.36 -28.40 26.57
C GLU D 145 -12.39 -28.70 28.07
N SER D 146 -11.92 -27.77 28.89
CA SER D 146 -12.09 -27.92 30.33
C SER D 146 -13.56 -27.93 30.71
N TYR D 147 -14.34 -27.01 30.14
CA TYR D 147 -15.78 -26.97 30.37
C TYR D 147 -16.43 -28.31 30.03
N LEU D 148 -16.07 -28.87 28.87
CA LEU D 148 -16.62 -30.18 28.49
C LEU D 148 -16.07 -31.29 29.38
N HIS D 149 -14.78 -31.20 29.72
CA HIS D 149 -14.17 -32.21 30.59
C HIS D 149 -14.92 -32.29 31.91
N ALA D 150 -15.42 -31.17 32.42
CA ALA D 150 -16.12 -31.15 33.69
C ALA D 150 -17.43 -31.94 33.66
N LYS D 151 -17.90 -32.33 32.47
CA LYS D 151 -19.13 -33.12 32.39
C LYS D 151 -19.00 -34.47 33.07
N LYS D 152 -17.77 -34.92 33.39
CA LYS D 152 -17.62 -36.14 34.16
C LYS D 152 -18.24 -36.01 35.55
N TYR D 153 -18.49 -34.80 36.02
CA TYR D 153 -19.16 -34.55 37.29
C TYR D 153 -20.64 -34.24 37.13
N LEU D 154 -21.17 -34.36 35.92
CA LEU D 154 -22.55 -33.96 35.65
C LEU D 154 -23.46 -35.19 35.68
N LYS D 155 -24.53 -35.12 36.46
CA LYS D 155 -25.52 -36.17 36.47
C LYS D 155 -26.11 -36.33 35.06
N PRO D 156 -26.64 -37.50 34.75
CA PRO D 156 -27.40 -37.65 33.51
C PRO D 156 -28.54 -36.64 33.46
N SER D 157 -28.81 -36.12 32.27
CA SER D 157 -29.82 -35.09 32.07
C SER D 157 -29.53 -33.81 32.86
N GLY D 158 -28.27 -33.64 33.29
CA GLY D 158 -27.88 -32.38 33.87
C GLY D 158 -27.66 -31.31 32.82
N ASN D 159 -27.93 -30.07 33.20
CA ASN D 159 -27.87 -28.96 32.27
C ASN D 159 -26.49 -28.30 32.30
N MET D 160 -26.27 -27.37 31.37
CA MET D 160 -25.03 -26.62 31.30
C MET D 160 -25.32 -25.19 30.87
N PHE D 161 -24.70 -24.25 31.56
CA PHE D 161 -24.84 -22.82 31.27
C PHE D 161 -23.46 -22.25 30.97
N PRO D 162 -23.15 -21.84 29.73
CA PRO D 162 -24.03 -21.87 28.55
C PRO D 162 -24.28 -23.28 28.04
N THR D 163 -25.31 -23.45 27.22
CA THR D 163 -25.69 -24.76 26.69
C THR D 163 -25.11 -25.03 25.32
N ILE D 164 -25.15 -24.05 24.41
CA ILE D 164 -24.58 -24.17 23.08
C ILE D 164 -23.79 -22.91 22.78
N GLY D 165 -22.96 -23.00 21.74
CA GLY D 165 -22.22 -21.85 21.25
C GLY D 165 -22.28 -21.77 19.73
N ASP D 166 -22.71 -20.63 19.21
CA ASP D 166 -22.79 -20.41 17.77
C ASP D 166 -21.61 -19.55 17.34
N VAL D 167 -20.79 -20.08 16.45
CA VAL D 167 -19.72 -19.31 15.81
C VAL D 167 -20.23 -18.82 14.45
N HIS D 168 -20.13 -17.52 14.22
CA HIS D 168 -20.54 -16.92 12.96
C HIS D 168 -19.32 -16.42 12.21
N LEU D 169 -19.33 -16.60 10.90
CA LEU D 169 -18.29 -16.06 10.03
C LEU D 169 -18.94 -15.45 8.80
N ALA D 170 -18.37 -14.35 8.32
CA ALA D 170 -18.90 -13.65 7.17
C ALA D 170 -17.76 -12.92 6.47
N PRO D 171 -17.80 -12.82 5.14
CA PRO D 171 -16.77 -12.05 4.44
C PRO D 171 -16.98 -10.56 4.63
N PHE D 172 -15.87 -9.82 4.64
CA PHE D 172 -15.92 -8.38 4.86
C PHE D 172 -14.99 -7.68 3.89
N THR D 173 -15.29 -6.41 3.64
CA THR D 173 -14.43 -5.52 2.88
C THR D 173 -14.02 -4.37 3.78
N ASP D 174 -12.71 -4.17 3.90
CA ASP D 174 -12.17 -3.08 4.70
C ASP D 174 -10.80 -2.71 4.17
N GLU D 175 -10.77 -1.86 3.14
CA GLU D 175 -9.52 -1.50 2.49
C GLU D 175 -8.58 -0.78 3.44
N GLN D 176 -9.13 0.07 4.31
CA GLN D 176 -8.28 0.80 5.25
C GLN D 176 -7.56 -0.15 6.19
N LEU D 177 -8.25 -1.15 6.72
CA LEU D 177 -7.62 -2.14 7.59
C LEU D 177 -6.53 -2.90 6.83
N TYR D 178 -6.83 -3.34 5.61
CA TYR D 178 -5.84 -4.05 4.82
C TYR D 178 -4.62 -3.18 4.57
N MET D 179 -4.83 -1.89 4.28
CA MET D 179 -3.72 -0.99 4.04
C MET D 179 -2.96 -0.70 5.33
N GLU D 180 -3.66 -0.58 6.45
CA GLU D 180 -3.00 -0.36 7.73
C GLU D 180 -2.00 -1.46 8.03
N GLN D 181 -2.40 -2.72 7.81
CA GLN D 181 -1.51 -3.85 8.08
C GLN D 181 -0.46 -4.02 6.99
N PHE D 182 -0.84 -3.77 5.73
CA PHE D 182 0.12 -3.87 4.65
C PHE D 182 1.20 -2.79 4.79
N THR D 183 0.81 -1.58 5.19
CA THR D 183 1.79 -0.52 5.41
C THR D 183 2.77 -0.91 6.52
N LYS D 184 2.27 -1.46 7.63
CA LYS D 184 3.16 -1.93 8.69
C LYS D 184 4.18 -2.91 8.15
N ALA D 185 3.72 -3.86 7.32
CA ALA D 185 4.63 -4.89 6.81
C ALA D 185 5.63 -4.32 5.81
N ASN D 186 5.26 -3.27 5.08
CA ASN D 186 6.15 -2.72 4.07
C ASN D 186 7.34 -2.00 4.67
N PHE D 187 7.46 -1.93 5.99
CA PHE D 187 8.69 -1.41 6.59
C PHE D 187 9.88 -2.26 6.19
N TRP D 188 9.68 -3.57 6.06
CA TRP D 188 10.73 -4.49 5.64
C TRP D 188 10.91 -4.53 4.13
N TYR D 189 10.31 -3.57 3.42
CA TYR D 189 10.52 -3.39 2.00
C TYR D 189 11.65 -2.41 1.71
N GLN D 190 12.08 -1.64 2.70
CA GLN D 190 13.13 -0.65 2.53
C GLN D 190 14.41 -1.31 2.06
N PRO D 191 15.01 -0.87 0.94
CA PRO D 191 16.33 -1.38 0.55
C PRO D 191 17.49 -0.68 1.22
N SER D 192 17.26 0.39 1.97
CA SER D 192 18.35 1.12 2.60
C SER D 192 17.89 1.77 3.91
N PHE D 193 17.51 0.94 4.89
CA PHE D 193 17.21 1.44 6.22
C PHE D 193 18.52 1.67 6.96
N HIS D 194 18.90 2.94 7.12
CA HIS D 194 20.22 3.27 7.65
C HIS D 194 21.32 2.58 6.86
N GLY D 195 21.10 2.41 5.55
CA GLY D 195 22.06 1.80 4.68
C GLY D 195 21.96 0.30 4.55
N VAL D 196 20.95 -0.34 5.14
CA VAL D 196 20.82 -1.79 5.18
C VAL D 196 19.61 -2.20 4.37
N ASP D 197 19.77 -3.26 3.57
CA ASP D 197 18.71 -3.75 2.70
C ASP D 197 17.88 -4.78 3.48
N LEU D 198 16.64 -4.41 3.82
CA LEU D 198 15.74 -5.28 4.55
C LEU D 198 14.82 -6.09 3.64
N SER D 199 14.80 -5.78 2.34
CA SER D 199 13.76 -6.31 1.45
C SER D 199 13.66 -7.83 1.51
N ALA D 200 14.75 -8.52 1.84
CA ALA D 200 14.71 -9.98 1.85
C ALA D 200 13.71 -10.52 2.88
N LEU D 201 13.50 -9.79 3.98
CA LEU D 201 12.55 -10.19 5.01
C LEU D 201 11.15 -9.70 4.73
N ARG D 202 10.95 -8.94 3.64
CA ARG D 202 9.63 -8.42 3.29
C ARG D 202 8.58 -9.52 3.36
N GLY D 203 8.84 -10.66 2.72
CA GLY D 203 7.86 -11.72 2.69
C GLY D 203 7.53 -12.28 4.05
N ALA D 204 8.55 -12.51 4.88
CA ALA D 204 8.31 -13.05 6.22
C ALA D 204 7.55 -12.05 7.09
N ALA D 205 7.80 -10.75 6.90
CA ALA D 205 7.06 -9.74 7.65
C ALA D 205 5.58 -9.78 7.31
N VAL D 206 5.25 -9.89 6.01
CA VAL D 206 3.85 -9.97 5.61
C VAL D 206 3.18 -11.17 6.25
N ASP D 207 3.84 -12.33 6.20
CA ASP D 207 3.29 -13.53 6.84
C ASP D 207 2.99 -13.27 8.31
N GLU D 208 3.95 -12.70 9.04
CA GLU D 208 3.76 -12.50 10.47
C GLU D 208 2.59 -11.56 10.75
N TYR D 209 2.57 -10.40 10.08
CA TYR D 209 1.53 -9.41 10.37
C TYR D 209 0.14 -9.94 10.02
N PHE D 210 0.02 -10.70 8.93
CA PHE D 210 -1.28 -11.19 8.50
C PHE D 210 -1.69 -12.49 9.18
N ARG D 211 -0.78 -13.13 9.91
CA ARG D 211 -1.19 -14.20 10.82
C ARG D 211 -1.93 -13.66 12.03
N GLN D 212 -1.80 -12.36 12.31
CA GLN D 212 -2.40 -11.80 13.50
C GLN D 212 -3.89 -11.57 13.27
N PRO D 213 -4.78 -12.25 14.00
CA PRO D 213 -6.18 -11.85 13.96
C PRO D 213 -6.35 -10.44 14.51
N VAL D 214 -7.24 -9.68 13.87
CA VAL D 214 -7.49 -8.30 14.26
C VAL D 214 -8.69 -8.29 15.18
N VAL D 215 -8.47 -7.91 16.42
CA VAL D 215 -9.52 -7.88 17.44
C VAL D 215 -9.96 -6.43 17.62
N ASP D 216 -11.16 -6.14 17.17
CA ASP D 216 -11.81 -4.85 17.37
C ASP D 216 -13.24 -4.98 16.85
N THR D 217 -13.96 -3.87 16.80
CA THR D 217 -15.31 -3.86 16.26
C THR D 217 -15.33 -3.11 14.94
N PHE D 218 -16.46 -3.22 14.26
CA PHE D 218 -16.60 -2.64 12.93
C PHE D 218 -18.08 -2.41 12.64
N ASP D 219 -18.34 -1.55 11.66
CA ASP D 219 -19.71 -1.34 11.19
C ASP D 219 -20.15 -2.53 10.36
N ILE D 220 -21.41 -2.95 10.56
CA ILE D 220 -21.91 -4.14 9.88
C ILE D 220 -22.04 -3.95 8.37
N ARG D 221 -21.93 -2.71 7.89
CA ARG D 221 -22.00 -2.47 6.45
C ARG D 221 -20.82 -3.10 5.70
N ILE D 222 -19.75 -3.47 6.41
CA ILE D 222 -18.59 -4.04 5.73
C ILE D 222 -18.78 -5.50 5.36
N LEU D 223 -19.81 -6.16 5.91
CA LEU D 223 -20.05 -7.56 5.60
C LEU D 223 -20.71 -7.68 4.23
N MET D 224 -20.27 -8.68 3.47
N MET D 224 -20.27 -8.68 3.47
CA MET D 224 -20.67 -8.84 2.07
CA MET D 224 -20.67 -8.84 2.07
C MET D 224 -21.56 -10.05 1.83
C MET D 224 -21.58 -10.02 1.83
N ALA D 225 -21.94 -10.78 2.87
CA ALA D 225 -22.80 -11.94 2.70
C ALA D 225 -23.43 -12.28 4.04
N LYS D 226 -24.51 -13.06 3.98
CA LYS D 226 -25.10 -13.59 5.20
C LYS D 226 -24.07 -14.47 5.91
N SER D 227 -24.02 -14.35 7.23
CA SER D 227 -23.07 -15.11 8.01
C SER D 227 -23.37 -16.60 7.92
N VAL D 228 -22.33 -17.41 8.07
CA VAL D 228 -22.47 -18.86 8.21
C VAL D 228 -22.31 -19.20 9.69
N LYS D 229 -23.13 -20.12 10.17
CA LYS D 229 -23.15 -20.50 11.57
C LYS D 229 -22.46 -21.85 11.77
N TYR D 230 -21.74 -21.98 12.88
CA TYR D 230 -21.17 -23.25 13.31
C TYR D 230 -21.48 -23.42 14.79
N THR D 231 -22.24 -24.46 15.11
CA THR D 231 -22.78 -24.65 16.45
C THR D 231 -22.00 -25.72 17.20
N VAL D 232 -21.69 -25.44 18.47
CA VAL D 232 -21.14 -26.41 19.39
C VAL D 232 -22.16 -26.62 20.50
N ASN D 233 -22.68 -27.84 20.61
CA ASN D 233 -23.66 -28.19 21.62
C ASN D 233 -22.92 -28.78 22.83
N PHE D 234 -22.75 -27.98 23.87
CA PHE D 234 -21.92 -28.38 25.00
C PHE D 234 -22.49 -29.57 25.76
N LEU D 235 -23.79 -29.84 25.64
CA LEU D 235 -24.34 -31.04 26.28
C LEU D 235 -23.89 -32.32 25.60
N GLU D 236 -23.59 -32.25 24.30
CA GLU D 236 -23.27 -33.43 23.51
C GLU D 236 -21.79 -33.57 23.18
N ALA D 237 -21.10 -32.45 22.93
CA ALA D 237 -19.74 -32.52 22.43
C ALA D 237 -18.79 -33.14 23.45
N LYS D 238 -17.76 -33.80 22.93
CA LYS D 238 -16.64 -34.27 23.72
C LYS D 238 -15.46 -33.34 23.51
N GLU D 239 -14.59 -33.24 24.51
CA GLU D 239 -13.45 -32.34 24.39
C GLU D 239 -12.59 -32.69 23.19
N GLY D 240 -12.56 -33.96 22.80
CA GLY D 240 -11.83 -34.35 21.60
C GLY D 240 -12.38 -33.73 20.34
N ASP D 241 -13.63 -33.27 20.36
CA ASP D 241 -14.22 -32.65 19.17
C ASP D 241 -13.62 -31.28 18.87
N LEU D 242 -12.91 -30.68 19.82
CA LEU D 242 -12.33 -29.35 19.63
C LEU D 242 -10.84 -29.39 19.32
N HIS D 243 -10.26 -30.58 19.15
CA HIS D 243 -8.86 -30.67 18.76
C HIS D 243 -8.65 -30.33 17.30
N ARG D 244 -9.65 -30.58 16.45
CA ARG D 244 -9.55 -30.32 15.03
C ARG D 244 -10.94 -29.90 14.56
N ILE D 245 -11.17 -28.59 14.46
CA ILE D 245 -12.46 -28.04 14.08
C ILE D 245 -12.41 -27.67 12.61
N GLU D 246 -13.34 -28.21 11.83
CA GLU D 246 -13.44 -27.93 10.40
C GLU D 246 -14.77 -27.24 10.14
N ILE D 247 -14.72 -26.00 9.65
CA ILE D 247 -15.92 -25.22 9.40
C ILE D 247 -16.04 -24.93 7.90
N PRO D 248 -16.74 -25.76 7.14
CA PRO D 248 -17.00 -25.41 5.73
C PRO D 248 -17.93 -24.22 5.63
N PHE D 249 -17.76 -23.44 4.57
CA PHE D 249 -18.59 -22.27 4.33
C PHE D 249 -18.85 -22.11 2.84
N LYS D 250 -20.04 -21.61 2.53
CA LYS D 250 -20.43 -21.29 1.15
C LYS D 250 -21.26 -20.02 1.23
N PHE D 251 -20.61 -18.87 1.03
CA PHE D 251 -21.28 -17.59 1.09
C PHE D 251 -21.86 -17.23 -0.26
N HIS D 252 -22.96 -16.48 -0.22
CA HIS D 252 -23.61 -15.96 -1.43
C HIS D 252 -23.44 -14.45 -1.39
N MET D 253 -22.53 -13.94 -2.20
CA MET D 253 -22.20 -12.51 -2.14
C MET D 253 -23.43 -11.67 -2.38
N LEU D 254 -23.66 -10.70 -1.49
CA LEU D 254 -24.74 -9.74 -1.65
C LEU D 254 -24.27 -8.41 -2.21
N HIS D 255 -22.96 -8.16 -2.19
CA HIS D 255 -22.38 -6.96 -2.78
C HIS D 255 -21.13 -7.35 -3.56
N SER D 256 -20.79 -6.51 -4.53
CA SER D 256 -19.58 -6.68 -5.32
C SER D 256 -18.45 -5.83 -4.73
N GLY D 257 -17.24 -6.35 -4.83
CA GLY D 257 -16.07 -5.64 -4.35
C GLY D 257 -14.99 -6.60 -3.90
N LEU D 258 -14.03 -6.05 -3.17
CA LEU D 258 -12.90 -6.83 -2.67
C LEU D 258 -13.24 -7.43 -1.31
N VAL D 259 -13.09 -8.75 -1.22
CA VAL D 259 -13.21 -9.45 0.06
C VAL D 259 -11.81 -9.49 0.68
N HIS D 260 -11.61 -8.70 1.74
CA HIS D 260 -10.32 -8.66 2.42
C HIS D 260 -10.16 -9.75 3.47
N GLY D 261 -11.23 -10.46 3.80
CA GLY D 261 -11.11 -11.56 4.75
C GLY D 261 -12.47 -11.97 5.28
N LEU D 262 -12.44 -12.68 6.40
CA LEU D 262 -13.64 -13.16 7.07
C LEU D 262 -13.70 -12.58 8.48
N ALA D 263 -14.86 -12.10 8.87
CA ALA D 263 -15.11 -11.65 10.22
C ALA D 263 -15.71 -12.79 11.04
N PHE D 264 -15.36 -12.82 12.33
CA PHE D 264 -15.82 -13.87 13.24
C PHE D 264 -16.46 -13.24 14.47
N TRP D 265 -17.52 -13.89 14.97
CA TRP D 265 -18.09 -13.56 16.26
C TRP D 265 -18.87 -14.78 16.74
N PHE D 266 -19.33 -14.73 17.99
CA PHE D 266 -19.99 -15.90 18.57
C PHE D 266 -21.16 -15.49 19.46
N ASP D 267 -22.12 -16.41 19.58
CA ASP D 267 -23.20 -16.32 20.54
C ASP D 267 -23.24 -17.60 21.35
N VAL D 268 -23.59 -17.47 22.62
CA VAL D 268 -23.88 -18.63 23.46
C VAL D 268 -25.31 -18.50 23.97
N ALA D 269 -25.95 -19.64 24.17
CA ALA D 269 -27.34 -19.69 24.61
C ALA D 269 -27.44 -20.41 25.94
N PHE D 270 -28.12 -19.79 26.90
CA PHE D 270 -28.44 -20.41 28.18
C PHE D 270 -29.86 -20.94 28.09
N ILE D 271 -29.99 -22.23 27.78
CA ILE D 271 -31.29 -22.84 27.52
C ILE D 271 -31.79 -23.40 28.85
N GLY D 272 -32.47 -22.56 29.61
CA GLY D 272 -33.01 -22.95 30.90
C GLY D 272 -34.45 -23.40 30.81
N SER D 273 -35.00 -23.76 31.97
CA SER D 273 -36.36 -24.28 32.05
C SER D 273 -37.43 -23.22 31.93
N ILE D 274 -37.08 -21.95 32.15
CA ILE D 274 -38.06 -20.86 32.12
C ILE D 274 -37.95 -20.12 30.81
N MET D 275 -36.74 -20.04 30.26
CA MET D 275 -36.52 -19.31 29.02
C MET D 275 -35.09 -19.53 28.55
N THR D 276 -34.87 -19.25 27.27
CA THR D 276 -33.53 -19.23 26.69
C THR D 276 -33.02 -17.80 26.69
N VAL D 277 -31.84 -17.60 27.25
CA VAL D 277 -31.18 -16.30 27.27
C VAL D 277 -29.94 -16.38 26.39
N TRP D 278 -29.79 -15.40 25.49
CA TRP D 278 -28.68 -15.36 24.56
C TRP D 278 -27.67 -14.30 24.98
N LEU D 279 -26.39 -14.65 24.92
CA LEU D 279 -25.29 -13.71 25.08
C LEU D 279 -24.56 -13.65 23.74
N SER D 280 -24.65 -12.50 23.08
CA SER D 280 -24.16 -12.33 21.71
C SER D 280 -23.01 -11.33 21.68
N THR D 281 -22.00 -11.64 20.87
CA THR D 281 -20.90 -10.72 20.60
C THR D 281 -20.90 -10.27 19.14
N ALA D 282 -22.08 -10.26 18.51
CA ALA D 282 -22.17 -9.89 17.11
C ALA D 282 -21.97 -8.38 16.94
N PRO D 283 -21.51 -7.94 15.76
CA PRO D 283 -21.36 -6.51 15.53
C PRO D 283 -22.69 -5.77 15.48
N THR D 284 -23.80 -6.48 15.31
CA THR D 284 -25.12 -5.87 15.40
C THR D 284 -25.57 -5.64 16.83
N GLU D 285 -24.80 -6.08 17.81
CA GLU D 285 -25.16 -5.99 19.22
C GLU D 285 -24.20 -5.05 19.95
N PRO D 286 -24.59 -4.56 21.13
CA PRO D 286 -23.69 -3.69 21.89
C PRO D 286 -22.35 -4.39 22.15
N LEU D 287 -21.30 -3.57 22.26
CA LEU D 287 -19.95 -4.11 22.29
C LEU D 287 -19.66 -4.80 23.63
N THR D 288 -18.93 -5.90 23.56
CA THR D 288 -18.46 -6.64 24.72
C THR D 288 -16.93 -6.67 24.70
N HIS D 289 -16.35 -7.16 25.81
CA HIS D 289 -14.91 -7.24 25.89
C HIS D 289 -14.31 -8.31 24.97
N TRP D 290 -15.14 -9.13 24.32
CA TRP D 290 -14.65 -10.03 23.29
C TRP D 290 -14.52 -9.34 21.93
N TYR D 291 -15.18 -8.21 21.73
CA TYR D 291 -15.12 -7.47 20.45
C TYR D 291 -15.59 -8.40 19.33
N GLN D 292 -14.96 -8.32 18.16
CA GLN D 292 -15.12 -9.28 17.08
C GLN D 292 -13.73 -9.59 16.54
N VAL D 293 -13.63 -10.64 15.74
CA VAL D 293 -12.34 -11.07 15.22
C VAL D 293 -12.41 -11.14 13.70
N ARG D 294 -11.40 -10.59 13.04
CA ARG D 294 -11.30 -10.61 11.59
C ARG D 294 -9.96 -11.20 11.18
N CYS D 295 -10.00 -12.08 10.19
CA CYS D 295 -8.81 -12.67 9.61
C CYS D 295 -8.56 -12.05 8.24
N LEU D 296 -7.35 -11.56 8.02
CA LEU D 296 -7.03 -10.86 6.78
C LEU D 296 -6.43 -11.80 5.75
N PHE D 297 -6.85 -11.64 4.50
CA PHE D 297 -6.15 -12.24 3.38
C PHE D 297 -4.95 -11.39 3.00
N GLN D 298 -3.84 -12.04 2.67
CA GLN D 298 -2.68 -11.30 2.19
C GLN D 298 -3.00 -10.58 0.88
N SER D 299 -3.83 -11.19 0.04
CA SER D 299 -4.32 -10.57 -1.17
C SER D 299 -5.84 -10.68 -1.19
N PRO D 300 -6.57 -9.57 -1.35
CA PRO D 300 -8.04 -9.68 -1.39
C PRO D 300 -8.53 -10.40 -2.63
N LEU D 301 -9.67 -11.05 -2.50
CA LEU D 301 -10.36 -11.66 -3.62
C LEU D 301 -11.44 -10.71 -4.14
N PHE D 302 -11.56 -10.64 -5.46
CA PHE D 302 -12.61 -9.84 -6.09
C PHE D 302 -13.82 -10.73 -6.35
N ALA D 303 -14.99 -10.25 -5.96
CA ALA D 303 -16.22 -11.02 -6.13
C ALA D 303 -17.33 -10.09 -6.62
N LYS D 304 -18.25 -10.67 -7.39
CA LYS D 304 -19.42 -9.98 -7.88
C LYS D 304 -20.64 -10.42 -7.07
N ALA D 305 -21.57 -9.48 -6.89
CA ALA D 305 -22.85 -9.81 -6.25
C ALA D 305 -23.48 -11.00 -6.95
N GLY D 306 -23.90 -11.99 -6.17
CA GLY D 306 -24.40 -13.23 -6.70
C GLY D 306 -23.36 -14.32 -6.86
N ASP D 307 -22.08 -14.00 -6.70
CA ASP D 307 -21.06 -15.03 -6.70
C ASP D 307 -21.09 -15.81 -5.40
N THR D 308 -20.50 -16.99 -5.42
CA THR D 308 -20.37 -17.83 -4.24
C THR D 308 -18.90 -17.90 -3.84
N LEU D 309 -18.63 -17.66 -2.56
CA LEU D 309 -17.30 -17.80 -1.99
C LEU D 309 -17.33 -19.04 -1.09
N SER D 310 -16.66 -20.10 -1.51
CA SER D 310 -16.65 -21.36 -0.80
C SER D 310 -15.24 -21.66 -0.30
N GLY D 311 -15.17 -22.39 0.81
CA GLY D 311 -13.89 -22.73 1.38
C GLY D 311 -14.07 -23.44 2.71
N THR D 312 -12.99 -23.44 3.50
CA THR D 312 -12.99 -24.16 4.76
C THR D 312 -12.13 -23.41 5.77
N CYS D 313 -12.64 -23.28 6.99
N CYS D 313 -12.63 -23.32 7.00
CA CYS D 313 -11.88 -22.79 8.14
CA CYS D 313 -11.86 -22.77 8.12
C CYS D 313 -11.49 -23.99 8.98
C CYS D 313 -11.49 -23.94 9.02
N LEU D 314 -10.20 -24.30 9.03
CA LEU D 314 -9.69 -25.44 9.78
C LEU D 314 -8.92 -24.93 11.00
N LEU D 315 -9.43 -25.23 12.19
CA LEU D 315 -8.84 -24.79 13.45
C LEU D 315 -8.19 -26.00 14.11
N ILE D 316 -6.87 -26.00 14.21
CA ILE D 316 -6.11 -27.08 14.80
C ILE D 316 -5.58 -26.60 16.14
N ALA D 317 -5.94 -27.32 17.21
CA ALA D 317 -5.54 -26.91 18.54
C ALA D 317 -4.05 -27.14 18.75
N ASN D 318 -3.40 -26.21 19.43
CA ASN D 318 -2.00 -26.31 19.79
C ASN D 318 -1.86 -26.35 21.31
N LYS D 319 -0.66 -26.69 21.77
CA LYS D 319 -0.42 -26.84 23.19
C LYS D 319 -0.11 -25.52 23.88
N ARG D 320 -0.21 -24.39 23.18
CA ARG D 320 -0.15 -23.07 23.79
C ARG D 320 -1.54 -22.55 24.15
N GLN D 321 -2.53 -23.44 24.27
CA GLN D 321 -3.87 -23.09 24.72
C GLN D 321 -4.58 -22.19 23.70
N SER D 322 -4.33 -22.44 22.42
CA SER D 322 -4.95 -21.65 21.38
C SER D 322 -5.10 -22.55 20.15
N TYR D 323 -5.31 -21.94 18.99
CA TYR D 323 -5.49 -22.66 17.74
C TYR D 323 -4.64 -22.03 16.66
N ASP D 324 -4.14 -22.87 15.76
CA ASP D 324 -3.58 -22.43 14.50
C ASP D 324 -4.68 -22.57 13.45
N ILE D 325 -5.05 -21.45 12.83
CA ILE D 325 -6.19 -21.38 11.93
C ILE D 325 -5.68 -21.37 10.50
N SER D 326 -6.26 -22.22 9.66
CA SER D 326 -6.03 -22.15 8.22
C SER D 326 -7.36 -21.83 7.54
N ILE D 327 -7.36 -20.79 6.72
CA ILE D 327 -8.54 -20.37 5.98
C ILE D 327 -8.21 -20.45 4.50
N VAL D 328 -8.91 -21.30 3.77
CA VAL D 328 -8.85 -21.36 2.32
C VAL D 328 -10.21 -20.94 1.78
N ALA D 329 -10.22 -20.02 0.83
CA ALA D 329 -11.46 -19.50 0.27
C ALA D 329 -11.25 -19.26 -1.23
N GLN D 330 -12.29 -19.52 -2.01
CA GLN D 330 -12.20 -19.32 -3.45
C GLN D 330 -13.52 -18.78 -4.00
N VAL D 331 -13.42 -17.88 -4.96
CA VAL D 331 -14.57 -17.43 -5.74
C VAL D 331 -14.83 -18.50 -6.80
N ASP D 332 -15.95 -19.21 -6.68
CA ASP D 332 -16.18 -20.39 -7.50
C ASP D 332 -16.26 -20.04 -8.99
N GLN D 333 -16.78 -18.86 -9.33
CA GLN D 333 -17.01 -18.53 -10.73
C GLN D 333 -15.69 -18.30 -11.46
N THR D 334 -14.72 -17.68 -10.79
CA THR D 334 -13.45 -17.32 -11.42
C THR D 334 -12.31 -18.23 -11.02
N GLY D 335 -12.48 -19.07 -9.99
CA GLY D 335 -11.38 -19.83 -9.47
C GLY D 335 -10.34 -19.01 -8.73
N SER D 336 -10.65 -17.75 -8.40
CA SER D 336 -9.74 -16.95 -7.59
C SER D 336 -9.72 -17.50 -6.18
N LYS D 337 -8.52 -17.78 -5.67
CA LYS D 337 -8.33 -18.61 -4.49
C LYS D 337 -7.38 -17.94 -3.51
N SER D 338 -7.72 -18.02 -2.23
CA SER D 338 -6.92 -17.42 -1.17
C SER D 338 -6.73 -18.43 -0.04
N SER D 339 -5.48 -18.58 0.40
CA SER D 339 -5.14 -19.48 1.50
C SER D 339 -4.39 -18.69 2.55
N ASN D 340 -4.77 -18.88 3.81
CA ASN D 340 -4.20 -18.08 4.89
C ASN D 340 -4.04 -18.94 6.14
N LEU D 341 -3.01 -18.59 6.93
CA LEU D 341 -2.75 -19.21 8.22
C LEU D 341 -2.76 -18.10 9.27
N LEU D 342 -3.37 -18.38 10.41
CA LEU D 342 -3.46 -17.39 11.49
C LEU D 342 -3.02 -18.00 12.81
N ASP D 343 -2.33 -17.20 13.61
CA ASP D 343 -1.86 -17.59 14.93
C ASP D 343 -2.78 -16.91 15.95
N LEU D 344 -3.82 -17.64 16.37
CA LEU D 344 -4.84 -17.07 17.24
C LEU D 344 -4.27 -16.61 18.58
N LYS D 345 -3.06 -17.03 18.93
CA LYS D 345 -2.44 -16.64 20.19
C LYS D 345 -1.73 -15.28 20.11
N ASN D 346 -1.55 -14.72 18.92
CA ASN D 346 -0.86 -13.45 18.74
C ASN D 346 -1.80 -12.44 18.08
N PRO D 347 -2.84 -12.01 18.79
CA PRO D 347 -3.80 -11.08 18.19
C PRO D 347 -3.29 -9.66 18.17
N PHE D 348 -3.88 -8.87 17.27
CA PHE D 348 -3.62 -7.44 17.17
C PHE D 348 -4.83 -6.71 17.73
N PHE D 349 -4.72 -6.25 18.98
CA PHE D 349 -5.77 -5.48 19.63
C PHE D 349 -5.78 -4.08 19.04
N ARG D 350 -6.68 -3.84 18.10
CA ARG D 350 -6.70 -2.59 17.34
C ARG D 350 -7.57 -1.52 17.98
N TYR D 351 -8.64 -1.91 18.67
CA TYR D 351 -9.54 -0.95 19.30
C TYR D 351 -8.80 -0.07 20.30
N ALA E 2 0.77 9.56 -24.25
CA ALA E 2 2.15 9.79 -24.80
C ALA E 2 2.23 11.17 -25.46
N ALA E 3 1.49 12.14 -24.88
CA ALA E 3 1.40 13.48 -25.46
C ALA E 3 2.55 14.35 -24.96
N PRO E 4 3.20 15.14 -25.83
CA PRO E 4 4.24 16.08 -25.39
C PRO E 4 3.73 17.14 -24.43
N ARG E 5 2.59 17.76 -24.74
CA ARG E 5 2.04 18.82 -23.88
C ARG E 5 0.80 18.36 -23.04
N PRO E 6 0.83 18.56 -21.71
CA PRO E 6 -0.30 18.16 -20.87
C PRO E 6 -1.60 18.90 -21.19
N PRO E 7 -2.72 18.18 -21.30
CA PRO E 7 -4.02 18.86 -21.41
C PRO E 7 -4.22 19.85 -20.26
N PHE E 8 -4.66 21.05 -20.59
CA PHE E 8 -4.82 22.12 -19.61
C PHE E 8 -6.30 22.46 -19.44
N SER E 9 -6.65 22.83 -18.21
CA SER E 9 -8.03 23.13 -17.86
C SER E 9 -8.95 21.97 -18.19
N ALA F 2 -2.73 8.26 -29.58
CA ALA F 2 -4.01 7.66 -29.11
C ALA F 2 -3.82 6.22 -28.66
N ALA F 3 -4.52 5.84 -27.61
CA ALA F 3 -4.37 4.50 -27.04
C ALA F 3 -5.26 3.51 -27.80
N PRO F 4 -4.70 2.40 -28.30
CA PRO F 4 -5.54 1.38 -28.95
C PRO F 4 -6.69 0.92 -28.06
N ARG F 5 -6.43 0.73 -26.77
CA ARG F 5 -7.50 0.38 -25.81
C ARG F 5 -7.80 1.58 -24.86
N PRO F 6 -9.07 2.01 -24.77
CA PRO F 6 -9.38 3.15 -23.90
C PRO F 6 -9.14 2.85 -22.41
N PRO F 7 -8.74 3.87 -21.64
CA PRO F 7 -8.67 3.67 -20.19
C PRO F 7 -10.04 3.31 -19.62
N PHE F 8 -10.05 2.36 -18.69
CA PHE F 8 -11.30 1.85 -18.15
C PHE F 8 -11.23 1.83 -16.63
N SER F 9 -12.26 2.37 -15.99
CA SER F 9 -12.34 2.44 -14.53
C SER F 9 -11.08 3.07 -13.93
N ALA G 2 3.24 -8.91 29.99
CA ALA G 2 3.94 -7.62 29.69
C ALA G 2 5.10 -7.84 28.73
N ALA G 3 5.43 -6.80 27.98
CA ALA G 3 6.47 -6.90 26.95
C ALA G 3 7.76 -6.24 27.42
N PRO G 4 8.93 -6.87 27.19
CA PRO G 4 10.21 -6.27 27.59
C PRO G 4 10.41 -4.85 27.06
N ARG G 5 10.19 -4.66 25.76
CA ARG G 5 10.30 -3.32 25.16
C ARG G 5 8.90 -2.71 24.87
N PRO G 6 8.52 -1.61 25.57
CA PRO G 6 7.18 -1.05 25.38
C PRO G 6 6.86 -0.70 23.93
N PRO G 7 5.60 -0.80 23.53
CA PRO G 7 5.22 -0.37 22.18
C PRO G 7 5.49 1.13 21.99
N PHE G 8 6.08 1.47 20.85
CA PHE G 8 6.52 2.83 20.59
C PHE G 8 6.12 3.26 19.18
N SER G 9 6.03 4.57 19.00
CA SER G 9 5.75 5.17 17.71
C SER G 9 6.44 6.53 17.59
N PRO H 1 3.18 -12.37 22.41
CA PRO H 1 2.74 -12.83 23.72
C PRO H 1 1.70 -11.90 24.33
N ALA H 2 0.43 -12.14 24.01
CA ALA H 2 -0.65 -11.23 24.33
C ALA H 2 -1.46 -11.75 25.51
N ALA H 3 -2.57 -11.05 25.79
CA ALA H 3 -3.48 -11.34 26.88
C ALA H 3 -4.64 -12.21 26.38
N PRO H 4 -5.11 -13.17 27.18
CA PRO H 4 -6.29 -13.97 26.79
C PRO H 4 -7.53 -13.13 26.57
N ARG H 5 -7.87 -12.28 27.53
CA ARG H 5 -9.06 -11.41 27.42
C ARG H 5 -8.68 -9.94 27.02
N PRO H 6 -9.24 -9.42 25.91
CA PRO H 6 -8.90 -8.06 25.49
C PRO H 6 -9.28 -6.99 26.51
N PRO H 7 -8.45 -5.96 26.67
CA PRO H 7 -8.85 -4.81 27.49
C PRO H 7 -10.17 -4.23 27.01
N PHE H 8 -10.92 -3.64 27.93
CA PHE H 8 -12.26 -3.14 27.61
C PHE H 8 -12.57 -1.91 28.45
N SER H 9 -13.09 -0.88 27.78
CA SER H 9 -13.52 0.37 28.43
C SER H 9 -12.53 0.83 29.50
#